data_2LW5
#
_entry.id   2LW5
#
_entity_poly.entity_id   1
_entity_poly.type   'polypeptide(L)'
_entity_poly.pdbx_seq_one_letter_code
;GMKFIKYLSTAHLNYMNIAVYENGSKIKARVENVVNGKSVGARDFDSTEQLESWFYGLPGSGLGRIENAMNEISRRENP
;
_entity_poly.pdbx_strand_id   A
#
# COMPACT_ATOMS: atom_id res chain seq x y z
N MET A 2 10.29 12.60 -5.46
CA MET A 2 10.82 11.33 -4.99
C MET A 2 9.70 10.36 -4.65
N LYS A 3 8.84 10.76 -3.71
CA LYS A 3 7.71 9.93 -3.29
C LYS A 3 6.56 10.03 -4.29
N PHE A 4 6.60 9.19 -5.31
CA PHE A 4 5.56 9.17 -6.33
C PHE A 4 5.32 7.76 -6.86
N ILE A 5 4.24 7.13 -6.41
CA ILE A 5 3.90 5.78 -6.83
C ILE A 5 2.43 5.68 -7.23
N LYS A 6 2.12 4.73 -8.10
CA LYS A 6 0.76 4.52 -8.56
C LYS A 6 -0.09 3.87 -7.48
N TYR A 7 -1.40 3.81 -7.71
CA TYR A 7 -2.31 3.21 -6.74
C TYR A 7 -2.25 1.69 -6.81
N LEU A 8 -2.73 1.04 -5.74
CA LEU A 8 -2.73 -0.42 -5.68
C LEU A 8 -4.15 -0.95 -5.59
N SER A 9 -4.88 -0.88 -6.70
CA SER A 9 -6.26 -1.36 -6.75
C SER A 9 -6.61 -1.82 -8.15
N THR A 10 -7.73 -2.54 -8.26
CA THR A 10 -8.20 -3.04 -9.55
C THR A 10 -9.44 -2.30 -10.02
N ALA A 11 -10.57 -2.60 -9.41
CA ALA A 11 -11.83 -1.96 -9.76
C ALA A 11 -12.01 -0.65 -9.00
N HIS A 12 -13.22 -0.08 -9.08
CA HIS A 12 -13.52 1.18 -8.40
C HIS A 12 -14.85 1.09 -7.67
N LEU A 13 -14.80 0.99 -6.34
CA LEU A 13 -15.99 0.90 -5.53
C LEU A 13 -15.83 1.66 -4.22
N ASN A 14 -16.62 2.70 -4.03
CA ASN A 14 -16.56 3.51 -2.82
C ASN A 14 -15.21 4.20 -2.69
N TYR A 15 -14.56 4.44 -3.83
CA TYR A 15 -13.27 5.09 -3.86
C TYR A 15 -12.21 4.24 -3.17
N MET A 16 -11.99 3.04 -3.69
CA MET A 16 -11.01 2.12 -3.12
C MET A 16 -9.68 2.23 -3.87
N ASN A 17 -8.66 2.70 -3.18
CA ASN A 17 -7.33 2.85 -3.77
C ASN A 17 -6.27 2.99 -2.70
N ILE A 18 -5.04 2.57 -3.03
CA ILE A 18 -3.93 2.66 -2.09
C ILE A 18 -2.75 3.40 -2.70
N ALA A 19 -2.47 4.60 -2.19
CA ALA A 19 -1.37 5.41 -2.70
C ALA A 19 -0.07 5.05 -1.98
N VAL A 20 0.95 4.68 -2.77
CA VAL A 20 2.24 4.32 -2.22
C VAL A 20 3.27 5.44 -2.42
N TYR A 21 4.37 5.35 -1.70
CA TYR A 21 5.42 6.36 -1.80
C TYR A 21 6.80 5.73 -1.55
N GLU A 22 7.74 6.04 -2.44
CA GLU A 22 9.10 5.51 -2.32
C GLU A 22 10.10 6.63 -2.06
N ASN A 23 11.19 6.30 -1.39
CA ASN A 23 12.23 7.27 -1.08
C ASN A 23 13.36 7.21 -2.09
N GLY A 24 13.97 8.36 -2.38
CA GLY A 24 15.05 8.41 -3.33
C GLY A 24 16.25 7.59 -2.89
N SER A 25 16.39 7.41 -1.58
CA SER A 25 17.51 6.64 -1.03
C SER A 25 17.21 5.14 -1.08
N LYS A 26 16.24 4.72 -0.27
CA LYS A 26 15.85 3.31 -0.22
C LYS A 26 14.40 3.13 -0.62
N ILE A 27 13.92 1.89 -0.55
CA ILE A 27 12.54 1.59 -0.91
C ILE A 27 11.59 1.82 0.27
N LYS A 28 10.43 2.40 -0.01
CA LYS A 28 9.44 2.68 1.02
C LYS A 28 8.04 2.29 0.55
N ALA A 29 7.26 1.72 1.46
CA ALA A 29 5.90 1.31 1.14
C ALA A 29 4.91 1.84 2.17
N ARG A 30 4.16 2.88 1.79
CA ARG A 30 3.17 3.48 2.68
C ARG A 30 1.77 3.34 2.12
N VAL A 31 0.97 2.46 2.71
CA VAL A 31 -0.40 2.23 2.26
C VAL A 31 -1.32 3.34 2.75
N GLU A 32 -1.73 4.21 1.82
CA GLU A 32 -2.62 5.31 2.14
C GLU A 32 -4.00 5.11 1.52
N ASN A 33 -5.02 5.05 2.36
CA ASN A 33 -6.39 4.87 1.89
C ASN A 33 -7.06 6.22 1.63
N VAL A 34 -8.18 6.18 0.90
CA VAL A 34 -8.92 7.40 0.59
C VAL A 34 -10.35 7.32 1.12
N VAL A 35 -10.88 6.11 1.20
CA VAL A 35 -12.23 5.90 1.69
C VAL A 35 -12.44 6.58 3.04
N ASN A 36 -11.58 6.23 3.99
CA ASN A 36 -11.66 6.80 5.33
C ASN A 36 -11.11 8.23 5.35
N GLY A 37 -10.28 8.55 4.36
CA GLY A 37 -9.70 9.88 4.29
C GLY A 37 -8.52 10.04 5.22
N LYS A 38 -8.05 8.94 5.78
CA LYS A 38 -6.92 8.97 6.71
C LYS A 38 -5.95 7.83 6.42
N SER A 39 -4.77 8.17 5.90
CA SER A 39 -3.75 7.18 5.58
C SER A 39 -3.49 6.26 6.77
N VAL A 40 -3.66 4.96 6.55
CA VAL A 40 -3.44 3.98 7.61
C VAL A 40 -2.50 2.88 7.14
N GLY A 41 -1.25 3.24 6.87
CA GLY A 41 -0.27 2.27 6.41
C GLY A 41 1.14 2.82 6.46
N ALA A 42 2.05 2.06 7.08
CA ALA A 42 3.44 2.47 7.19
C ALA A 42 4.36 1.26 7.25
N ARG A 43 5.32 1.20 6.33
CA ARG A 43 6.27 0.09 6.29
C ARG A 43 7.58 0.52 5.65
N ASP A 44 8.66 -0.17 6.00
CA ASP A 44 9.98 0.14 5.46
C ASP A 44 10.55 -1.05 4.70
N PHE A 45 10.80 -0.87 3.41
CA PHE A 45 11.35 -1.92 2.58
C PHE A 45 12.80 -1.64 2.22
N ASP A 46 13.40 -2.54 1.45
CA ASP A 46 14.80 -2.39 1.04
C ASP A 46 14.93 -2.48 -0.48
N SER A 47 14.40 -3.56 -1.05
CA SER A 47 14.45 -3.77 -2.49
C SER A 47 13.06 -3.65 -3.11
N THR A 48 13.01 -3.09 -4.32
CA THR A 48 11.76 -2.91 -5.02
C THR A 48 11.13 -4.25 -5.40
N GLU A 49 11.98 -5.25 -5.60
CA GLU A 49 11.52 -6.59 -5.96
C GLU A 49 10.46 -7.08 -4.98
N GLN A 50 10.79 -7.07 -3.70
CA GLN A 50 9.87 -7.51 -2.65
C GLN A 50 8.68 -6.56 -2.54
N LEU A 51 8.91 -5.31 -2.91
CA LEU A 51 7.86 -4.29 -2.84
C LEU A 51 6.62 -4.73 -3.61
N GLU A 52 6.81 -5.03 -4.90
CA GLU A 52 5.70 -5.46 -5.74
C GLU A 52 5.20 -6.84 -5.32
N SER A 53 6.15 -7.73 -5.02
CA SER A 53 5.81 -9.09 -4.60
C SER A 53 4.82 -9.08 -3.44
N TRP A 54 4.95 -8.09 -2.57
CA TRP A 54 4.07 -7.96 -1.41
C TRP A 54 2.62 -7.79 -1.86
N PHE A 55 2.38 -6.80 -2.72
CA PHE A 55 1.04 -6.53 -3.21
C PHE A 55 0.65 -7.52 -4.31
N TYR A 56 1.62 -8.35 -4.71
CA TYR A 56 1.38 -9.35 -5.74
C TYR A 56 1.51 -10.76 -5.18
N GLY A 57 0.38 -11.35 -4.81
CA GLY A 57 0.40 -12.70 -4.25
C GLY A 57 -0.60 -12.87 -3.13
N LEU A 58 -0.98 -11.76 -2.50
CA LEU A 58 -1.92 -11.80 -1.39
C LEU A 58 -3.18 -12.59 -1.77
N PRO A 59 -3.88 -13.11 -0.75
CA PRO A 59 -5.10 -13.89 -0.96
C PRO A 59 -6.26 -13.03 -1.44
N GLY A 60 -6.06 -11.71 -1.43
CA GLY A 60 -7.10 -10.81 -1.88
C GLY A 60 -7.05 -10.53 -3.37
N SER A 61 -8.07 -9.86 -3.89
CA SER A 61 -8.14 -9.55 -5.30
C SER A 61 -8.62 -8.12 -5.52
N GLY A 62 -7.78 -7.31 -6.17
CA GLY A 62 -8.15 -5.93 -6.43
C GLY A 62 -8.59 -5.20 -5.18
N LEU A 63 -9.83 -4.72 -5.19
CA LEU A 63 -10.39 -3.99 -4.05
C LEU A 63 -10.25 -4.81 -2.77
N GLY A 64 -10.27 -6.13 -2.91
CA GLY A 64 -10.14 -7.00 -1.75
C GLY A 64 -8.75 -6.95 -1.15
N ARG A 65 -7.75 -6.67 -1.98
CA ARG A 65 -6.36 -6.59 -1.52
C ARG A 65 -6.14 -5.34 -0.69
N ILE A 66 -7.12 -4.45 -0.68
CA ILE A 66 -7.04 -3.20 0.07
C ILE A 66 -7.29 -3.44 1.55
N GLU A 67 -8.14 -4.41 1.86
CA GLU A 67 -8.47 -4.74 3.24
C GLU A 67 -7.42 -5.67 3.85
N ASN A 68 -6.73 -6.42 2.98
CA ASN A 68 -5.71 -7.36 3.43
C ASN A 68 -4.36 -6.66 3.54
N ALA A 69 -3.93 -6.03 2.45
CA ALA A 69 -2.65 -5.33 2.42
C ALA A 69 -2.60 -4.24 3.50
N MET A 70 -3.55 -3.32 3.45
CA MET A 70 -3.62 -2.23 4.41
C MET A 70 -3.58 -2.77 5.84
N ASN A 71 -4.39 -3.79 6.10
CA ASN A 71 -4.46 -4.40 7.42
C ASN A 71 -3.09 -4.94 7.84
N GLU A 72 -2.26 -5.26 6.85
CA GLU A 72 -0.93 -5.79 7.12
C GLU A 72 0.07 -4.66 7.31
N ILE A 73 0.12 -3.73 6.36
CA ILE A 73 1.03 -2.61 6.43
C ILE A 73 0.70 -1.70 7.60
N SER A 74 -0.55 -1.75 8.05
CA SER A 74 -1.00 -0.94 9.17
C SER A 74 -0.79 -1.66 10.50
N ARG A 75 -0.18 -2.84 10.42
CA ARG A 75 0.08 -3.65 11.62
C ARG A 75 0.86 -2.84 12.66
N ARG A 76 1.82 -2.06 12.19
CA ARG A 76 2.63 -1.23 13.08
C ARG A 76 1.98 0.13 13.32
N GLU A 77 2.24 0.69 14.49
CA GLU A 77 1.67 1.99 14.85
C GLU A 77 1.94 3.03 13.75
N ASN A 78 1.26 4.16 13.84
CA ASN A 78 1.41 5.23 12.85
C ASN A 78 2.00 6.47 13.51
N PRO A 79 2.58 7.36 12.67
CA PRO A 79 3.18 8.61 13.14
C PRO A 79 2.15 9.60 13.65
N MET A 2 12.23 11.49 -6.36
CA MET A 2 10.83 11.80 -6.06
C MET A 2 10.13 10.61 -5.42
N LYS A 3 9.02 10.86 -4.76
CA LYS A 3 8.25 9.81 -4.11
C LYS A 3 6.81 9.79 -4.60
N PHE A 4 6.56 9.06 -5.68
CA PHE A 4 5.23 8.97 -6.25
C PHE A 4 4.98 7.59 -6.86
N ILE A 5 3.90 6.94 -6.46
CA ILE A 5 3.56 5.62 -6.97
C ILE A 5 2.08 5.52 -7.30
N LYS A 6 1.74 4.63 -8.22
CA LYS A 6 0.36 4.43 -8.62
C LYS A 6 -0.44 3.71 -7.54
N TYR A 7 -1.75 3.67 -7.70
CA TYR A 7 -2.61 3.01 -6.73
C TYR A 7 -2.52 1.49 -6.85
N LEU A 8 -2.76 0.80 -5.74
CA LEU A 8 -2.70 -0.66 -5.72
C LEU A 8 -4.09 -1.26 -5.58
N SER A 9 -5.00 -0.86 -6.48
CA SER A 9 -6.37 -1.35 -6.45
C SER A 9 -7.20 -0.68 -7.53
N THR A 10 -8.48 -1.06 -7.60
CA THR A 10 -9.39 -0.50 -8.59
C THR A 10 -10.30 0.56 -7.97
N ALA A 11 -10.52 1.64 -8.71
CA ALA A 11 -11.37 2.73 -8.23
C ALA A 11 -12.76 2.65 -8.86
N HIS A 12 -13.56 1.69 -8.41
CA HIS A 12 -14.90 1.51 -8.93
C HIS A 12 -15.93 1.61 -7.81
N LEU A 13 -15.55 1.18 -6.62
CA LEU A 13 -16.43 1.22 -5.46
C LEU A 13 -15.82 2.05 -4.33
N ASN A 14 -16.42 3.20 -4.06
CA ASN A 14 -15.94 4.08 -3.00
C ASN A 14 -14.52 4.57 -3.30
N TYR A 15 -14.15 4.53 -4.57
CA TYR A 15 -12.82 4.96 -5.00
C TYR A 15 -11.74 4.29 -4.17
N MET A 16 -11.97 3.02 -3.82
CA MET A 16 -11.00 2.27 -3.03
C MET A 16 -9.68 2.13 -3.77
N ASN A 17 -8.61 2.58 -3.13
CA ASN A 17 -7.27 2.51 -3.72
C ASN A 17 -6.19 2.68 -2.67
N ILE A 18 -4.98 2.25 -2.99
CA ILE A 18 -3.86 2.36 -2.06
C ILE A 18 -2.70 3.14 -2.69
N ALA A 19 -2.45 4.34 -2.17
CA ALA A 19 -1.38 5.18 -2.68
C ALA A 19 -0.05 4.83 -2.02
N VAL A 20 0.96 4.58 -2.85
CA VAL A 20 2.29 4.23 -2.35
C VAL A 20 3.31 5.32 -2.67
N TYR A 21 4.46 5.27 -2.00
CA TYR A 21 5.51 6.25 -2.23
C TYR A 21 6.89 5.62 -2.04
N GLU A 22 7.78 5.86 -2.99
CA GLU A 22 9.14 5.33 -2.93
C GLU A 22 10.14 6.43 -2.58
N ASN A 23 11.24 6.02 -1.95
CA ASN A 23 12.28 6.97 -1.56
C ASN A 23 13.51 6.82 -2.45
N GLY A 24 14.22 7.93 -2.66
CA GLY A 24 15.41 7.89 -3.49
C GLY A 24 16.49 7.00 -2.93
N SER A 25 16.83 7.22 -1.65
CA SER A 25 17.86 6.43 -0.99
C SER A 25 17.52 4.95 -1.04
N LYS A 26 16.56 4.53 -0.21
CA LYS A 26 16.14 3.14 -0.16
C LYS A 26 14.68 3.00 -0.58
N ILE A 27 14.17 1.78 -0.50
CA ILE A 27 12.78 1.50 -0.88
C ILE A 27 11.83 1.79 0.27
N LYS A 28 10.68 2.37 -0.03
CA LYS A 28 9.68 2.68 0.98
C LYS A 28 8.28 2.31 0.50
N ALA A 29 7.48 1.76 1.41
CA ALA A 29 6.12 1.36 1.07
C ALA A 29 5.13 1.87 2.12
N ARG A 30 4.38 2.92 1.76
CA ARG A 30 3.40 3.50 2.65
C ARG A 30 1.99 3.37 2.09
N VAL A 31 1.20 2.49 2.68
CA VAL A 31 -0.17 2.26 2.23
C VAL A 31 -1.10 3.38 2.71
N GLU A 32 -1.49 4.26 1.79
CA GLU A 32 -2.37 5.37 2.12
C GLU A 32 -3.70 5.25 1.37
N ASN A 33 -4.79 5.09 2.12
CA ASN A 33 -6.11 4.97 1.53
C ASN A 33 -6.68 6.34 1.16
N VAL A 34 -7.74 6.35 0.37
CA VAL A 34 -8.36 7.58 -0.06
C VAL A 34 -9.82 7.64 0.38
N VAL A 35 -10.46 6.48 0.47
CA VAL A 35 -11.85 6.39 0.88
C VAL A 35 -12.08 7.15 2.17
N ASN A 36 -11.35 6.78 3.22
CA ASN A 36 -11.47 7.43 4.52
C ASN A 36 -10.90 8.84 4.48
N GLY A 37 -10.01 9.09 3.53
CA GLY A 37 -9.41 10.40 3.40
C GLY A 37 -8.12 10.53 4.19
N LYS A 38 -7.75 9.46 4.91
CA LYS A 38 -6.53 9.46 5.70
C LYS A 38 -5.57 8.39 5.21
N SER A 39 -4.47 8.21 5.95
CA SER A 39 -3.46 7.22 5.57
C SER A 39 -3.18 6.27 6.74
N VAL A 40 -3.51 5.00 6.56
CA VAL A 40 -3.28 4.00 7.60
C VAL A 40 -2.33 2.91 7.12
N GLY A 41 -1.09 3.29 6.85
CA GLY A 41 -0.10 2.33 6.38
C GLY A 41 1.31 2.89 6.43
N ALA A 42 2.21 2.12 7.04
CA ALA A 42 3.61 2.54 7.15
C ALA A 42 4.54 1.34 7.19
N ARG A 43 5.42 1.24 6.19
CA ARG A 43 6.37 0.13 6.12
C ARG A 43 7.63 0.56 5.36
N ASP A 44 8.74 -0.12 5.65
CA ASP A 44 10.01 0.17 5.00
C ASP A 44 10.60 -1.07 4.35
N PHE A 45 10.92 -0.97 3.06
CA PHE A 45 11.49 -2.09 2.33
C PHE A 45 12.94 -1.83 1.96
N ASP A 46 13.56 -2.78 1.28
CA ASP A 46 14.95 -2.65 0.87
C ASP A 46 15.07 -2.65 -0.65
N SER A 47 14.56 -3.69 -1.28
CA SER A 47 14.60 -3.81 -2.73
C SER A 47 13.20 -3.71 -3.34
N THR A 48 13.10 -3.03 -4.47
CA THR A 48 11.83 -2.86 -5.15
C THR A 48 11.25 -4.20 -5.60
N GLU A 49 12.14 -5.15 -5.88
CA GLU A 49 11.72 -6.48 -6.32
C GLU A 49 10.70 -7.07 -5.36
N GLN A 50 11.07 -7.13 -4.08
CA GLN A 50 10.19 -7.67 -3.06
C GLN A 50 8.98 -6.75 -2.82
N LEU A 51 9.18 -5.47 -3.11
CA LEU A 51 8.12 -4.48 -2.91
C LEU A 51 6.85 -4.90 -3.64
N GLU A 52 6.98 -5.18 -4.94
CA GLU A 52 5.85 -5.59 -5.75
C GLU A 52 5.39 -7.00 -5.38
N SER A 53 6.35 -7.86 -5.08
CA SER A 53 6.05 -9.23 -4.71
C SER A 53 5.15 -9.29 -3.49
N TRP A 54 5.20 -8.23 -2.68
CA TRP A 54 4.38 -8.15 -1.47
C TRP A 54 2.90 -7.96 -1.83
N PHE A 55 2.63 -6.97 -2.66
CA PHE A 55 1.26 -6.68 -3.07
C PHE A 55 0.74 -7.76 -4.03
N TYR A 56 1.64 -8.64 -4.46
CA TYR A 56 1.28 -9.71 -5.38
C TYR A 56 1.19 -11.05 -4.65
N GLY A 57 1.83 -11.12 -3.49
CA GLY A 57 1.81 -12.35 -2.71
C GLY A 57 0.54 -12.50 -1.89
N LEU A 58 -0.33 -11.49 -1.96
CA LEU A 58 -1.58 -11.52 -1.21
C LEU A 58 -2.64 -12.32 -1.97
N PRO A 59 -3.52 -13.00 -1.21
CA PRO A 59 -4.60 -13.80 -1.79
C PRO A 59 -5.68 -12.94 -2.44
N GLY A 60 -6.14 -11.93 -1.73
CA GLY A 60 -7.17 -11.05 -2.26
C GLY A 60 -6.81 -10.51 -3.63
N SER A 61 -7.77 -9.85 -4.28
CA SER A 61 -7.56 -9.29 -5.60
C SER A 61 -8.24 -7.94 -5.74
N GLY A 62 -7.50 -6.94 -6.23
CA GLY A 62 -8.06 -5.61 -6.39
C GLY A 62 -8.47 -4.98 -5.07
N LEU A 63 -9.70 -4.51 -5.01
CA LEU A 63 -10.22 -3.87 -3.80
C LEU A 63 -10.12 -4.82 -2.61
N GLY A 64 -10.06 -6.12 -2.90
CA GLY A 64 -9.96 -7.11 -1.83
C GLY A 64 -8.67 -7.00 -1.06
N ARG A 65 -7.59 -6.64 -1.75
CA ARG A 65 -6.29 -6.52 -1.12
C ARG A 65 -6.23 -5.25 -0.28
N ILE A 66 -7.26 -4.43 -0.36
CA ILE A 66 -7.32 -3.18 0.39
C ILE A 66 -7.34 -3.45 1.89
N GLU A 67 -8.08 -4.49 2.29
CA GLU A 67 -8.20 -4.86 3.69
C GLU A 67 -7.10 -5.84 4.09
N ASN A 68 -6.47 -6.44 3.08
CA ASN A 68 -5.40 -7.42 3.32
C ASN A 68 -4.05 -6.72 3.45
N ALA A 69 -3.68 -5.98 2.41
CA ALA A 69 -2.41 -5.27 2.41
C ALA A 69 -2.38 -4.21 3.50
N MET A 70 -3.35 -3.31 3.49
CA MET A 70 -3.44 -2.25 4.49
C MET A 70 -3.34 -2.82 5.90
N ASN A 71 -4.13 -3.85 6.18
CA ASN A 71 -4.13 -4.47 7.49
C ASN A 71 -2.74 -5.02 7.83
N GLU A 72 -1.94 -5.26 6.81
CA GLU A 72 -0.59 -5.78 7.00
C GLU A 72 0.40 -4.64 7.22
N ILE A 73 0.40 -3.68 6.30
CA ILE A 73 1.30 -2.54 6.40
C ILE A 73 0.93 -1.64 7.59
N SER A 74 -0.29 -1.80 8.08
CA SER A 74 -0.77 -1.01 9.20
C SER A 74 -0.65 -1.80 10.51
N ARG A 75 -0.07 -2.98 10.41
CA ARG A 75 0.11 -3.84 11.59
C ARG A 75 0.77 -3.07 12.73
N ARG A 76 1.96 -2.55 12.46
CA ARG A 76 2.71 -1.80 13.46
C ARG A 76 2.34 -0.32 13.41
N GLU A 77 1.34 0.07 14.19
CA GLU A 77 0.89 1.47 14.24
C GLU A 77 1.59 2.22 15.36
N ASN A 78 1.64 3.55 15.23
CA ASN A 78 2.28 4.39 16.23
C ASN A 78 1.63 5.77 16.26
N PRO A 79 0.38 5.83 16.72
CA PRO A 79 -0.37 7.09 16.82
C PRO A 79 0.17 8.01 17.91
N MET A 2 12.56 11.36 -4.46
CA MET A 2 11.15 11.70 -4.68
C MET A 2 10.24 10.60 -4.18
N LYS A 3 9.05 10.98 -3.72
CA LYS A 3 8.08 10.03 -3.21
C LYS A 3 6.78 10.10 -4.01
N PHE A 4 6.75 9.40 -5.14
CA PHE A 4 5.56 9.38 -5.99
C PHE A 4 5.36 8.00 -6.62
N ILE A 5 4.27 7.34 -6.23
CA ILE A 5 3.97 6.02 -6.75
C ILE A 5 2.49 5.91 -7.14
N LYS A 6 2.20 4.99 -8.05
CA LYS A 6 0.84 4.78 -8.52
C LYS A 6 -0.01 4.09 -7.44
N TYR A 7 -1.32 4.08 -7.65
CA TYR A 7 -2.24 3.46 -6.70
C TYR A 7 -2.18 1.94 -6.81
N LEU A 8 -2.58 1.26 -5.74
CA LEU A 8 -2.58 -0.20 -5.72
C LEU A 8 -4.01 -0.74 -5.71
N SER A 9 -4.74 -0.48 -6.79
CA SER A 9 -6.13 -0.94 -6.90
C SER A 9 -6.43 -1.42 -8.31
N THR A 10 -7.52 -2.17 -8.46
CA THR A 10 -7.93 -2.68 -9.77
C THR A 10 -9.05 -1.84 -10.36
N ALA A 11 -10.26 -2.02 -9.83
CA ALA A 11 -11.42 -1.29 -10.31
C ALA A 11 -11.87 -0.25 -9.29
N HIS A 12 -13.05 0.33 -9.51
CA HIS A 12 -13.58 1.34 -8.61
C HIS A 12 -14.72 0.76 -7.76
N LEU A 13 -14.45 0.59 -6.47
CA LEU A 13 -15.43 0.04 -5.54
C LEU A 13 -15.33 0.73 -4.18
N ASN A 14 -16.38 1.45 -3.80
CA ASN A 14 -16.41 2.14 -2.52
C ASN A 14 -15.17 3.01 -2.34
N TYR A 15 -14.72 3.64 -3.42
CA TYR A 15 -13.55 4.49 -3.38
C TYR A 15 -12.36 3.75 -2.77
N MET A 16 -11.85 2.77 -3.48
CA MET A 16 -10.71 1.98 -3.02
C MET A 16 -9.44 2.34 -3.78
N ASN A 17 -8.46 2.87 -3.07
CA ASN A 17 -7.19 3.26 -3.68
C ASN A 17 -6.09 3.37 -2.64
N ILE A 18 -4.95 2.75 -2.93
CA ILE A 18 -3.82 2.78 -2.01
C ILE A 18 -2.63 3.52 -2.62
N ALA A 19 -2.34 4.70 -2.09
CA ALA A 19 -1.22 5.50 -2.58
C ALA A 19 0.08 5.11 -1.92
N VAL A 20 1.09 4.77 -2.72
CA VAL A 20 2.39 4.36 -2.21
C VAL A 20 3.42 5.48 -2.41
N TYR A 21 4.55 5.36 -1.71
CA TYR A 21 5.61 6.34 -1.82
C TYR A 21 6.98 5.70 -1.58
N GLU A 22 7.92 5.99 -2.47
CA GLU A 22 9.27 5.44 -2.36
C GLU A 22 10.28 6.53 -2.00
N ASN A 23 11.35 6.13 -1.33
CA ASN A 23 12.39 7.08 -0.93
C ASN A 23 13.58 7.02 -1.88
N GLY A 24 14.24 8.16 -2.05
CA GLY A 24 15.40 8.22 -2.94
C GLY A 24 16.55 7.39 -2.44
N SER A 25 16.60 7.15 -1.13
CA SER A 25 17.66 6.37 -0.52
C SER A 25 17.35 4.88 -0.58
N LYS A 26 16.33 4.47 0.18
CA LYS A 26 15.92 3.07 0.22
C LYS A 26 14.47 2.92 -0.23
N ILE A 27 13.97 1.69 -0.18
CA ILE A 27 12.59 1.40 -0.57
C ILE A 27 11.63 1.65 0.57
N LYS A 28 10.48 2.27 0.26
CA LYS A 28 9.47 2.56 1.27
C LYS A 28 8.08 2.21 0.76
N ALA A 29 7.25 1.64 1.63
CA ALA A 29 5.89 1.28 1.27
C ALA A 29 4.89 1.77 2.30
N ARG A 30 4.16 2.84 1.95
CA ARG A 30 3.17 3.41 2.86
C ARG A 30 1.77 3.32 2.25
N VAL A 31 0.94 2.47 2.82
CA VAL A 31 -0.42 2.29 2.33
C VAL A 31 -1.32 3.44 2.79
N GLU A 32 -1.90 4.16 1.84
CA GLU A 32 -2.77 5.28 2.15
C GLU A 32 -4.11 5.14 1.43
N ASN A 33 -5.19 5.00 2.20
CA ASN A 33 -6.52 4.86 1.63
C ASN A 33 -7.14 6.23 1.36
N VAL A 34 -8.37 6.23 0.85
CA VAL A 34 -9.09 7.46 0.55
C VAL A 34 -10.51 7.43 1.11
N VAL A 35 -11.15 6.27 1.01
CA VAL A 35 -12.51 6.10 1.50
C VAL A 35 -12.63 6.59 2.94
N ASN A 36 -11.54 6.47 3.70
CA ASN A 36 -11.52 6.90 5.09
C ASN A 36 -11.00 8.33 5.23
N GLY A 37 -10.24 8.77 4.22
CA GLY A 37 -9.69 10.11 4.25
C GLY A 37 -8.47 10.22 5.14
N LYS A 38 -8.08 9.12 5.77
CA LYS A 38 -6.93 9.09 6.65
C LYS A 38 -6.04 7.90 6.36
N SER A 39 -4.87 8.17 5.79
CA SER A 39 -3.91 7.11 5.45
C SER A 39 -3.65 6.22 6.65
N VAL A 40 -3.99 4.94 6.51
CA VAL A 40 -3.78 3.98 7.59
C VAL A 40 -2.81 2.87 7.17
N GLY A 41 -1.56 3.26 6.92
CA GLY A 41 -0.56 2.29 6.52
C GLY A 41 0.85 2.85 6.60
N ALA A 42 1.74 2.10 7.24
CA ALA A 42 3.13 2.52 7.39
C ALA A 42 4.06 1.32 7.48
N ARG A 43 5.01 1.24 6.56
CA ARG A 43 5.97 0.14 6.54
C ARG A 43 7.28 0.57 5.89
N ASP A 44 8.34 -0.17 6.16
CA ASP A 44 9.65 0.14 5.61
C ASP A 44 10.25 -1.09 4.92
N PHE A 45 10.41 -1.00 3.60
CA PHE A 45 10.96 -2.10 2.82
C PHE A 45 12.44 -1.86 2.51
N ASP A 46 13.05 -2.79 1.79
CA ASP A 46 14.45 -2.68 1.43
C ASP A 46 14.63 -2.73 -0.08
N SER A 47 14.06 -3.76 -0.71
CA SER A 47 14.16 -3.92 -2.16
C SER A 47 12.79 -3.77 -2.81
N THR A 48 12.78 -3.21 -4.02
CA THR A 48 11.54 -3.00 -4.75
C THR A 48 10.91 -4.33 -5.16
N GLU A 49 11.76 -5.34 -5.36
CA GLU A 49 11.29 -6.67 -5.75
C GLU A 49 10.20 -7.16 -4.80
N GLN A 50 10.53 -7.24 -3.52
CA GLN A 50 9.59 -7.70 -2.51
C GLN A 50 8.38 -6.77 -2.42
N LEU A 51 8.60 -5.49 -2.74
CA LEU A 51 7.54 -4.50 -2.69
C LEU A 51 6.35 -4.95 -3.53
N GLU A 52 6.58 -5.15 -4.82
CA GLU A 52 5.53 -5.59 -5.74
C GLU A 52 5.05 -7.00 -5.39
N SER A 53 5.99 -7.82 -4.92
CA SER A 53 5.67 -9.19 -4.56
C SER A 53 4.72 -9.24 -3.37
N TRP A 54 4.73 -8.18 -2.57
CA TRP A 54 3.88 -8.09 -1.38
C TRP A 54 2.43 -7.85 -1.78
N PHE A 55 2.21 -6.82 -2.59
CA PHE A 55 0.87 -6.47 -3.05
C PHE A 55 0.38 -7.46 -4.10
N TYR A 56 1.28 -8.36 -4.53
CA TYR A 56 0.93 -9.36 -5.53
C TYR A 56 0.79 -10.73 -4.90
N GLY A 57 1.41 -10.92 -3.73
CA GLY A 57 1.33 -12.19 -3.05
C GLY A 57 0.05 -12.35 -2.25
N LEU A 58 -0.54 -11.22 -1.87
CA LEU A 58 -1.78 -11.24 -1.10
C LEU A 58 -2.83 -12.11 -1.76
N PRO A 59 -3.79 -12.60 -0.96
CA PRO A 59 -4.87 -13.46 -1.46
C PRO A 59 -5.86 -12.70 -2.34
N GLY A 60 -6.30 -11.54 -1.85
CA GLY A 60 -7.25 -10.74 -2.60
C GLY A 60 -6.72 -10.36 -3.97
N SER A 61 -7.64 -10.13 -4.91
CA SER A 61 -7.26 -9.77 -6.27
C SER A 61 -8.38 -8.99 -6.95
N GLY A 62 -8.35 -7.66 -6.80
CA GLY A 62 -9.37 -6.82 -7.40
C GLY A 62 -10.27 -6.17 -6.37
N LEU A 63 -9.82 -5.04 -5.82
CA LEU A 63 -10.60 -4.33 -4.83
C LEU A 63 -10.89 -5.20 -3.61
N GLY A 64 -10.09 -6.26 -3.45
CA GLY A 64 -10.27 -7.16 -2.33
C GLY A 64 -9.10 -7.14 -1.37
N ARG A 65 -7.88 -7.11 -1.92
CA ARG A 65 -6.68 -7.09 -1.10
C ARG A 65 -6.50 -5.73 -0.44
N ILE A 66 -7.21 -4.73 -0.96
CA ILE A 66 -7.12 -3.37 -0.42
C ILE A 66 -7.30 -3.38 1.11
N GLU A 67 -8.08 -4.33 1.60
CA GLU A 67 -8.33 -4.45 3.04
C GLU A 67 -7.26 -5.30 3.70
N ASN A 68 -6.76 -6.30 2.96
CA ASN A 68 -5.74 -7.19 3.49
C ASN A 68 -4.39 -6.47 3.61
N ALA A 69 -3.91 -5.93 2.50
CA ALA A 69 -2.65 -5.22 2.48
C ALA A 69 -2.67 -4.03 3.44
N MET A 70 -3.72 -3.21 3.34
CA MET A 70 -3.86 -2.04 4.20
C MET A 70 -3.81 -2.44 5.67
N ASN A 71 -4.67 -3.36 6.06
CA ASN A 71 -4.73 -3.83 7.44
C ASN A 71 -3.42 -4.49 7.84
N GLU A 72 -2.62 -4.86 6.84
CA GLU A 72 -1.33 -5.50 7.10
C GLU A 72 -0.24 -4.47 7.31
N ILE A 73 -0.26 -3.42 6.48
CA ILE A 73 0.75 -2.36 6.58
C ILE A 73 0.41 -1.39 7.70
N SER A 74 -0.88 -1.33 8.06
CA SER A 74 -1.34 -0.43 9.12
C SER A 74 -0.86 -0.93 10.48
N ARG A 75 -0.52 -2.21 10.55
CA ARG A 75 -0.05 -2.80 11.80
C ARG A 75 1.09 -1.98 12.40
N ARG A 76 2.21 -1.91 11.67
CA ARG A 76 3.37 -1.16 12.13
C ARG A 76 3.13 0.34 12.00
N GLU A 77 2.44 0.91 12.99
CA GLU A 77 2.15 2.33 12.99
C GLU A 77 3.13 3.10 13.89
N ASN A 78 3.57 4.26 13.44
CA ASN A 78 4.49 5.08 14.21
C ASN A 78 3.85 5.56 15.50
N PRO A 79 4.69 5.97 16.47
CA PRO A 79 4.23 6.46 17.77
C PRO A 79 3.53 7.81 17.67
N MET A 2 9.67 13.59 -5.40
CA MET A 2 10.65 12.59 -4.96
C MET A 2 9.94 11.38 -4.36
N LYS A 3 8.64 11.53 -4.09
CA LYS A 3 7.86 10.45 -3.51
C LYS A 3 6.46 10.40 -4.14
N PHE A 4 6.34 9.64 -5.22
CA PHE A 4 5.06 9.51 -5.91
C PHE A 4 4.91 8.11 -6.51
N ILE A 5 3.81 7.44 -6.16
CA ILE A 5 3.55 6.10 -6.66
C ILE A 5 2.10 5.95 -7.08
N LYS A 6 1.85 5.01 -7.98
CA LYS A 6 0.49 4.76 -8.48
C LYS A 6 -0.36 4.06 -7.41
N TYR A 7 -1.64 3.93 -7.68
CA TYR A 7 -2.56 3.29 -6.75
C TYR A 7 -2.37 1.77 -6.75
N LEU A 8 -2.82 1.13 -5.69
CA LEU A 8 -2.70 -0.33 -5.57
C LEU A 8 -4.08 -0.98 -5.55
N SER A 9 -4.73 -1.01 -6.71
CA SER A 9 -6.05 -1.61 -6.82
C SER A 9 -6.18 -2.37 -8.15
N THR A 10 -7.22 -3.20 -8.24
CA THR A 10 -7.46 -3.99 -9.44
C THR A 10 -8.76 -3.56 -10.12
N ALA A 11 -9.81 -3.39 -9.33
CA ALA A 11 -11.11 -2.97 -9.85
C ALA A 11 -11.52 -1.62 -9.30
N HIS A 12 -12.73 -1.18 -9.66
CA HIS A 12 -13.25 0.10 -9.19
C HIS A 12 -14.55 -0.09 -8.43
N LEU A 13 -14.50 0.09 -7.11
CA LEU A 13 -15.69 -0.06 -6.27
C LEU A 13 -15.67 0.94 -5.13
N ASN A 14 -16.67 1.80 -5.08
CA ASN A 14 -16.77 2.81 -4.03
C ASN A 14 -15.47 3.60 -3.90
N TYR A 15 -14.77 3.75 -5.02
CA TYR A 15 -13.51 4.49 -5.04
C TYR A 15 -12.48 3.81 -4.14
N MET A 16 -12.14 2.58 -4.47
CA MET A 16 -11.15 1.82 -3.69
C MET A 16 -9.77 1.91 -4.33
N ASN A 17 -8.84 2.55 -3.63
CA ASN A 17 -7.47 2.71 -4.13
C ASN A 17 -6.51 2.98 -2.99
N ILE A 18 -5.25 2.59 -3.18
CA ILE A 18 -4.23 2.80 -2.17
C ILE A 18 -3.02 3.55 -2.74
N ALA A 19 -2.79 4.75 -2.24
CA ALA A 19 -1.67 5.56 -2.70
C ALA A 19 -0.39 5.22 -1.95
N VAL A 20 0.71 5.09 -2.69
CA VAL A 20 2.00 4.76 -2.09
C VAL A 20 3.03 5.84 -2.37
N TYR A 21 4.13 5.80 -1.63
CA TYR A 21 5.19 6.79 -1.79
C TYR A 21 6.56 6.17 -1.53
N GLU A 22 7.51 6.42 -2.43
CA GLU A 22 8.86 5.89 -2.28
C GLU A 22 9.86 6.99 -2.01
N ASN A 23 10.94 6.66 -1.32
CA ASN A 23 11.97 7.63 -0.98
C ASN A 23 13.13 7.57 -1.98
N GLY A 24 13.75 8.71 -2.23
CA GLY A 24 14.86 8.76 -3.15
C GLY A 24 16.05 7.94 -2.69
N SER A 25 16.26 7.91 -1.37
CA SER A 25 17.37 7.16 -0.79
C SER A 25 17.07 5.66 -0.78
N LYS A 26 16.11 5.26 0.05
CA LYS A 26 15.72 3.87 0.17
C LYS A 26 14.28 3.65 -0.28
N ILE A 27 13.80 2.43 -0.16
CA ILE A 27 12.43 2.10 -0.55
C ILE A 27 11.46 2.39 0.58
N LYS A 28 10.29 2.94 0.23
CA LYS A 28 9.28 3.27 1.21
C LYS A 28 7.90 2.86 0.72
N ALA A 29 7.09 2.30 1.63
CA ALA A 29 5.73 1.87 1.28
C ALA A 29 4.72 2.38 2.30
N ARG A 30 3.95 3.39 1.91
CA ARG A 30 2.94 3.97 2.79
C ARG A 30 1.55 3.80 2.19
N VAL A 31 0.75 2.94 2.80
CA VAL A 31 -0.61 2.70 2.33
C VAL A 31 -1.55 3.82 2.75
N GLU A 32 -2.18 4.44 1.77
CA GLU A 32 -3.11 5.54 2.03
C GLU A 32 -4.46 5.30 1.35
N ASN A 33 -5.53 5.30 2.13
CA ASN A 33 -6.87 5.07 1.61
C ASN A 33 -7.47 6.39 1.09
N VAL A 34 -8.59 6.27 0.38
CA VAL A 34 -9.26 7.44 -0.17
C VAL A 34 -10.71 7.49 0.28
N VAL A 35 -11.36 6.34 0.29
CA VAL A 35 -12.76 6.25 0.69
C VAL A 35 -12.98 6.93 2.05
N ASN A 36 -12.05 6.73 2.96
CA ASN A 36 -12.14 7.32 4.29
C ASN A 36 -11.54 8.73 4.30
N GLY A 37 -10.57 8.96 3.42
CA GLY A 37 -9.94 10.27 3.34
C GLY A 37 -8.70 10.37 4.21
N LYS A 38 -8.59 9.46 5.18
CA LYS A 38 -7.45 9.45 6.08
C LYS A 38 -6.51 8.29 5.75
N SER A 39 -5.21 8.58 5.74
CA SER A 39 -4.21 7.56 5.43
C SER A 39 -3.94 6.67 6.65
N VAL A 40 -4.19 5.37 6.49
CA VAL A 40 -3.98 4.43 7.57
C VAL A 40 -2.97 3.36 7.17
N GLY A 41 -1.74 3.78 6.91
CA GLY A 41 -0.70 2.85 6.51
C GLY A 41 0.68 3.47 6.56
N ALA A 42 1.61 2.79 7.23
CA ALA A 42 2.98 3.28 7.35
C ALA A 42 3.97 2.12 7.48
N ARG A 43 4.91 2.06 6.55
CA ARG A 43 5.92 1.00 6.56
C ARG A 43 7.20 1.46 5.88
N ASP A 44 8.32 0.82 6.22
CA ASP A 44 9.60 1.17 5.64
C ASP A 44 10.28 -0.06 5.03
N PHE A 45 10.31 -0.11 3.71
CA PHE A 45 10.93 -1.24 3.01
C PHE A 45 12.37 -0.94 2.65
N ASP A 46 13.04 -1.90 2.01
CA ASP A 46 14.43 -1.73 1.62
C ASP A 46 14.59 -1.95 0.11
N SER A 47 13.97 -3.01 -0.40
CA SER A 47 14.07 -3.33 -1.82
C SER A 47 12.70 -3.18 -2.49
N THR A 48 12.71 -2.72 -3.74
CA THR A 48 11.48 -2.54 -4.50
C THR A 48 10.82 -3.87 -4.83
N GLU A 49 11.66 -4.89 -5.05
CA GLU A 49 11.15 -6.22 -5.37
C GLU A 49 10.13 -6.69 -4.35
N GLN A 50 10.56 -6.76 -3.09
CA GLN A 50 9.67 -7.19 -2.01
C GLN A 50 8.48 -6.26 -1.89
N LEU A 51 8.65 -5.02 -2.32
CA LEU A 51 7.58 -4.03 -2.25
C LEU A 51 6.36 -4.47 -3.05
N GLU A 52 6.57 -4.71 -4.35
CA GLU A 52 5.49 -5.15 -5.22
C GLU A 52 5.02 -6.56 -4.85
N SER A 53 5.95 -7.38 -4.37
CA SER A 53 5.65 -8.74 -3.99
C SER A 53 4.65 -8.77 -2.83
N TRP A 54 4.76 -7.80 -1.93
CA TRP A 54 3.87 -7.70 -0.79
C TRP A 54 2.43 -7.51 -1.24
N PHE A 55 2.19 -6.50 -2.06
CA PHE A 55 0.85 -6.22 -2.55
C PHE A 55 0.45 -7.21 -3.64
N TYR A 56 1.40 -8.05 -4.05
CA TYR A 56 1.15 -9.05 -5.08
C TYR A 56 1.26 -10.46 -4.52
N GLY A 57 0.12 -11.02 -4.13
CA GLY A 57 0.09 -12.36 -3.58
C GLY A 57 -0.90 -12.51 -2.44
N LEU A 58 -1.30 -11.38 -1.87
CA LEU A 58 -2.26 -11.39 -0.77
C LEU A 58 -3.50 -12.21 -1.11
N PRO A 59 -4.20 -12.71 -0.09
CA PRO A 59 -5.40 -13.51 -0.26
C PRO A 59 -6.58 -12.68 -0.79
N GLY A 60 -6.41 -11.37 -0.81
CA GLY A 60 -7.46 -10.49 -1.29
C GLY A 60 -7.56 -10.49 -2.80
N SER A 61 -8.64 -9.91 -3.32
CA SER A 61 -8.86 -9.85 -4.76
C SER A 61 -10.05 -8.95 -5.09
N GLY A 62 -9.97 -8.25 -6.22
CA GLY A 62 -11.05 -7.38 -6.63
C GLY A 62 -11.45 -6.42 -5.54
N LEU A 63 -10.62 -5.41 -5.29
CA LEU A 63 -10.89 -4.42 -4.26
C LEU A 63 -11.05 -5.08 -2.89
N GLY A 64 -10.55 -6.30 -2.77
CA GLY A 64 -10.64 -7.01 -1.51
C GLY A 64 -9.37 -6.91 -0.68
N ARG A 65 -8.22 -7.02 -1.35
CA ARG A 65 -6.94 -6.94 -0.66
C ARG A 65 -6.66 -5.51 -0.19
N ILE A 66 -7.39 -4.56 -0.75
CA ILE A 66 -7.23 -3.16 -0.38
C ILE A 66 -7.26 -2.97 1.13
N GLU A 67 -8.07 -3.79 1.80
CA GLU A 67 -8.19 -3.73 3.25
C GLU A 67 -7.14 -4.61 3.92
N ASN A 68 -6.80 -5.71 3.26
CA ASN A 68 -5.81 -6.64 3.80
C ASN A 68 -4.42 -6.00 3.83
N ALA A 69 -3.96 -5.53 2.68
CA ALA A 69 -2.65 -4.89 2.57
C ALA A 69 -2.61 -3.59 3.37
N MET A 70 -3.78 -3.00 3.58
CA MET A 70 -3.88 -1.75 4.33
C MET A 70 -3.84 -2.01 5.84
N ASN A 71 -4.62 -2.98 6.30
CA ASN A 71 -4.67 -3.32 7.71
C ASN A 71 -3.34 -3.93 8.17
N GLU A 72 -2.53 -4.36 7.19
CA GLU A 72 -1.24 -4.96 7.50
C GLU A 72 -0.16 -3.89 7.64
N ILE A 73 -0.14 -2.95 6.70
CA ILE A 73 0.84 -1.88 6.72
C ILE A 73 0.53 -0.86 7.83
N SER A 74 -0.73 -0.81 8.23
CA SER A 74 -1.16 0.11 9.27
C SER A 74 -0.69 -0.37 10.65
N ARG A 75 -0.15 -1.58 10.68
CA ARG A 75 0.35 -2.16 11.93
C ARG A 75 1.81 -1.81 12.15
N ARG A 76 2.43 -2.46 13.14
CA ARG A 76 3.84 -2.22 13.45
C ARG A 76 4.74 -3.16 12.67
N GLU A 77 6.03 -2.86 12.64
CA GLU A 77 6.99 -3.68 11.92
C GLU A 77 7.79 -4.56 12.90
N ASN A 78 8.02 -5.80 12.51
CA ASN A 78 8.77 -6.74 13.34
C ASN A 78 9.83 -7.47 12.52
N PRO A 79 10.85 -6.74 12.07
CA PRO A 79 11.94 -7.30 11.28
C PRO A 79 12.84 -8.23 12.08
N MET A 2 12.07 13.13 -4.47
CA MET A 2 10.62 13.14 -4.56
C MET A 2 10.04 11.78 -4.20
N LYS A 3 8.91 11.79 -3.51
CA LYS A 3 8.25 10.55 -3.10
C LYS A 3 6.83 10.47 -3.67
N PHE A 4 6.69 9.74 -4.77
CA PHE A 4 5.38 9.58 -5.42
C PHE A 4 5.26 8.21 -6.06
N ILE A 5 4.13 7.56 -5.84
CA ILE A 5 3.89 6.24 -6.40
C ILE A 5 2.43 6.09 -6.86
N LYS A 6 2.20 5.17 -7.78
CA LYS A 6 0.86 4.92 -8.30
C LYS A 6 -0.01 4.23 -7.26
N TYR A 7 -1.31 4.18 -7.51
CA TYR A 7 -2.25 3.55 -6.60
C TYR A 7 -2.17 2.03 -6.70
N LEU A 8 -2.56 1.34 -5.63
CA LEU A 8 -2.53 -0.11 -5.60
C LEU A 8 -3.94 -0.68 -5.65
N SER A 9 -4.57 -0.58 -6.82
CA SER A 9 -5.93 -1.09 -7.00
C SER A 9 -6.13 -1.59 -8.43
N THR A 10 -7.11 -2.47 -8.62
CA THR A 10 -7.41 -3.01 -9.94
C THR A 10 -8.68 -2.39 -10.51
N ALA A 11 -9.83 -2.80 -9.99
CA ALA A 11 -11.11 -2.29 -10.45
C ALA A 11 -11.51 -1.03 -9.67
N HIS A 12 -12.77 -0.64 -9.79
CA HIS A 12 -13.27 0.54 -9.10
C HIS A 12 -14.58 0.24 -8.39
N LEU A 13 -14.51 0.08 -7.07
CA LEU A 13 -15.69 -0.21 -6.27
C LEU A 13 -15.61 0.50 -4.91
N ASN A 14 -16.69 1.18 -4.55
CA ASN A 14 -16.75 1.89 -3.27
C ASN A 14 -15.53 2.79 -3.10
N TYR A 15 -15.00 3.29 -4.22
CA TYR A 15 -13.83 4.16 -4.18
C TYR A 15 -12.71 3.54 -3.37
N MET A 16 -12.15 2.44 -3.88
CA MET A 16 -11.07 1.75 -3.20
C MET A 16 -9.74 2.00 -3.90
N ASN A 17 -8.84 2.70 -3.22
CA ASN A 17 -7.52 3.02 -3.78
C ASN A 17 -6.47 3.13 -2.68
N ILE A 18 -5.25 2.72 -2.98
CA ILE A 18 -4.16 2.78 -2.01
C ILE A 18 -2.96 3.53 -2.59
N ALA A 19 -2.69 4.71 -2.05
CA ALA A 19 -1.58 5.52 -2.51
C ALA A 19 -0.29 5.15 -1.78
N VAL A 20 0.80 5.03 -2.53
CA VAL A 20 2.10 4.68 -1.95
C VAL A 20 3.12 5.78 -2.18
N TYR A 21 4.23 5.71 -1.45
CA TYR A 21 5.29 6.71 -1.58
C TYR A 21 6.65 6.07 -1.33
N GLU A 22 7.60 6.35 -2.21
CA GLU A 22 8.95 5.82 -2.08
C GLU A 22 9.95 6.93 -1.79
N ASN A 23 11.03 6.58 -1.10
CA ASN A 23 12.07 7.56 -0.75
C ASN A 23 13.20 7.53 -1.77
N GLY A 24 13.83 8.68 -1.97
CA GLY A 24 14.93 8.77 -2.93
C GLY A 24 16.13 7.95 -2.51
N SER A 25 16.30 7.77 -1.21
CA SER A 25 17.42 7.01 -0.67
C SER A 25 17.12 5.52 -0.69
N LYS A 26 16.17 5.11 0.15
CA LYS A 26 15.77 3.70 0.24
C LYS A 26 14.33 3.52 -0.20
N ILE A 27 13.84 2.28 -0.10
CA ILE A 27 12.46 1.98 -0.49
C ILE A 27 11.50 2.24 0.67
N LYS A 28 10.34 2.80 0.33
CA LYS A 28 9.33 3.11 1.34
C LYS A 28 7.94 2.71 0.85
N ALA A 29 7.14 2.15 1.75
CA ALA A 29 5.79 1.72 1.41
C ALA A 29 4.78 2.21 2.44
N ARG A 30 4.02 3.24 2.07
CA ARG A 30 3.02 3.81 2.96
C ARG A 30 1.62 3.68 2.36
N VAL A 31 0.80 2.82 2.96
CA VAL A 31 -0.56 2.61 2.48
C VAL A 31 -1.48 3.76 2.91
N GLU A 32 -2.16 4.36 1.94
CA GLU A 32 -3.06 5.46 2.22
C GLU A 32 -4.39 5.27 1.48
N ASN A 33 -5.47 5.14 2.25
CA ASN A 33 -6.80 4.95 1.66
C ASN A 33 -7.38 6.28 1.21
N VAL A 34 -8.59 6.23 0.67
CA VAL A 34 -9.27 7.44 0.20
C VAL A 34 -10.73 7.45 0.63
N VAL A 35 -11.39 6.30 0.53
CA VAL A 35 -12.79 6.19 0.91
C VAL A 35 -13.01 6.65 2.35
N ASN A 36 -11.96 6.52 3.17
CA ASN A 36 -12.04 6.93 4.57
C ASN A 36 -11.53 8.35 4.75
N GLY A 37 -10.73 8.81 3.80
CA GLY A 37 -10.18 10.16 3.88
C GLY A 37 -9.09 10.29 4.93
N LYS A 38 -8.65 9.14 5.46
CA LYS A 38 -7.61 9.13 6.48
C LYS A 38 -6.59 8.04 6.21
N SER A 39 -5.39 8.44 5.82
CA SER A 39 -4.33 7.49 5.52
C SER A 39 -4.01 6.63 6.74
N VAL A 40 -4.30 5.33 6.63
CA VAL A 40 -4.05 4.39 7.72
C VAL A 40 -3.05 3.32 7.31
N GLY A 41 -1.82 3.74 7.05
CA GLY A 41 -0.79 2.80 6.65
C GLY A 41 0.61 3.41 6.71
N ALA A 42 1.53 2.71 7.37
CA ALA A 42 2.90 3.19 7.50
C ALA A 42 3.87 2.02 7.63
N ARG A 43 4.77 1.91 6.66
CA ARG A 43 5.77 0.84 6.67
C ARG A 43 7.03 1.25 5.92
N ASP A 44 8.12 0.55 6.18
CA ASP A 44 9.39 0.85 5.53
C ASP A 44 10.00 -0.41 4.91
N PHE A 45 10.19 -0.40 3.60
CA PHE A 45 10.76 -1.54 2.90
C PHE A 45 12.23 -1.30 2.57
N ASP A 46 12.86 -2.28 1.93
CA ASP A 46 14.27 -2.17 1.57
C ASP A 46 14.44 -2.21 0.05
N SER A 47 13.87 -3.23 -0.58
CA SER A 47 13.96 -3.37 -2.04
C SER A 47 12.59 -3.21 -2.68
N THR A 48 12.58 -2.72 -3.92
CA THR A 48 11.34 -2.52 -4.65
C THR A 48 10.70 -3.85 -5.05
N GLU A 49 11.55 -4.84 -5.30
CA GLU A 49 11.07 -6.17 -5.70
C GLU A 49 10.08 -6.71 -4.67
N GLN A 50 10.53 -6.85 -3.43
CA GLN A 50 9.69 -7.35 -2.36
C GLN A 50 8.44 -6.49 -2.19
N LEU A 51 8.55 -5.23 -2.58
CA LEU A 51 7.42 -4.30 -2.48
C LEU A 51 6.25 -4.76 -3.35
N GLU A 52 6.51 -4.89 -4.65
CA GLU A 52 5.49 -5.32 -5.59
C GLU A 52 5.01 -6.74 -5.26
N SER A 53 5.89 -7.53 -4.67
CA SER A 53 5.57 -8.90 -4.31
C SER A 53 4.62 -8.94 -3.12
N TRP A 54 4.65 -7.88 -2.31
CA TRP A 54 3.79 -7.80 -1.13
C TRP A 54 2.35 -7.54 -1.52
N PHE A 55 2.14 -6.51 -2.35
CA PHE A 55 0.80 -6.17 -2.80
C PHE A 55 0.28 -7.18 -3.81
N TYR A 56 1.15 -8.09 -4.23
CA TYR A 56 0.79 -9.11 -5.21
C TYR A 56 0.61 -10.47 -4.53
N GLY A 57 1.30 -10.66 -3.42
CA GLY A 57 1.20 -11.91 -2.69
C GLY A 57 0.15 -11.86 -1.60
N LEU A 58 -0.97 -11.20 -1.88
CA LEU A 58 -2.05 -11.08 -0.91
C LEU A 58 -3.24 -11.94 -1.31
N PRO A 59 -4.07 -12.32 -0.32
CA PRO A 59 -5.25 -13.16 -0.54
C PRO A 59 -6.34 -12.41 -1.30
N GLY A 60 -6.65 -11.19 -0.84
CA GLY A 60 -7.68 -10.40 -1.49
C GLY A 60 -7.47 -10.27 -2.99
N SER A 61 -8.56 -10.21 -3.73
CA SER A 61 -8.49 -10.10 -5.19
C SER A 61 -9.10 -8.79 -5.67
N GLY A 62 -8.28 -7.93 -6.25
CA GLY A 62 -8.77 -6.66 -6.74
C GLY A 62 -8.90 -5.62 -5.64
N LEU A 63 -10.09 -5.03 -5.52
CA LEU A 63 -10.35 -4.02 -4.50
C LEU A 63 -10.50 -4.66 -3.13
N GLY A 64 -10.53 -5.99 -3.11
CA GLY A 64 -10.68 -6.71 -1.85
C GLY A 64 -9.41 -6.66 -1.01
N ARG A 65 -8.27 -6.87 -1.65
CA ARG A 65 -6.99 -6.85 -0.97
C ARG A 65 -6.70 -5.47 -0.38
N ILE A 66 -7.38 -4.46 -0.92
CA ILE A 66 -7.19 -3.09 -0.46
C ILE A 66 -7.28 -3.01 1.06
N GLU A 67 -8.08 -3.88 1.66
CA GLU A 67 -8.24 -3.91 3.11
C GLU A 67 -7.18 -4.78 3.77
N ASN A 68 -6.79 -5.84 3.07
CA ASN A 68 -5.79 -6.77 3.57
C ASN A 68 -4.43 -6.09 3.68
N ALA A 69 -3.96 -5.53 2.57
CA ALA A 69 -2.67 -4.84 2.54
C ALA A 69 -2.67 -3.64 3.47
N MET A 70 -3.74 -2.85 3.41
CA MET A 70 -3.87 -1.66 4.24
C MET A 70 -3.85 -2.03 5.72
N ASN A 71 -4.76 -2.91 6.11
CA ASN A 71 -4.86 -3.34 7.50
C ASN A 71 -3.54 -3.97 7.96
N GLU A 72 -2.75 -4.44 7.00
CA GLU A 72 -1.47 -5.06 7.32
C GLU A 72 -0.39 -4.00 7.54
N ILE A 73 -0.30 -3.05 6.62
CA ILE A 73 0.68 -1.98 6.72
C ILE A 73 0.33 -1.00 7.83
N SER A 74 -0.96 -0.95 8.18
CA SER A 74 -1.43 -0.06 9.22
C SER A 74 -0.98 -0.54 10.60
N ARG A 75 -0.44 -1.76 10.64
CA ARG A 75 0.03 -2.34 11.89
C ARG A 75 1.48 -1.96 12.16
N ARG A 76 2.09 -2.61 13.15
CA ARG A 76 3.47 -2.34 13.50
C ARG A 76 4.39 -2.51 12.30
N GLU A 77 5.60 -1.97 12.41
CA GLU A 77 6.57 -2.06 11.32
C GLU A 77 7.76 -2.93 11.72
N ASN A 78 8.60 -3.26 10.75
CA ASN A 78 9.78 -4.10 11.00
C ASN A 78 10.60 -4.26 9.73
N PRO A 79 11.31 -3.19 9.34
CA PRO A 79 12.15 -3.19 8.14
C PRO A 79 13.39 -4.06 8.31
N MET A 2 9.19 13.70 -2.00
CA MET A 2 9.48 13.83 -3.42
C MET A 2 8.98 12.62 -4.21
N LYS A 3 9.53 11.46 -3.89
CA LYS A 3 9.13 10.22 -4.57
C LYS A 3 7.72 9.82 -4.17
N PHE A 4 6.95 9.32 -5.14
CA PHE A 4 5.58 8.89 -4.89
C PHE A 4 5.21 7.72 -5.79
N ILE A 5 4.21 6.95 -5.36
CA ILE A 5 3.76 5.79 -6.12
C ILE A 5 2.27 5.92 -6.47
N LYS A 6 1.86 5.22 -7.53
CA LYS A 6 0.47 5.25 -7.95
C LYS A 6 -0.41 4.46 -6.99
N TYR A 7 -1.71 4.43 -7.28
CA TYR A 7 -2.66 3.72 -6.43
C TYR A 7 -2.54 2.21 -6.63
N LEU A 8 -2.80 1.45 -5.56
CA LEU A 8 -2.72 -0.01 -5.63
C LEU A 8 -4.10 -0.63 -5.45
N SER A 9 -4.95 -0.47 -6.47
CA SER A 9 -6.30 -1.02 -6.42
C SER A 9 -7.01 -0.82 -7.76
N THR A 10 -8.17 -1.46 -7.91
CA THR A 10 -8.94 -1.36 -9.13
C THR A 10 -9.74 -0.05 -9.18
N ALA A 11 -10.15 0.42 -8.01
CA ALA A 11 -10.92 1.66 -7.91
C ALA A 11 -12.21 1.57 -8.73
N HIS A 12 -12.99 0.54 -8.47
CA HIS A 12 -14.26 0.33 -9.17
C HIS A 12 -15.45 0.53 -8.23
N LEU A 13 -15.20 0.35 -6.94
CA LEU A 13 -16.26 0.52 -5.94
C LEU A 13 -15.71 1.21 -4.69
N ASN A 14 -16.48 2.15 -4.16
CA ASN A 14 -16.08 2.89 -2.97
C ASN A 14 -14.75 3.60 -3.19
N TYR A 15 -14.41 3.84 -4.45
CA TYR A 15 -13.17 4.51 -4.80
C TYR A 15 -11.99 3.88 -4.07
N MET A 16 -11.97 2.55 -4.03
CA MET A 16 -10.90 1.82 -3.36
C MET A 16 -9.55 2.10 -4.02
N ASN A 17 -8.60 2.57 -3.23
CA ASN A 17 -7.27 2.89 -3.74
C ASN A 17 -6.26 3.01 -2.61
N ILE A 18 -5.01 2.66 -2.88
CA ILE A 18 -3.96 2.73 -1.88
C ILE A 18 -2.77 3.54 -2.38
N ALA A 19 -2.55 4.69 -1.77
CA ALA A 19 -1.45 5.57 -2.15
C ALA A 19 -0.17 5.18 -1.43
N VAL A 20 0.88 4.90 -2.21
CA VAL A 20 2.17 4.52 -1.64
C VAL A 20 3.28 5.46 -2.10
N TYR A 21 4.42 5.40 -1.42
CA TYR A 21 5.55 6.25 -1.76
C TYR A 21 6.87 5.54 -1.47
N GLU A 22 7.78 5.56 -2.44
CA GLU A 22 9.07 4.92 -2.29
C GLU A 22 10.10 5.89 -1.72
N ASN A 23 11.05 5.35 -0.95
CA ASN A 23 12.08 6.17 -0.33
C ASN A 23 13.29 6.31 -1.25
N GLY A 24 13.98 7.44 -1.14
CA GLY A 24 15.14 7.68 -1.98
C GLY A 24 16.17 6.56 -1.86
N SER A 25 17.07 6.68 -0.88
CA SER A 25 18.11 5.68 -0.68
C SER A 25 17.50 4.28 -0.58
N LYS A 26 16.90 3.99 0.56
CA LYS A 26 16.27 2.69 0.79
C LYS A 26 14.85 2.67 0.25
N ILE A 27 14.16 1.54 0.45
CA ILE A 27 12.79 1.39 -0.01
C ILE A 27 11.79 1.68 1.12
N LYS A 28 10.68 2.33 0.77
CA LYS A 28 9.66 2.65 1.74
C LYS A 28 8.26 2.35 1.19
N ALA A 29 7.40 1.81 2.05
CA ALA A 29 6.04 1.47 1.65
C ALA A 29 5.03 1.99 2.67
N ARG A 30 4.26 3.00 2.27
CA ARG A 30 3.26 3.59 3.15
C ARG A 30 1.86 3.46 2.54
N VAL A 31 1.07 2.53 3.07
CA VAL A 31 -0.28 2.31 2.58
C VAL A 31 -1.24 3.39 3.08
N GLU A 32 -1.89 4.06 2.15
CA GLU A 32 -2.83 5.13 2.51
C GLU A 32 -4.13 4.99 1.71
N ASN A 33 -5.25 4.96 2.42
CA ASN A 33 -6.55 4.83 1.77
C ASN A 33 -7.06 6.19 1.32
N VAL A 34 -8.16 6.18 0.55
CA VAL A 34 -8.74 7.41 0.04
C VAL A 34 -10.20 7.54 0.46
N VAL A 35 -10.94 6.43 0.37
CA VAL A 35 -12.35 6.42 0.75
C VAL A 35 -12.51 6.64 2.25
N ASN A 36 -11.55 6.15 3.03
CA ASN A 36 -11.60 6.29 4.47
C ASN A 36 -11.16 7.69 4.90
N GLY A 37 -10.45 8.37 4.01
CA GLY A 37 -9.98 9.72 4.32
C GLY A 37 -8.98 9.74 5.45
N LYS A 38 -8.46 8.57 5.80
CA LYS A 38 -7.49 8.45 6.88
C LYS A 38 -6.42 7.41 6.55
N SER A 39 -5.20 7.87 6.28
CA SER A 39 -4.11 6.97 5.95
C SER A 39 -3.80 6.03 7.12
N VAL A 40 -4.13 4.76 6.94
CA VAL A 40 -3.88 3.76 7.97
C VAL A 40 -2.91 2.68 7.49
N GLY A 41 -1.67 3.08 7.24
CA GLY A 41 -0.67 2.15 6.77
C GLY A 41 0.74 2.71 6.85
N ALA A 42 1.65 1.96 7.46
CA ALA A 42 3.02 2.40 7.60
C ALA A 42 3.97 1.20 7.67
N ARG A 43 4.94 1.16 6.75
CA ARG A 43 5.90 0.08 6.71
C ARG A 43 7.22 0.54 6.10
N ASP A 44 8.23 -0.32 6.14
CA ASP A 44 9.54 0.00 5.59
C ASP A 44 10.17 -1.22 4.93
N PHE A 45 10.41 -1.13 3.62
CA PHE A 45 11.00 -2.23 2.88
C PHE A 45 12.49 -1.97 2.62
N ASP A 46 13.14 -2.92 1.95
CA ASP A 46 14.56 -2.80 1.64
C ASP A 46 14.79 -2.79 0.13
N SER A 47 14.22 -3.77 -0.55
CA SER A 47 14.37 -3.89 -2.00
C SER A 47 13.03 -3.71 -2.70
N THR A 48 13.03 -2.96 -3.79
CA THR A 48 11.82 -2.71 -4.55
C THR A 48 11.26 -4.01 -5.13
N GLU A 49 12.14 -4.97 -5.39
CA GLU A 49 11.74 -6.25 -5.94
C GLU A 49 10.64 -6.90 -5.08
N GLN A 50 10.90 -7.00 -3.78
CA GLN A 50 9.95 -7.59 -2.86
C GLN A 50 8.75 -6.66 -2.64
N LEU A 51 8.96 -5.37 -2.85
CA LEU A 51 7.91 -4.38 -2.67
C LEU A 51 6.66 -4.76 -3.46
N GLU A 52 6.80 -4.84 -4.78
CA GLU A 52 5.68 -5.20 -5.65
C GLU A 52 5.19 -6.62 -5.33
N SER A 53 6.11 -7.47 -4.91
CA SER A 53 5.77 -8.85 -4.58
C SER A 53 4.78 -8.90 -3.42
N TRP A 54 4.93 -7.98 -2.48
CA TRP A 54 4.04 -7.92 -1.32
C TRP A 54 2.59 -7.69 -1.74
N PHE A 55 2.38 -6.64 -2.53
CA PHE A 55 1.04 -6.31 -3.00
C PHE A 55 0.61 -7.25 -4.13
N TYR A 56 1.55 -8.09 -4.57
CA TYR A 56 1.26 -9.04 -5.64
C TYR A 56 1.36 -10.47 -5.14
N GLY A 57 0.22 -11.04 -4.77
CA GLY A 57 0.19 -12.41 -4.28
C GLY A 57 -0.76 -12.58 -3.11
N LEU A 58 -1.15 -11.47 -2.50
CA LEU A 58 -2.06 -11.51 -1.36
C LEU A 58 -3.30 -12.34 -1.66
N PRO A 59 -3.95 -12.84 -0.61
CA PRO A 59 -5.16 -13.65 -0.75
C PRO A 59 -6.36 -12.84 -1.24
N GLY A 60 -6.20 -11.52 -1.29
CA GLY A 60 -7.27 -10.66 -1.75
C GLY A 60 -7.16 -10.32 -3.21
N SER A 61 -8.31 -10.14 -3.87
CA SER A 61 -8.33 -9.82 -5.30
C SER A 61 -9.51 -8.91 -5.62
N GLY A 62 -9.31 -8.03 -6.60
CA GLY A 62 -10.37 -7.11 -6.99
C GLY A 62 -10.95 -6.35 -5.81
N LEU A 63 -10.25 -5.31 -5.38
CA LEU A 63 -10.70 -4.50 -4.25
C LEU A 63 -10.89 -5.35 -3.01
N GLY A 64 -10.20 -6.49 -2.96
CA GLY A 64 -10.30 -7.38 -1.82
C GLY A 64 -9.06 -7.37 -0.96
N ARG A 65 -7.90 -7.26 -1.61
CA ARG A 65 -6.62 -7.23 -0.88
C ARG A 65 -6.42 -5.90 -0.17
N ILE A 66 -7.11 -4.87 -0.66
CA ILE A 66 -7.02 -3.54 -0.07
C ILE A 66 -7.23 -3.59 1.44
N GLU A 67 -7.98 -4.59 1.89
CA GLU A 67 -8.25 -4.75 3.32
C GLU A 67 -7.17 -5.58 4.00
N ASN A 68 -6.60 -6.52 3.25
CA ASN A 68 -5.54 -7.39 3.77
C ASN A 68 -4.21 -6.64 3.84
N ALA A 69 -3.77 -6.13 2.69
CA ALA A 69 -2.52 -5.40 2.62
C ALA A 69 -2.51 -4.22 3.58
N MET A 70 -3.57 -3.41 3.54
CA MET A 70 -3.69 -2.25 4.41
C MET A 70 -3.62 -2.66 5.87
N ASN A 71 -4.45 -3.63 6.25
CA ASN A 71 -4.48 -4.10 7.63
C ASN A 71 -3.15 -4.74 8.01
N GLU A 72 -2.36 -5.11 7.01
CA GLU A 72 -1.06 -5.72 7.24
C GLU A 72 0.02 -4.66 7.43
N ILE A 73 -0.07 -3.59 6.64
CA ILE A 73 0.91 -2.50 6.72
C ILE A 73 0.57 -1.54 7.85
N SER A 74 -0.71 -1.54 8.25
CA SER A 74 -1.16 -0.65 9.32
C SER A 74 -0.68 -1.15 10.68
N ARG A 75 -0.27 -2.42 10.73
CA ARG A 75 0.22 -3.02 11.96
C ARG A 75 1.32 -2.16 12.58
N ARG A 76 2.47 -2.13 11.93
CA ARG A 76 3.61 -1.35 12.43
C ARG A 76 3.45 0.12 12.06
N GLU A 77 2.60 0.83 12.80
CA GLU A 77 2.37 2.25 12.55
C GLU A 77 3.66 3.05 12.65
N ASN A 78 3.77 4.09 11.84
CA ASN A 78 4.97 4.93 11.84
C ASN A 78 4.60 6.38 11.55
N PRO A 79 3.94 7.03 12.51
CA PRO A 79 3.52 8.44 12.38
C PRO A 79 4.70 9.40 12.41
N MET A 2 8.70 14.30 -3.32
CA MET A 2 9.40 14.15 -4.59
C MET A 2 9.02 12.83 -5.26
N LYS A 3 9.30 11.73 -4.59
CA LYS A 3 8.99 10.40 -5.13
C LYS A 3 7.59 9.97 -4.71
N PHE A 4 6.85 9.40 -5.66
CA PHE A 4 5.49 8.94 -5.39
C PHE A 4 5.16 7.70 -6.22
N ILE A 5 4.20 6.92 -5.75
CA ILE A 5 3.79 5.71 -6.45
C ILE A 5 2.31 5.76 -6.83
N LYS A 6 1.94 4.97 -7.83
CA LYS A 6 0.55 4.93 -8.29
C LYS A 6 -0.34 4.23 -7.26
N TYR A 7 -1.64 4.19 -7.55
CA TYR A 7 -2.60 3.55 -6.66
C TYR A 7 -2.49 2.03 -6.73
N LEU A 8 -2.95 1.37 -5.68
CA LEU A 8 -2.90 -0.09 -5.62
C LEU A 8 -4.30 -0.68 -5.51
N SER A 9 -5.05 -0.60 -6.61
CA SER A 9 -6.41 -1.12 -6.64
C SER A 9 -6.60 -2.06 -7.83
N THR A 10 -7.86 -2.46 -8.07
CA THR A 10 -8.17 -3.36 -9.17
C THR A 10 -9.15 -2.70 -10.14
N ALA A 11 -10.39 -2.53 -9.71
CA ALA A 11 -11.42 -1.93 -10.54
C ALA A 11 -11.81 -0.55 -10.01
N HIS A 12 -11.05 -0.07 -9.02
CA HIS A 12 -11.32 1.24 -8.43
C HIS A 12 -12.76 1.34 -7.95
N LEU A 13 -13.38 0.19 -7.68
CA LEU A 13 -14.76 0.15 -7.22
C LEU A 13 -14.89 0.74 -5.82
N ASN A 14 -16.02 1.35 -5.54
CA ASN A 14 -16.27 1.96 -4.24
C ASN A 14 -15.16 2.94 -3.87
N TYR A 15 -14.48 3.45 -4.89
CA TYR A 15 -13.39 4.41 -4.68
C TYR A 15 -12.30 3.79 -3.81
N MET A 16 -11.93 2.55 -4.12
CA MET A 16 -10.89 1.86 -3.37
C MET A 16 -9.54 2.01 -4.04
N ASN A 17 -8.62 2.71 -3.37
CA ASN A 17 -7.29 2.93 -3.91
C ASN A 17 -6.28 3.19 -2.78
N ILE A 18 -5.02 2.84 -3.03
CA ILE A 18 -3.97 3.04 -2.04
C ILE A 18 -2.82 3.84 -2.62
N ALA A 19 -2.64 5.06 -2.13
CA ALA A 19 -1.57 5.92 -2.59
C ALA A 19 -0.27 5.65 -1.84
N VAL A 20 0.73 5.16 -2.57
CA VAL A 20 2.03 4.86 -1.98
C VAL A 20 3.10 5.82 -2.46
N TYR A 21 4.23 5.84 -1.76
CA TYR A 21 5.34 6.72 -2.11
C TYR A 21 6.67 6.10 -1.72
N GLU A 22 7.63 6.11 -2.66
CA GLU A 22 8.95 5.56 -2.41
C GLU A 22 9.88 6.61 -1.81
N ASN A 23 10.86 6.16 -1.04
CA ASN A 23 11.81 7.06 -0.42
C ASN A 23 13.02 7.28 -1.32
N GLY A 24 13.62 8.47 -1.22
CA GLY A 24 14.78 8.79 -2.03
C GLY A 24 15.92 7.84 -1.81
N SER A 25 16.39 7.21 -2.89
CA SER A 25 17.49 6.26 -2.80
C SER A 25 17.14 5.10 -1.88
N LYS A 26 15.84 4.89 -1.68
CA LYS A 26 15.37 3.80 -0.83
C LYS A 26 13.98 3.34 -1.27
N ILE A 27 13.42 2.38 -0.52
CA ILE A 27 12.10 1.86 -0.83
C ILE A 27 11.13 2.05 0.33
N LYS A 28 10.19 2.98 0.16
CA LYS A 28 9.20 3.26 1.20
C LYS A 28 7.80 2.90 0.73
N ALA A 29 7.01 2.33 1.63
CA ALA A 29 5.65 1.94 1.31
C ALA A 29 4.65 2.51 2.32
N ARG A 30 3.93 3.54 1.91
CA ARG A 30 2.95 4.19 2.77
C ARG A 30 1.55 4.04 2.20
N VAL A 31 0.74 3.16 2.80
CA VAL A 31 -0.62 2.94 2.36
C VAL A 31 -1.55 4.07 2.80
N GLU A 32 -2.14 4.76 1.84
CA GLU A 32 -3.04 5.87 2.12
C GLU A 32 -4.42 5.62 1.48
N ASN A 33 -5.43 5.51 2.34
CA ASN A 33 -6.79 5.27 1.86
C ASN A 33 -7.43 6.58 1.38
N VAL A 34 -8.54 6.46 0.66
CA VAL A 34 -9.25 7.62 0.15
C VAL A 34 -10.68 7.68 0.67
N VAL A 35 -11.37 6.54 0.60
CA VAL A 35 -12.75 6.46 1.07
C VAL A 35 -12.86 6.82 2.54
N ASN A 36 -11.85 6.43 3.31
CA ASN A 36 -11.83 6.72 4.74
C ASN A 36 -11.60 8.21 4.99
N GLY A 37 -10.97 8.88 4.04
CA GLY A 37 -10.70 10.29 4.17
C GLY A 37 -9.45 10.57 4.98
N LYS A 38 -8.81 9.51 5.47
CA LYS A 38 -7.60 9.65 6.27
C LYS A 38 -6.62 8.52 5.96
N SER A 39 -5.36 8.87 5.81
CA SER A 39 -4.31 7.88 5.51
C SER A 39 -4.02 7.01 6.73
N VAL A 40 -4.16 5.70 6.56
CA VAL A 40 -3.91 4.77 7.66
C VAL A 40 -2.93 3.68 7.22
N GLY A 41 -1.69 4.08 6.95
CA GLY A 41 -0.68 3.13 6.53
C GLY A 41 0.71 3.71 6.57
N ALA A 42 1.64 3.00 7.23
CA ALA A 42 3.02 3.46 7.34
C ALA A 42 3.98 2.28 7.46
N ARG A 43 4.96 2.22 6.58
CA ARG A 43 5.95 1.15 6.60
C ARG A 43 7.27 1.60 5.99
N ASP A 44 8.34 0.91 6.34
CA ASP A 44 9.67 1.24 5.83
C ASP A 44 10.31 0.04 5.16
N PHE A 45 10.26 0.02 3.83
CA PHE A 45 10.84 -1.08 3.06
C PHE A 45 12.31 -0.80 2.73
N ASP A 46 12.93 -1.74 2.02
CA ASP A 46 14.34 -1.59 1.64
C ASP A 46 14.54 -1.96 0.17
N SER A 47 13.88 -3.03 -0.26
CA SER A 47 14.00 -3.49 -1.64
C SER A 47 12.67 -3.37 -2.36
N THR A 48 12.73 -3.05 -3.65
CA THR A 48 11.52 -2.89 -4.47
C THR A 48 10.88 -4.25 -4.74
N GLU A 49 11.69 -5.28 -4.87
CA GLU A 49 11.20 -6.62 -5.13
C GLU A 49 10.11 -7.01 -4.13
N GLN A 50 10.41 -6.83 -2.84
CA GLN A 50 9.46 -7.17 -1.79
C GLN A 50 8.28 -6.20 -1.81
N LEU A 51 8.52 -4.98 -2.28
CA LEU A 51 7.47 -3.97 -2.35
C LEU A 51 6.25 -4.49 -3.10
N GLU A 52 6.45 -4.80 -4.38
CA GLU A 52 5.36 -5.31 -5.21
C GLU A 52 4.95 -6.71 -4.77
N SER A 53 5.94 -7.55 -4.46
CA SER A 53 5.67 -8.91 -4.02
C SER A 53 4.74 -8.93 -2.82
N TRP A 54 4.75 -7.85 -2.05
CA TRP A 54 3.91 -7.73 -0.86
C TRP A 54 2.46 -7.54 -1.25
N PHE A 55 2.19 -6.53 -2.08
CA PHE A 55 0.84 -6.23 -2.53
C PHE A 55 0.39 -7.23 -3.60
N TYR A 56 1.31 -8.08 -4.02
CA TYR A 56 1.00 -9.08 -5.04
C TYR A 56 0.86 -10.47 -4.42
N GLY A 57 1.47 -10.66 -3.24
CA GLY A 57 1.39 -11.93 -2.56
C GLY A 57 0.16 -12.04 -1.67
N LEU A 58 -0.43 -10.90 -1.33
CA LEU A 58 -1.61 -10.88 -0.49
C LEU A 58 -2.69 -11.81 -1.04
N PRO A 59 -3.61 -12.23 -0.16
CA PRO A 59 -4.72 -13.13 -0.54
C PRO A 59 -5.74 -12.43 -1.43
N GLY A 60 -6.18 -11.24 -1.01
CA GLY A 60 -7.15 -10.50 -1.78
C GLY A 60 -6.67 -10.18 -3.18
N SER A 61 -7.60 -9.82 -4.06
CA SER A 61 -7.25 -9.49 -5.44
C SER A 61 -8.04 -8.28 -5.92
N GLY A 62 -9.32 -8.48 -6.20
CA GLY A 62 -10.17 -7.39 -6.67
C GLY A 62 -10.74 -6.58 -5.53
N LEU A 63 -10.19 -5.39 -5.31
CA LEU A 63 -10.66 -4.52 -4.24
C LEU A 63 -10.58 -5.22 -2.89
N GLY A 64 -9.73 -6.24 -2.80
CA GLY A 64 -9.57 -6.98 -1.56
C GLY A 64 -8.29 -6.64 -0.84
N ARG A 65 -7.23 -6.40 -1.60
CA ARG A 65 -5.94 -6.07 -1.02
C ARG A 65 -5.97 -4.68 -0.38
N ILE A 66 -6.96 -3.88 -0.76
CA ILE A 66 -7.11 -2.54 -0.22
C ILE A 66 -7.30 -2.57 1.29
N GLU A 67 -8.10 -3.52 1.77
CA GLU A 67 -8.35 -3.66 3.20
C GLU A 67 -7.32 -4.58 3.86
N ASN A 68 -6.90 -5.60 3.12
CA ASN A 68 -5.91 -6.55 3.63
C ASN A 68 -4.56 -5.87 3.82
N ALA A 69 -4.04 -5.28 2.76
CA ALA A 69 -2.75 -4.61 2.81
C ALA A 69 -2.78 -3.44 3.79
N MET A 70 -3.75 -2.55 3.62
CA MET A 70 -3.89 -1.40 4.50
C MET A 70 -3.91 -1.83 5.97
N ASN A 71 -4.77 -2.79 6.28
CA ASN A 71 -4.88 -3.28 7.65
C ASN A 71 -3.54 -3.81 8.15
N GLU A 72 -2.67 -4.17 7.21
CA GLU A 72 -1.35 -4.70 7.55
C GLU A 72 -0.35 -3.57 7.74
N ILE A 73 -0.26 -2.69 6.76
CA ILE A 73 0.66 -1.57 6.82
C ILE A 73 0.25 -0.57 7.90
N SER A 74 -1.00 -0.68 8.35
CA SER A 74 -1.52 0.21 9.38
C SER A 74 -1.17 -0.31 10.77
N ARG A 75 -0.40 -1.39 10.82
CA ARG A 75 0.01 -1.99 12.08
C ARG A 75 1.42 -1.56 12.46
N ARG A 76 1.98 -2.20 13.48
CA ARG A 76 3.33 -1.89 13.93
C ARG A 76 4.32 -2.94 13.47
N GLU A 77 5.61 -2.61 13.55
CA GLU A 77 6.66 -3.54 13.12
C GLU A 77 6.50 -4.89 13.81
N ASN A 78 7.17 -5.90 13.27
CA ASN A 78 7.10 -7.25 13.84
C ASN A 78 8.49 -7.87 13.93
N PRO A 79 8.62 -8.90 14.78
CA PRO A 79 9.89 -9.60 14.98
C PRO A 79 10.30 -10.43 13.78
N MET A 2 9.62 15.09 -4.83
CA MET A 2 9.25 13.95 -4.01
C MET A 2 8.67 12.83 -4.88
N LYS A 3 8.74 11.60 -4.36
CA LYS A 3 8.23 10.44 -5.09
C LYS A 3 6.71 10.32 -4.93
N PHE A 4 6.06 9.83 -5.96
CA PHE A 4 4.61 9.66 -5.94
C PHE A 4 4.18 8.44 -6.75
N ILE A 5 4.15 7.28 -6.09
CA ILE A 5 3.77 6.04 -6.75
C ILE A 5 2.29 6.05 -7.12
N LYS A 6 1.92 5.23 -8.09
CA LYS A 6 0.54 5.14 -8.54
C LYS A 6 -0.33 4.43 -7.50
N TYR A 7 -1.64 4.42 -7.73
CA TYR A 7 -2.57 3.78 -6.81
C TYR A 7 -2.49 2.26 -6.93
N LEU A 8 -2.64 1.58 -5.80
CA LEU A 8 -2.58 0.12 -5.78
C LEU A 8 -3.98 -0.47 -5.57
N SER A 9 -4.82 -0.36 -6.59
CA SER A 9 -6.18 -0.88 -6.53
C SER A 9 -6.88 -0.75 -7.88
N THR A 10 -8.07 -1.32 -7.99
CA THR A 10 -8.84 -1.27 -9.23
C THR A 10 -9.81 -0.10 -9.22
N ALA A 11 -10.11 0.41 -8.02
CA ALA A 11 -11.03 1.52 -7.87
C ALA A 11 -12.34 1.26 -8.60
N HIS A 12 -12.73 0.00 -8.65
CA HIS A 12 -13.97 -0.40 -9.32
C HIS A 12 -15.19 -0.02 -8.47
N LEU A 13 -15.02 -0.07 -7.16
CA LEU A 13 -16.10 0.25 -6.23
C LEU A 13 -15.57 0.97 -5.00
N ASN A 14 -16.35 1.93 -4.49
CA ASN A 14 -15.96 2.69 -3.31
C ASN A 14 -14.66 3.47 -3.58
N TYR A 15 -14.35 3.67 -4.85
CA TYR A 15 -13.15 4.40 -5.24
C TYR A 15 -11.94 3.87 -4.48
N MET A 16 -11.83 2.56 -4.38
CA MET A 16 -10.72 1.92 -3.68
C MET A 16 -9.40 2.27 -4.36
N ASN A 17 -8.46 2.81 -3.58
CA ASN A 17 -7.16 3.18 -4.11
C ASN A 17 -6.14 3.36 -2.99
N ILE A 18 -4.90 2.97 -3.26
CA ILE A 18 -3.84 3.08 -2.26
C ILE A 18 -2.63 3.85 -2.82
N ALA A 19 -2.42 5.05 -2.30
CA ALA A 19 -1.31 5.88 -2.75
C ALA A 19 -0.03 5.55 -1.98
N VAL A 20 1.04 5.27 -2.72
CA VAL A 20 2.32 4.95 -2.10
C VAL A 20 3.42 5.89 -2.57
N TYR A 21 4.52 5.92 -1.84
CA TYR A 21 5.65 6.79 -2.18
C TYR A 21 6.97 6.13 -1.82
N GLU A 22 7.92 6.14 -2.75
CA GLU A 22 9.23 5.55 -2.53
C GLU A 22 10.22 6.60 -2.05
N ASN A 23 11.22 6.16 -1.29
CA ASN A 23 12.24 7.06 -0.76
C ASN A 23 13.51 7.02 -1.63
N GLY A 24 14.22 8.13 -1.68
CA GLY A 24 15.44 8.20 -2.47
C GLY A 24 16.49 7.22 -1.99
N SER A 25 17.02 7.47 -0.80
CA SER A 25 18.06 6.60 -0.23
C SER A 25 17.61 5.14 -0.26
N LYS A 26 16.71 4.78 0.66
CA LYS A 26 16.21 3.42 0.74
C LYS A 26 14.78 3.33 0.20
N ILE A 27 14.18 2.15 0.30
CA ILE A 27 12.82 1.94 -0.17
C ILE A 27 11.81 2.33 0.90
N LYS A 28 10.70 2.92 0.46
CA LYS A 28 9.64 3.34 1.38
C LYS A 28 8.26 2.99 0.83
N ALA A 29 7.42 2.43 1.68
CA ALA A 29 6.07 2.05 1.28
C ALA A 29 5.04 2.56 2.29
N ARG A 30 4.32 3.61 1.90
CA ARG A 30 3.29 4.20 2.76
C ARG A 30 1.91 4.08 2.12
N VAL A 31 1.10 3.18 2.65
CA VAL A 31 -0.25 2.96 2.14
C VAL A 31 -1.20 4.08 2.60
N GLU A 32 -1.94 4.64 1.65
CA GLU A 32 -2.89 5.70 1.95
C GLU A 32 -4.20 5.50 1.20
N ASN A 33 -5.29 5.39 1.94
CA ASN A 33 -6.60 5.20 1.35
C ASN A 33 -7.19 6.53 0.87
N VAL A 34 -8.32 6.46 0.17
CA VAL A 34 -8.99 7.65 -0.33
C VAL A 34 -10.45 7.69 0.08
N VAL A 35 -11.11 6.54 0.01
CA VAL A 35 -12.51 6.43 0.37
C VAL A 35 -12.71 6.66 1.86
N ASN A 36 -11.72 6.25 2.65
CA ASN A 36 -11.79 6.41 4.10
C ASN A 36 -11.46 7.84 4.51
N GLY A 37 -10.81 8.57 3.61
CA GLY A 37 -10.44 9.94 3.89
C GLY A 37 -9.37 10.05 4.96
N LYS A 38 -8.79 8.92 5.33
CA LYS A 38 -7.76 8.90 6.36
C LYS A 38 -6.69 7.87 6.02
N SER A 39 -5.49 8.35 5.67
CA SER A 39 -4.39 7.46 5.31
C SER A 39 -4.01 6.58 6.49
N VAL A 40 -4.08 5.26 6.28
CA VAL A 40 -3.74 4.30 7.32
C VAL A 40 -2.69 3.32 6.83
N GLY A 41 -1.46 3.79 6.70
CA GLY A 41 -0.38 2.94 6.24
C GLY A 41 0.99 3.60 6.41
N ALA A 42 1.90 2.89 7.06
CA ALA A 42 3.24 3.41 7.30
C ALA A 42 4.25 2.28 7.45
N ARG A 43 5.17 2.17 6.51
CA ARG A 43 6.19 1.12 6.54
C ARG A 43 7.46 1.58 5.83
N ASP A 44 8.51 0.78 5.94
CA ASP A 44 9.79 1.09 5.29
C ASP A 44 10.47 -0.17 4.79
N PHE A 45 10.48 -0.35 3.47
CA PHE A 45 11.10 -1.52 2.87
C PHE A 45 12.56 -1.25 2.52
N ASP A 46 13.23 -2.24 1.95
CA ASP A 46 14.63 -2.11 1.58
C ASP A 46 14.81 -2.27 0.08
N SER A 47 14.09 -3.22 -0.50
CA SER A 47 14.18 -3.48 -1.94
C SER A 47 12.80 -3.34 -2.60
N THR A 48 12.78 -2.70 -3.75
CA THR A 48 11.54 -2.49 -4.49
C THR A 48 10.92 -3.82 -4.91
N GLU A 49 11.77 -4.82 -5.12
CA GLU A 49 11.31 -6.14 -5.53
C GLU A 49 10.31 -6.70 -4.52
N GLN A 50 10.74 -6.85 -3.28
CA GLN A 50 9.89 -7.37 -2.22
C GLN A 50 8.68 -6.47 -2.01
N LEU A 51 8.81 -5.21 -2.40
CA LEU A 51 7.73 -4.24 -2.24
C LEU A 51 6.53 -4.62 -3.11
N GLU A 52 6.80 -4.88 -4.38
CA GLU A 52 5.75 -5.26 -5.32
C GLU A 52 5.21 -6.66 -5.01
N SER A 53 6.04 -7.47 -4.37
CA SER A 53 5.66 -8.83 -4.02
C SER A 53 4.73 -8.84 -2.82
N TRP A 54 4.81 -7.80 -2.00
CA TRP A 54 3.96 -7.69 -0.82
C TRP A 54 2.52 -7.40 -1.20
N PHE A 55 2.32 -6.44 -2.09
CA PHE A 55 0.99 -6.07 -2.55
C PHE A 55 0.40 -7.14 -3.46
N TYR A 56 1.24 -8.11 -3.83
CA TYR A 56 0.81 -9.19 -4.70
C TYR A 56 0.64 -10.49 -3.92
N GLY A 57 1.34 -10.60 -2.80
CA GLY A 57 1.26 -11.80 -1.99
C GLY A 57 0.24 -11.66 -0.87
N LEU A 58 -0.86 -10.99 -1.14
CA LEU A 58 -1.91 -10.78 -0.16
C LEU A 58 -3.10 -11.70 -0.41
N PRO A 59 -3.91 -11.94 0.63
CA PRO A 59 -5.09 -12.80 0.54
C PRO A 59 -6.20 -12.17 -0.31
N GLY A 60 -6.51 -10.91 -0.02
CA GLY A 60 -7.55 -10.22 -0.76
C GLY A 60 -7.35 -10.29 -2.26
N SER A 61 -8.39 -10.00 -3.01
CA SER A 61 -8.32 -10.03 -4.47
C SER A 61 -9.35 -9.10 -5.09
N GLY A 62 -8.89 -8.25 -6.01
CA GLY A 62 -9.79 -7.32 -6.67
C GLY A 62 -10.55 -6.46 -5.68
N LEU A 63 -9.94 -5.36 -5.26
CA LEU A 63 -10.57 -4.45 -4.31
C LEU A 63 -10.81 -5.15 -2.97
N GLY A 64 -10.12 -6.27 -2.76
CA GLY A 64 -10.26 -7.00 -1.51
C GLY A 64 -9.05 -6.88 -0.62
N ARG A 65 -7.87 -6.87 -1.23
CA ARG A 65 -6.63 -6.76 -0.48
C ARG A 65 -6.44 -5.35 0.07
N ILE A 66 -7.13 -4.39 -0.54
CA ILE A 66 -7.04 -3.00 -0.11
C ILE A 66 -7.27 -2.87 1.38
N GLU A 67 -8.05 -3.80 1.94
CA GLU A 67 -8.35 -3.79 3.37
C GLU A 67 -7.29 -4.55 4.15
N ASN A 68 -6.72 -5.58 3.53
CA ASN A 68 -5.69 -6.39 4.17
C ASN A 68 -4.36 -5.64 4.21
N ALA A 69 -3.89 -5.22 3.05
CA ALA A 69 -2.63 -4.50 2.95
C ALA A 69 -2.66 -3.21 3.78
N MET A 70 -3.67 -2.38 3.53
CA MET A 70 -3.81 -1.13 4.26
C MET A 70 -3.80 -1.37 5.77
N ASN A 71 -4.63 -2.28 6.22
CA ASN A 71 -4.71 -2.61 7.65
C ASN A 71 -3.43 -3.31 8.12
N GLU A 72 -2.62 -3.75 7.15
CA GLU A 72 -1.36 -4.43 7.47
C GLU A 72 -0.24 -3.43 7.65
N ILE A 73 -0.04 -2.57 6.66
CA ILE A 73 1.01 -1.56 6.71
C ILE A 73 0.77 -0.56 7.85
N SER A 74 -0.47 -0.52 8.33
CA SER A 74 -0.84 0.39 9.42
C SER A 74 -0.43 -0.20 10.77
N ARG A 75 0.05 -1.44 10.75
CA ARG A 75 0.47 -2.11 11.98
C ARG A 75 1.94 -1.84 12.27
N ARG A 76 2.49 -2.57 13.24
CA ARG A 76 3.89 -2.40 13.62
C ARG A 76 4.64 -3.72 13.53
N GLU A 77 4.52 -4.39 12.40
CA GLU A 77 5.18 -5.67 12.19
C GLU A 77 6.14 -5.60 10.99
N ASN A 78 6.99 -6.62 10.86
CA ASN A 78 7.96 -6.68 9.77
C ASN A 78 7.28 -7.12 8.48
N PRO A 79 7.93 -6.83 7.35
CA PRO A 79 7.42 -7.18 6.01
C PRO A 79 7.45 -8.69 5.76
N MET A 2 12.38 12.23 -5.82
CA MET A 2 10.92 12.35 -5.81
C MET A 2 10.28 11.12 -5.18
N LYS A 3 9.10 11.31 -4.61
CA LYS A 3 8.38 10.21 -3.97
C LYS A 3 6.94 10.14 -4.47
N PHE A 4 6.71 9.38 -5.54
CA PHE A 4 5.39 9.22 -6.11
C PHE A 4 5.19 7.83 -6.69
N ILE A 5 4.07 7.22 -6.39
CA ILE A 5 3.76 5.87 -6.87
C ILE A 5 2.29 5.76 -7.29
N LYS A 6 2.01 4.80 -8.16
CA LYS A 6 0.64 4.58 -8.63
C LYS A 6 -0.22 3.95 -7.54
N TYR A 7 -1.53 3.94 -7.75
CA TYR A 7 -2.46 3.37 -6.78
C TYR A 7 -2.41 1.85 -6.82
N LEU A 8 -2.76 1.23 -5.70
CA LEU A 8 -2.77 -0.23 -5.61
C LEU A 8 -4.19 -0.77 -5.52
N SER A 9 -4.98 -0.52 -6.57
CA SER A 9 -6.36 -0.97 -6.60
C SER A 9 -7.01 -0.62 -7.94
N THR A 10 -8.29 -0.94 -8.07
CA THR A 10 -9.03 -0.65 -9.29
C THR A 10 -9.94 0.55 -9.11
N ALA A 11 -10.33 0.82 -7.86
CA ALA A 11 -11.20 1.95 -7.57
C ALA A 11 -12.58 1.76 -8.20
N HIS A 12 -12.96 0.52 -8.43
CA HIS A 12 -14.24 0.20 -9.04
C HIS A 12 -15.38 0.41 -8.03
N LEU A 13 -15.05 0.33 -6.75
CA LEU A 13 -16.04 0.51 -5.69
C LEU A 13 -15.46 1.33 -4.53
N ASN A 14 -16.22 2.31 -4.07
CA ASN A 14 -15.79 3.17 -2.98
C ASN A 14 -14.51 3.92 -3.34
N TYR A 15 -14.25 4.02 -4.64
CA TYR A 15 -13.05 4.70 -5.12
C TYR A 15 -11.81 4.21 -4.40
N MET A 16 -11.75 2.90 -4.16
CA MET A 16 -10.61 2.30 -3.47
C MET A 16 -9.33 2.50 -4.27
N ASN A 17 -8.33 3.10 -3.63
CA ASN A 17 -7.05 3.36 -4.28
C ASN A 17 -5.96 3.67 -3.25
N ILE A 18 -5.04 2.73 -3.06
CA ILE A 18 -3.96 2.90 -2.10
C ILE A 18 -2.79 3.65 -2.74
N ALA A 19 -2.54 4.86 -2.26
CA ALA A 19 -1.45 5.68 -2.78
C ALA A 19 -0.15 5.35 -2.07
N VAL A 20 0.85 4.94 -2.84
CA VAL A 20 2.16 4.60 -2.28
C VAL A 20 3.20 5.67 -2.61
N TYR A 21 4.33 5.63 -1.92
CA TYR A 21 5.39 6.59 -2.14
C TYR A 21 6.76 5.95 -1.92
N GLU A 22 7.67 6.18 -2.86
CA GLU A 22 9.02 5.62 -2.77
C GLU A 22 10.03 6.70 -2.40
N ASN A 23 11.10 6.28 -1.74
CA ASN A 23 12.15 7.22 -1.32
C ASN A 23 13.43 6.98 -2.11
N GLY A 24 14.17 8.07 -2.35
CA GLY A 24 15.41 7.95 -3.09
C GLY A 24 16.43 7.06 -2.41
N SER A 25 16.63 7.28 -1.11
CA SER A 25 17.58 6.49 -0.33
C SER A 25 17.21 5.01 -0.37
N LYS A 26 16.17 4.65 0.38
CA LYS A 26 15.71 3.27 0.43
C LYS A 26 14.27 3.16 -0.06
N ILE A 27 13.72 1.95 0.01
CA ILE A 27 12.36 1.70 -0.43
C ILE A 27 11.36 2.01 0.68
N LYS A 28 10.23 2.60 0.31
CA LYS A 28 9.20 2.95 1.29
C LYS A 28 7.82 2.59 0.76
N ALA A 29 6.97 2.06 1.63
CA ALA A 29 5.61 1.67 1.25
C ALA A 29 4.59 2.21 2.25
N ARG A 30 3.87 3.25 1.85
CA ARG A 30 2.86 3.86 2.71
C ARG A 30 1.47 3.70 2.11
N VAL A 31 0.67 2.83 2.71
CA VAL A 31 -0.69 2.58 2.24
C VAL A 31 -1.63 3.70 2.67
N GLU A 32 -2.12 4.46 1.69
CA GLU A 32 -3.03 5.57 1.97
C GLU A 32 -4.35 5.38 1.24
N ASN A 33 -5.43 5.29 2.00
CA ASN A 33 -6.76 5.11 1.41
C ASN A 33 -7.32 6.43 0.90
N VAL A 34 -8.53 6.40 0.36
CA VAL A 34 -9.17 7.60 -0.16
C VAL A 34 -10.62 7.68 0.30
N VAL A 35 -11.34 6.57 0.20
CA VAL A 35 -12.74 6.51 0.61
C VAL A 35 -12.91 7.04 2.04
N ASN A 36 -11.87 6.89 2.85
CA ASN A 36 -11.91 7.33 4.23
C ASN A 36 -11.25 8.70 4.38
N GLY A 37 -10.44 9.06 3.40
CA GLY A 37 -9.75 10.34 3.43
C GLY A 37 -8.68 10.40 4.51
N LYS A 38 -8.39 9.24 5.10
CA LYS A 38 -7.38 9.16 6.16
C LYS A 38 -6.40 8.03 5.88
N SER A 39 -5.17 8.38 5.54
CA SER A 39 -4.14 7.40 5.25
C SER A 39 -3.87 6.52 6.46
N VAL A 40 -4.25 5.24 6.36
CA VAL A 40 -4.05 4.30 7.45
C VAL A 40 -3.05 3.22 7.06
N GLY A 41 -1.80 3.62 6.80
CA GLY A 41 -0.78 2.68 6.43
C GLY A 41 0.61 3.28 6.49
N ALA A 42 1.53 2.59 7.15
CA ALA A 42 2.90 3.06 7.28
C ALA A 42 3.87 1.89 7.41
N ARG A 43 4.76 1.74 6.42
CA ARG A 43 5.74 0.67 6.43
C ARG A 43 6.98 1.07 5.62
N ASP A 44 8.06 0.34 5.84
CA ASP A 44 9.32 0.61 5.14
C ASP A 44 9.92 -0.68 4.58
N PHE A 45 10.34 -0.63 3.32
CA PHE A 45 10.94 -1.79 2.67
C PHE A 45 12.41 -1.54 2.34
N ASP A 46 13.05 -2.53 1.74
CA ASP A 46 14.46 -2.42 1.37
C ASP A 46 14.63 -2.44 -0.14
N SER A 47 14.09 -3.48 -0.77
CA SER A 47 14.19 -3.62 -2.22
C SER A 47 12.80 -3.53 -2.87
N THR A 48 12.73 -2.82 -3.99
CA THR A 48 11.47 -2.67 -4.70
C THR A 48 10.92 -4.02 -5.16
N GLU A 49 11.82 -4.97 -5.39
CA GLU A 49 11.43 -6.30 -5.83
C GLU A 49 10.38 -6.90 -4.88
N GLN A 50 10.74 -7.02 -3.61
CA GLN A 50 9.84 -7.57 -2.61
C GLN A 50 8.61 -6.68 -2.42
N LEU A 51 8.78 -5.39 -2.70
CA LEU A 51 7.69 -4.43 -2.56
C LEU A 51 6.46 -4.91 -3.32
N GLU A 52 6.59 -5.04 -4.63
CA GLU A 52 5.48 -5.48 -5.47
C GLU A 52 5.08 -6.91 -5.12
N SER A 53 6.01 -7.67 -4.59
CA SER A 53 5.76 -9.06 -4.20
C SER A 53 4.84 -9.13 -2.99
N TRP A 54 4.84 -8.06 -2.20
CA TRP A 54 4.01 -8.00 -1.00
C TRP A 54 2.54 -7.79 -1.37
N PHE A 55 2.27 -6.78 -2.20
CA PHE A 55 0.92 -6.47 -2.62
C PHE A 55 0.43 -7.48 -3.65
N TYR A 56 1.33 -8.36 -4.08
CA TYR A 56 0.99 -9.38 -5.07
C TYR A 56 0.92 -10.76 -4.43
N GLY A 57 1.59 -10.90 -3.29
CA GLY A 57 1.59 -12.18 -2.59
C GLY A 57 0.37 -12.36 -1.71
N LEU A 58 -0.49 -11.35 -1.69
CA LEU A 58 -1.70 -11.40 -0.88
C LEU A 58 -2.77 -12.28 -1.54
N PRO A 59 -3.68 -12.81 -0.72
CA PRO A 59 -4.76 -13.67 -1.20
C PRO A 59 -5.79 -12.90 -2.03
N GLY A 60 -6.25 -11.78 -1.49
CA GLY A 60 -7.24 -10.97 -2.19
C GLY A 60 -6.77 -10.55 -3.57
N SER A 61 -7.60 -9.79 -4.27
CA SER A 61 -7.28 -9.33 -5.61
C SER A 61 -7.82 -7.94 -5.86
N GLY A 62 -6.91 -6.97 -6.05
CA GLY A 62 -7.33 -5.60 -6.29
C GLY A 62 -8.01 -4.99 -5.08
N LEU A 63 -9.26 -4.57 -5.27
CA LEU A 63 -10.03 -3.95 -4.19
C LEU A 63 -10.05 -4.85 -2.95
N GLY A 64 -9.93 -6.15 -3.18
CA GLY A 64 -9.93 -7.10 -2.07
C GLY A 64 -8.64 -7.06 -1.28
N ARG A 65 -7.56 -6.64 -1.92
CA ARG A 65 -6.26 -6.57 -1.26
C ARG A 65 -6.14 -5.30 -0.44
N ILE A 66 -7.11 -4.40 -0.59
CA ILE A 66 -7.11 -3.14 0.12
C ILE A 66 -7.45 -3.36 1.60
N GLU A 67 -8.17 -4.44 1.88
CA GLU A 67 -8.55 -4.76 3.26
C GLU A 67 -7.49 -5.61 3.93
N ASN A 68 -6.76 -6.38 3.14
CA ASN A 68 -5.71 -7.25 3.65
C ASN A 68 -4.38 -6.49 3.75
N ALA A 69 -3.99 -5.85 2.65
CA ALA A 69 -2.74 -5.10 2.61
C ALA A 69 -2.76 -3.95 3.61
N MET A 70 -3.73 -3.04 3.44
CA MET A 70 -3.86 -1.90 4.33
C MET A 70 -3.87 -2.32 5.78
N ASN A 71 -4.75 -3.28 6.11
CA ASN A 71 -4.85 -3.78 7.47
C ASN A 71 -3.51 -4.28 7.97
N GLU A 72 -2.62 -4.64 7.04
CA GLU A 72 -1.30 -5.15 7.40
C GLU A 72 -0.32 -3.99 7.57
N ILE A 73 -0.25 -3.12 6.58
CA ILE A 73 0.66 -1.98 6.63
C ILE A 73 0.25 -1.00 7.73
N SER A 74 -1.00 -1.10 8.17
CA SER A 74 -1.53 -0.23 9.21
C SER A 74 -1.18 -0.78 10.59
N ARG A 75 -0.42 -1.86 10.63
CA ARG A 75 -0.02 -2.48 11.88
C ARG A 75 1.37 -2.00 12.31
N ARG A 76 1.91 -2.63 13.35
CA ARG A 76 3.23 -2.27 13.86
C ARG A 76 4.13 -3.48 13.94
N GLU A 77 5.13 -3.53 13.06
CA GLU A 77 6.07 -4.65 13.04
C GLU A 77 7.51 -4.15 12.95
N ASN A 78 8.08 -3.79 14.08
CA ASN A 78 9.45 -3.29 14.14
C ASN A 78 9.63 -2.10 13.21
N PRO A 79 9.05 -0.95 13.61
CA PRO A 79 9.13 0.29 12.82
C PRO A 79 10.53 0.88 12.83
N MET A 2 9.85 13.23 -6.56
CA MET A 2 10.80 12.44 -5.78
C MET A 2 10.14 11.20 -5.21
N LYS A 3 9.07 11.40 -4.44
CA LYS A 3 8.35 10.29 -3.83
C LYS A 3 6.91 10.23 -4.35
N PHE A 4 6.70 9.47 -5.41
CA PHE A 4 5.37 9.33 -5.99
C PHE A 4 5.18 7.93 -6.59
N ILE A 5 4.04 7.33 -6.31
CA ILE A 5 3.74 5.99 -6.81
C ILE A 5 2.28 5.89 -7.25
N LYS A 6 1.99 4.95 -8.15
CA LYS A 6 0.64 4.74 -8.64
C LYS A 6 -0.23 4.09 -7.58
N TYR A 7 -1.54 4.06 -7.83
CA TYR A 7 -2.48 3.47 -6.89
C TYR A 7 -2.41 1.94 -6.94
N LEU A 8 -2.74 1.31 -5.82
CA LEU A 8 -2.71 -0.15 -5.73
C LEU A 8 -4.13 -0.72 -5.76
N SER A 9 -4.76 -0.68 -6.93
CA SER A 9 -6.12 -1.19 -7.09
C SER A 9 -6.37 -1.63 -8.52
N THR A 10 -7.33 -2.54 -8.69
CA THR A 10 -7.66 -3.06 -10.02
C THR A 10 -9.06 -2.64 -10.42
N ALA A 11 -10.06 -3.29 -9.83
CA ALA A 11 -11.46 -2.98 -10.13
C ALA A 11 -11.84 -1.59 -9.61
N HIS A 12 -13.11 -1.25 -9.76
CA HIS A 12 -13.61 0.05 -9.31
C HIS A 12 -14.80 -0.11 -8.38
N LEU A 13 -14.61 0.21 -7.11
CA LEU A 13 -15.67 0.11 -6.12
C LEU A 13 -15.60 1.24 -5.11
N ASN A 14 -16.55 2.16 -5.19
CA ASN A 14 -16.60 3.30 -4.29
C ASN A 14 -15.28 4.07 -4.31
N TYR A 15 -14.57 3.98 -5.44
CA TYR A 15 -13.30 4.68 -5.60
C TYR A 15 -12.27 4.14 -4.61
N MET A 16 -12.10 2.82 -4.59
CA MET A 16 -11.14 2.19 -3.70
C MET A 16 -9.74 2.14 -4.33
N ASN A 17 -8.82 2.88 -3.73
CA ASN A 17 -7.45 2.93 -4.23
C ASN A 17 -6.46 3.17 -3.10
N ILE A 18 -5.20 2.78 -3.32
CA ILE A 18 -4.17 2.94 -2.31
C ILE A 18 -2.97 3.71 -2.88
N ALA A 19 -2.73 4.91 -2.37
CA ALA A 19 -1.62 5.72 -2.81
C ALA A 19 -0.33 5.36 -2.08
N VAL A 20 0.72 5.10 -2.83
CA VAL A 20 2.02 4.75 -2.26
C VAL A 20 3.07 5.80 -2.57
N TYR A 21 4.19 5.74 -1.85
CA TYR A 21 5.27 6.69 -2.05
C TYR A 21 6.62 6.03 -1.80
N GLU A 22 7.55 6.23 -2.73
CA GLU A 22 8.89 5.65 -2.61
C GLU A 22 9.92 6.73 -2.26
N ASN A 23 10.99 6.32 -1.58
CA ASN A 23 12.04 7.24 -1.18
C ASN A 23 13.23 7.15 -2.13
N GLY A 24 13.94 8.27 -2.31
CA GLY A 24 15.09 8.29 -3.18
C GLY A 24 16.19 7.37 -2.71
N SER A 25 16.59 7.52 -1.46
CA SER A 25 17.66 6.71 -0.88
C SER A 25 17.26 5.24 -0.87
N LYS A 26 16.38 4.88 0.05
CA LYS A 26 15.91 3.50 0.15
C LYS A 26 14.47 3.36 -0.31
N ILE A 27 13.92 2.16 -0.18
CA ILE A 27 12.54 1.91 -0.58
C ILE A 27 11.57 2.27 0.53
N LYS A 28 10.42 2.82 0.15
CA LYS A 28 9.41 3.22 1.11
C LYS A 28 8.02 2.81 0.63
N ALA A 29 7.19 2.33 1.55
CA ALA A 29 5.83 1.91 1.22
C ALA A 29 4.82 2.48 2.20
N ARG A 30 4.09 3.50 1.77
CA ARG A 30 3.09 4.13 2.62
C ARG A 30 1.69 3.98 2.03
N VAL A 31 0.89 3.11 2.63
CA VAL A 31 -0.46 2.87 2.16
C VAL A 31 -1.40 3.98 2.59
N GLU A 32 -2.14 4.54 1.63
CA GLU A 32 -3.07 5.63 1.92
C GLU A 32 -4.43 5.35 1.31
N ASN A 33 -5.46 5.28 2.15
CA ASN A 33 -6.81 5.00 1.69
C ASN A 33 -7.48 6.28 1.18
N VAL A 34 -8.65 6.14 0.57
CA VAL A 34 -9.38 7.28 0.04
C VAL A 34 -10.87 7.18 0.39
N VAL A 35 -11.43 5.98 0.23
CA VAL A 35 -12.83 5.75 0.53
C VAL A 35 -13.17 6.14 1.96
N ASN A 36 -12.26 5.83 2.88
CA ASN A 36 -12.45 6.15 4.29
C ASN A 36 -12.13 7.62 4.56
N GLY A 37 -11.29 8.20 3.72
CA GLY A 37 -10.91 9.60 3.88
C GLY A 37 -9.84 9.79 4.93
N LYS A 38 -9.22 8.69 5.34
CA LYS A 38 -8.17 8.74 6.35
C LYS A 38 -7.05 7.75 6.03
N SER A 39 -5.89 8.26 5.63
CA SER A 39 -4.76 7.42 5.30
C SER A 39 -4.30 6.60 6.50
N VAL A 40 -4.16 5.29 6.30
CA VAL A 40 -3.74 4.40 7.38
C VAL A 40 -2.70 3.39 6.88
N GLY A 41 -1.47 3.87 6.70
CA GLY A 41 -0.41 3.00 6.23
C GLY A 41 0.96 3.64 6.35
N ALA A 42 1.89 2.93 6.99
CA ALA A 42 3.24 3.44 7.18
C ALA A 42 4.25 2.30 7.29
N ARG A 43 5.09 2.15 6.28
CA ARG A 43 6.09 1.10 6.26
C ARG A 43 7.30 1.50 5.41
N ASP A 44 8.42 0.80 5.60
CA ASP A 44 9.63 1.08 4.85
C ASP A 44 10.29 -0.20 4.38
N PHE A 45 10.35 -0.39 3.06
CA PHE A 45 10.95 -1.58 2.48
C PHE A 45 12.42 -1.33 2.12
N ASP A 46 13.06 -2.35 1.58
CA ASP A 46 14.47 -2.24 1.19
C ASP A 46 14.62 -2.31 -0.32
N SER A 47 13.96 -3.29 -0.94
CA SER A 47 14.02 -3.47 -2.38
C SER A 47 12.63 -3.36 -3.01
N THR A 48 12.55 -2.68 -4.14
CA THR A 48 11.28 -2.50 -4.84
C THR A 48 10.73 -3.83 -5.33
N GLU A 49 11.64 -4.77 -5.62
CA GLU A 49 11.24 -6.10 -6.09
C GLU A 49 10.27 -6.76 -5.11
N GLN A 50 10.66 -6.81 -3.84
CA GLN A 50 9.84 -7.42 -2.82
C GLN A 50 8.62 -6.55 -2.51
N LEU A 51 8.75 -5.26 -2.77
CA LEU A 51 7.66 -4.32 -2.51
C LEU A 51 6.37 -4.79 -3.18
N GLU A 52 6.40 -4.90 -4.50
CA GLU A 52 5.22 -5.35 -5.25
C GLU A 52 4.81 -6.75 -4.82
N SER A 53 5.75 -7.50 -4.25
CA SER A 53 5.48 -8.86 -3.80
C SER A 53 4.55 -8.86 -2.60
N TRP A 54 4.55 -7.76 -1.85
CA TRP A 54 3.71 -7.64 -0.68
C TRP A 54 2.25 -7.41 -1.06
N PHE A 55 2.02 -6.43 -1.93
CA PHE A 55 0.67 -6.12 -2.38
C PHE A 55 0.16 -7.19 -3.35
N TYR A 56 1.04 -8.11 -3.73
CA TYR A 56 0.68 -9.18 -4.64
C TYR A 56 0.60 -10.52 -3.91
N GLY A 57 1.25 -10.60 -2.75
CA GLY A 57 1.24 -11.81 -1.97
C GLY A 57 0.14 -11.83 -0.93
N LEU A 58 -0.99 -11.21 -1.26
CA LEU A 58 -2.12 -11.14 -0.34
C LEU A 58 -3.28 -12.00 -0.84
N PRO A 59 -4.11 -12.48 0.08
CA PRO A 59 -5.27 -13.32 -0.24
C PRO A 59 -6.37 -12.52 -0.94
N GLY A 60 -6.72 -11.37 -0.38
CA GLY A 60 -7.76 -10.54 -0.96
C GLY A 60 -7.50 -10.23 -2.42
N SER A 61 -8.56 -10.11 -3.21
CA SER A 61 -8.44 -9.82 -4.62
C SER A 61 -9.12 -8.49 -4.96
N GLY A 62 -8.78 -7.94 -6.13
CA GLY A 62 -9.36 -6.69 -6.55
C GLY A 62 -9.23 -5.61 -5.49
N LEU A 63 -10.32 -4.86 -5.27
CA LEU A 63 -10.33 -3.80 -4.29
C LEU A 63 -10.50 -4.36 -2.88
N GLY A 64 -10.66 -5.67 -2.79
CA GLY A 64 -10.82 -6.32 -1.50
C GLY A 64 -9.56 -6.29 -0.67
N ARG A 65 -8.43 -6.59 -1.30
CA ARG A 65 -7.15 -6.60 -0.61
C ARG A 65 -6.84 -5.23 -0.01
N ILE A 66 -7.46 -4.19 -0.57
CA ILE A 66 -7.25 -2.84 -0.09
C ILE A 66 -7.43 -2.75 1.42
N GLU A 67 -8.29 -3.61 1.95
CA GLU A 67 -8.55 -3.63 3.39
C GLU A 67 -7.53 -4.49 4.12
N ASN A 68 -7.04 -5.53 3.43
CA ASN A 68 -6.06 -6.43 4.02
C ASN A 68 -4.69 -5.77 4.10
N ALA A 69 -4.21 -5.31 2.94
CA ALA A 69 -2.90 -4.65 2.87
C ALA A 69 -2.86 -3.43 3.79
N MET A 70 -3.85 -2.56 3.67
CA MET A 70 -3.92 -1.36 4.49
C MET A 70 -3.92 -1.71 5.98
N ASN A 71 -4.80 -2.64 6.35
CA ASN A 71 -4.90 -3.06 7.75
C ASN A 71 -3.56 -3.61 8.25
N GLU A 72 -2.71 -4.04 7.32
CA GLU A 72 -1.42 -4.58 7.67
C GLU A 72 -0.37 -3.46 7.78
N ILE A 73 -0.27 -2.65 6.74
CA ILE A 73 0.68 -1.54 6.72
C ILE A 73 0.34 -0.51 7.78
N SER A 74 -0.89 -0.55 8.27
CA SER A 74 -1.35 0.38 9.30
C SER A 74 -0.79 0.00 10.67
N ARG A 75 -0.15 -1.17 10.73
CA ARG A 75 0.42 -1.65 11.99
C ARG A 75 1.87 -1.20 12.13
N ARG A 76 2.56 -1.77 13.11
CA ARG A 76 3.96 -1.43 13.35
C ARG A 76 4.89 -2.38 12.60
N GLU A 77 6.12 -1.93 12.34
CA GLU A 77 7.09 -2.74 11.63
C GLU A 77 7.44 -3.99 12.42
N ASN A 78 7.16 -5.15 11.84
CA ASN A 78 7.45 -6.42 12.50
C ASN A 78 8.73 -7.04 11.96
N PRO A 79 9.32 -7.97 12.73
CA PRO A 79 10.56 -8.66 12.34
C PRO A 79 10.34 -9.61 11.17
N MET A 2 9.48 13.52 -5.22
CA MET A 2 10.55 12.60 -4.83
C MET A 2 9.97 11.28 -4.33
N LYS A 3 8.81 11.35 -3.69
CA LYS A 3 8.15 10.17 -3.16
C LYS A 3 6.69 10.12 -3.58
N PHE A 4 6.43 9.47 -4.71
CA PHE A 4 5.07 9.36 -5.23
C PHE A 4 4.88 8.02 -5.96
N ILE A 5 3.77 7.35 -5.67
CA ILE A 5 3.46 6.08 -6.30
C ILE A 5 2.00 6.00 -6.70
N LYS A 6 1.70 5.15 -7.68
CA LYS A 6 0.33 4.97 -8.15
C LYS A 6 -0.50 4.20 -7.13
N TYR A 7 -1.79 4.08 -7.40
CA TYR A 7 -2.70 3.36 -6.50
C TYR A 7 -2.49 1.86 -6.62
N LEU A 8 -2.93 1.13 -5.60
CA LEU A 8 -2.80 -0.32 -5.57
C LEU A 8 -4.17 -1.00 -5.54
N SER A 9 -4.87 -0.94 -6.67
CA SER A 9 -6.20 -1.55 -6.76
C SER A 9 -6.80 -1.32 -8.14
N THR A 10 -8.08 -1.65 -8.28
CA THR A 10 -8.78 -1.48 -9.56
C THR A 10 -9.57 -0.18 -9.58
N ALA A 11 -10.04 0.24 -8.41
CA ALA A 11 -10.82 1.47 -8.29
C ALA A 11 -12.14 1.36 -9.04
N HIS A 12 -12.98 0.42 -8.60
CA HIS A 12 -14.29 0.21 -9.24
C HIS A 12 -15.39 0.15 -8.20
N LEU A 13 -15.03 0.38 -6.94
CA LEU A 13 -16.00 0.35 -5.84
C LEU A 13 -15.67 1.42 -4.80
N ASN A 14 -16.50 2.47 -4.75
CA ASN A 14 -16.29 3.55 -3.81
C ASN A 14 -14.94 4.22 -4.02
N TYR A 15 -14.36 4.02 -5.20
CA TYR A 15 -13.07 4.60 -5.53
C TYR A 15 -11.97 4.05 -4.62
N MET A 16 -12.08 2.77 -4.29
CA MET A 16 -11.10 2.11 -3.43
C MET A 16 -9.72 2.13 -4.07
N ASN A 17 -8.74 2.68 -3.36
CA ASN A 17 -7.38 2.76 -3.87
C ASN A 17 -6.38 2.94 -2.72
N ILE A 18 -5.13 2.56 -2.97
CA ILE A 18 -4.09 2.68 -1.96
C ILE A 18 -2.90 3.47 -2.50
N ALA A 19 -2.67 4.65 -1.94
CA ALA A 19 -1.55 5.50 -2.35
C ALA A 19 -0.27 5.11 -1.64
N VAL A 20 0.79 4.90 -2.41
CA VAL A 20 2.08 4.52 -1.84
C VAL A 20 3.13 5.59 -2.10
N TYR A 21 4.24 5.51 -1.38
CA TYR A 21 5.33 6.48 -1.53
C TYR A 21 6.69 5.81 -1.37
N GLU A 22 7.59 6.10 -2.30
CA GLU A 22 8.93 5.52 -2.26
C GLU A 22 9.98 6.59 -1.95
N ASN A 23 11.07 6.18 -1.33
CA ASN A 23 12.15 7.10 -0.97
C ASN A 23 13.25 7.09 -2.04
N GLY A 24 13.87 8.24 -2.26
CA GLY A 24 14.93 8.35 -3.24
C GLY A 24 16.13 7.49 -2.89
N SER A 25 16.35 7.28 -1.60
CA SER A 25 17.48 6.48 -1.14
C SER A 25 17.14 4.99 -1.19
N LYS A 26 16.20 4.57 -0.35
CA LYS A 26 15.79 3.18 -0.30
C LYS A 26 14.32 3.03 -0.71
N ILE A 27 13.81 1.81 -0.63
CA ILE A 27 12.43 1.53 -0.98
C ILE A 27 11.50 1.77 0.20
N LYS A 28 10.35 2.36 -0.06
CA LYS A 28 9.38 2.66 0.98
C LYS A 28 7.96 2.30 0.52
N ALA A 29 7.18 1.72 1.42
CA ALA A 29 5.81 1.32 1.11
C ALA A 29 4.85 1.80 2.20
N ARG A 30 4.09 2.85 1.90
CA ARG A 30 3.13 3.39 2.86
C ARG A 30 1.71 3.29 2.32
N VAL A 31 0.93 2.39 2.88
CA VAL A 31 -0.46 2.19 2.46
C VAL A 31 -1.36 3.30 3.01
N GLU A 32 -1.91 4.10 2.10
CA GLU A 32 -2.78 5.20 2.49
C GLU A 32 -4.16 5.05 1.83
N ASN A 33 -5.18 4.87 2.66
CA ASN A 33 -6.55 4.72 2.18
C ASN A 33 -7.17 6.08 1.84
N VAL A 34 -8.12 6.07 0.93
CA VAL A 34 -8.80 7.29 0.52
C VAL A 34 -10.28 7.26 0.87
N VAL A 35 -10.91 6.11 0.63
CA VAL A 35 -12.32 5.93 0.91
C VAL A 35 -12.65 6.36 2.35
N ASN A 36 -11.70 6.15 3.26
CA ASN A 36 -11.88 6.51 4.65
C ASN A 36 -11.39 7.93 4.92
N GLY A 37 -10.46 8.39 4.10
CA GLY A 37 -9.92 9.73 4.26
C GLY A 37 -8.74 9.78 5.21
N LYS A 38 -8.52 8.68 5.93
CA LYS A 38 -7.43 8.59 6.88
C LYS A 38 -6.44 7.51 6.47
N SER A 39 -5.15 7.85 6.48
CA SER A 39 -4.10 6.91 6.12
C SER A 39 -3.81 5.96 7.26
N VAL A 40 -3.81 4.66 6.97
CA VAL A 40 -3.53 3.64 7.98
C VAL A 40 -2.58 2.58 7.45
N GLY A 41 -1.35 2.99 7.15
CA GLY A 41 -0.36 2.07 6.64
C GLY A 41 1.04 2.64 6.68
N ALA A 42 1.98 1.88 7.25
CA ALA A 42 3.37 2.32 7.35
C ALA A 42 4.32 1.12 7.36
N ARG A 43 5.26 1.13 6.42
CA ARG A 43 6.23 0.04 6.32
C ARG A 43 7.53 0.54 5.69
N ASP A 44 8.63 -0.15 6.00
CA ASP A 44 9.93 0.22 5.46
C ASP A 44 10.56 -0.94 4.69
N PHE A 45 10.47 -0.88 3.37
CA PHE A 45 11.02 -1.94 2.52
C PHE A 45 12.46 -1.61 2.11
N ASP A 46 13.05 -2.50 1.33
CA ASP A 46 14.43 -2.31 0.87
C ASP A 46 14.52 -2.46 -0.65
N SER A 47 13.90 -3.53 -1.15
CA SER A 47 13.93 -3.81 -2.59
C SER A 47 12.54 -3.63 -3.20
N THR A 48 12.50 -3.23 -4.46
CA THR A 48 11.24 -3.02 -5.15
C THR A 48 10.55 -4.34 -5.47
N GLU A 49 11.36 -5.38 -5.67
CA GLU A 49 10.83 -6.71 -5.97
C GLU A 49 9.85 -7.17 -4.89
N GLN A 50 10.31 -7.16 -3.65
CA GLN A 50 9.48 -7.57 -2.52
C GLN A 50 8.27 -6.66 -2.38
N LEU A 51 8.38 -5.44 -2.88
CA LEU A 51 7.30 -4.48 -2.81
C LEU A 51 6.18 -4.84 -3.78
N GLU A 52 6.50 -4.82 -5.07
CA GLU A 52 5.53 -5.15 -6.10
C GLU A 52 5.02 -6.57 -5.94
N SER A 53 5.88 -7.45 -5.42
CA SER A 53 5.51 -8.84 -5.21
C SER A 53 4.63 -9.00 -3.98
N TRP A 54 4.76 -8.05 -3.04
CA TRP A 54 3.98 -8.09 -1.81
C TRP A 54 2.50 -7.81 -2.10
N PHE A 55 2.24 -6.77 -2.88
CA PHE A 55 0.87 -6.41 -3.22
C PHE A 55 0.28 -7.39 -4.23
N TYR A 56 1.13 -8.29 -4.74
CA TYR A 56 0.68 -9.28 -5.71
C TYR A 56 0.56 -10.66 -5.06
N GLY A 57 1.25 -10.84 -3.93
CA GLY A 57 1.20 -12.11 -3.24
C GLY A 57 0.13 -12.14 -2.16
N LEU A 58 -0.98 -11.47 -2.42
CA LEU A 58 -2.08 -11.42 -1.47
C LEU A 58 -3.29 -12.20 -1.99
N PRO A 59 -4.15 -12.65 -1.06
CA PRO A 59 -5.35 -13.41 -1.41
C PRO A 59 -6.41 -12.55 -2.08
N GLY A 60 -6.68 -11.39 -1.50
CA GLY A 60 -7.67 -10.49 -2.07
C GLY A 60 -7.40 -10.18 -3.52
N SER A 61 -8.34 -9.47 -4.16
CA SER A 61 -8.19 -9.12 -5.57
C SER A 61 -8.40 -7.62 -5.77
N GLY A 62 -7.30 -6.88 -5.83
CA GLY A 62 -7.39 -5.44 -6.03
C GLY A 62 -8.19 -4.76 -4.94
N LEU A 63 -9.45 -4.44 -5.24
CA LEU A 63 -10.32 -3.78 -4.28
C LEU A 63 -10.56 -4.65 -3.06
N GLY A 64 -10.25 -5.94 -3.19
CA GLY A 64 -10.42 -6.87 -2.09
C GLY A 64 -9.21 -6.93 -1.18
N ARG A 65 -8.03 -7.10 -1.78
CA ARG A 65 -6.80 -7.17 -1.01
C ARG A 65 -6.56 -5.88 -0.23
N ILE A 66 -7.24 -4.82 -0.63
CA ILE A 66 -7.10 -3.53 0.03
C ILE A 66 -7.26 -3.66 1.54
N GLU A 67 -8.03 -4.65 1.96
CA GLU A 67 -8.26 -4.90 3.38
C GLU A 67 -7.12 -5.70 3.98
N ASN A 68 -6.58 -6.64 3.21
CA ASN A 68 -5.48 -7.49 3.66
C ASN A 68 -4.17 -6.71 3.67
N ALA A 69 -3.80 -6.17 2.52
CA ALA A 69 -2.56 -5.40 2.39
C ALA A 69 -2.51 -4.27 3.43
N MET A 70 -3.60 -3.50 3.50
CA MET A 70 -3.68 -2.39 4.45
C MET A 70 -3.56 -2.89 5.89
N ASN A 71 -4.40 -3.86 6.23
CA ASN A 71 -4.40 -4.42 7.59
C ASN A 71 -3.02 -4.98 7.93
N GLU A 72 -2.25 -5.33 6.91
CA GLU A 72 -0.92 -5.88 7.11
C GLU A 72 0.12 -4.76 7.29
N ILE A 73 0.13 -3.82 6.36
CA ILE A 73 1.06 -2.70 6.42
C ILE A 73 0.77 -1.81 7.62
N SER A 74 -0.47 -1.86 8.09
CA SER A 74 -0.89 -1.05 9.24
C SER A 74 -0.49 -1.72 10.55
N ARG A 75 -0.02 -2.95 10.46
CA ARG A 75 0.39 -3.70 11.64
C ARG A 75 1.37 -2.90 12.48
N ARG A 76 2.34 -2.26 11.82
CA ARG A 76 3.34 -1.46 12.50
C ARG A 76 3.33 -0.02 11.98
N GLU A 77 2.59 0.84 12.65
CA GLU A 77 2.50 2.25 12.25
C GLU A 77 3.46 3.11 13.05
N ASN A 78 4.03 4.12 12.40
CA ASN A 78 4.98 5.01 13.07
C ASN A 78 5.24 6.25 12.20
N PRO A 79 5.74 7.32 12.84
CA PRO A 79 6.06 8.58 12.16
C PRO A 79 7.25 8.44 11.23
N MET A 2 12.63 11.32 -3.80
CA MET A 2 11.26 11.59 -4.21
C MET A 2 10.31 10.53 -3.65
N LYS A 3 9.09 10.94 -3.33
CA LYS A 3 8.09 10.03 -2.79
C LYS A 3 6.79 10.10 -3.59
N PHE A 4 6.73 9.37 -4.70
CA PHE A 4 5.54 9.36 -5.54
C PHE A 4 5.36 7.99 -6.19
N ILE A 5 4.25 7.34 -5.87
CA ILE A 5 3.96 6.02 -6.43
C ILE A 5 2.49 5.93 -6.86
N LYS A 6 2.23 5.05 -7.82
CA LYS A 6 0.88 4.85 -8.33
C LYS A 6 0.01 4.11 -7.31
N TYR A 7 -1.27 3.98 -7.62
CA TYR A 7 -2.21 3.28 -6.74
C TYR A 7 -2.06 1.77 -6.87
N LEU A 8 -2.63 1.05 -5.91
CA LEU A 8 -2.57 -0.41 -5.93
C LEU A 8 -3.97 -1.01 -5.93
N SER A 9 -4.72 -0.74 -6.99
CA SER A 9 -6.08 -1.25 -7.12
C SER A 9 -6.42 -1.53 -8.58
N THR A 10 -7.58 -2.14 -8.80
CA THR A 10 -8.04 -2.47 -10.15
C THR A 10 -9.09 -1.49 -10.64
N ALA A 11 -10.30 -1.62 -10.11
CA ALA A 11 -11.40 -0.74 -10.50
C ALA A 11 -11.74 0.23 -9.36
N HIS A 12 -12.78 1.04 -9.58
CA HIS A 12 -13.22 2.00 -8.58
C HIS A 12 -14.59 1.62 -8.02
N LEU A 13 -14.61 1.20 -6.76
CA LEU A 13 -15.85 0.80 -6.11
C LEU A 13 -15.87 1.23 -4.65
N ASN A 14 -16.82 2.08 -4.29
CA ASN A 14 -16.93 2.56 -2.92
C ASN A 14 -15.64 3.21 -2.45
N TYR A 15 -15.05 4.03 -3.32
CA TYR A 15 -13.80 4.71 -3.00
C TYR A 15 -12.75 3.72 -2.49
N MET A 16 -12.01 3.12 -3.43
CA MET A 16 -10.98 2.16 -3.08
C MET A 16 -9.68 2.46 -3.82
N ASN A 17 -8.64 2.82 -3.08
CA ASN A 17 -7.35 3.12 -3.68
C ASN A 17 -6.25 3.10 -2.63
N ILE A 18 -5.05 2.72 -3.05
CA ILE A 18 -3.91 2.65 -2.15
C ILE A 18 -2.72 3.44 -2.70
N ALA A 19 -2.53 4.65 -2.18
CA ALA A 19 -1.43 5.51 -2.62
C ALA A 19 -0.15 5.18 -1.86
N VAL A 20 0.86 4.71 -2.59
CA VAL A 20 2.14 4.35 -2.00
C VAL A 20 3.16 5.49 -2.16
N TYR A 21 4.24 5.40 -1.41
CA TYR A 21 5.29 6.41 -1.47
C TYR A 21 6.66 5.82 -1.16
N GLU A 22 7.64 6.13 -1.99
CA GLU A 22 9.00 5.62 -1.80
C GLU A 22 9.83 6.60 -0.98
N ASN A 23 10.82 6.06 -0.26
CA ASN A 23 11.69 6.88 0.57
C ASN A 23 13.00 7.19 -0.16
N GLY A 24 12.92 8.07 -1.16
CA GLY A 24 14.10 8.43 -1.92
C GLY A 24 14.85 7.22 -2.45
N SER A 25 16.16 7.21 -2.25
CA SER A 25 17.00 6.11 -2.72
C SER A 25 16.56 4.79 -2.08
N LYS A 26 15.89 4.89 -0.93
CA LYS A 26 15.41 3.70 -0.22
C LYS A 26 13.97 3.40 -0.61
N ILE A 27 13.60 2.12 -0.48
CA ILE A 27 12.25 1.69 -0.82
C ILE A 27 11.31 1.87 0.37
N LYS A 28 10.14 2.44 0.12
CA LYS A 28 9.15 2.66 1.15
C LYS A 28 7.75 2.29 0.68
N ALA A 29 6.98 1.65 1.55
CA ALA A 29 5.62 1.24 1.21
C ALA A 29 4.61 1.78 2.23
N ARG A 30 3.86 2.80 1.83
CA ARG A 30 2.86 3.40 2.70
C ARG A 30 1.47 3.25 2.11
N VAL A 31 0.68 2.36 2.70
CA VAL A 31 -0.69 2.11 2.24
C VAL A 31 -1.62 3.22 2.70
N GLU A 32 -2.03 4.07 1.76
CA GLU A 32 -2.92 5.18 2.07
C GLU A 32 -4.27 4.99 1.36
N ASN A 33 -5.33 4.84 2.15
CA ASN A 33 -6.67 4.66 1.59
C ASN A 33 -7.42 5.98 1.54
N VAL A 34 -8.51 6.02 0.79
CA VAL A 34 -9.31 7.22 0.65
C VAL A 34 -10.74 6.98 1.12
N VAL A 35 -11.14 5.71 1.18
CA VAL A 35 -12.48 5.35 1.61
C VAL A 35 -12.78 5.92 2.99
N ASN A 36 -11.74 6.10 3.79
CA ASN A 36 -11.90 6.63 5.15
C ASN A 36 -11.39 8.08 5.22
N GLY A 37 -10.90 8.58 4.09
CA GLY A 37 -10.39 9.94 4.05
C GLY A 37 -9.09 10.10 4.83
N LYS A 38 -8.52 8.97 5.25
CA LYS A 38 -7.28 8.99 6.01
C LYS A 38 -6.39 7.81 5.62
N SER A 39 -5.07 8.00 5.72
CA SER A 39 -4.12 6.95 5.38
C SER A 39 -3.81 6.09 6.59
N VAL A 40 -4.04 4.78 6.47
CA VAL A 40 -3.78 3.85 7.55
C VAL A 40 -2.81 2.75 7.11
N GLY A 41 -1.58 3.15 6.82
CA GLY A 41 -0.57 2.19 6.39
C GLY A 41 0.83 2.77 6.40
N ALA A 42 1.75 2.06 7.03
CA ALA A 42 3.14 2.51 7.12
C ALA A 42 4.09 1.32 7.22
N ARG A 43 5.15 1.35 6.42
CA ARG A 43 6.14 0.28 6.41
C ARG A 43 7.49 0.79 5.95
N ASP A 44 8.51 -0.05 6.06
CA ASP A 44 9.86 0.32 5.65
C ASP A 44 10.54 -0.85 4.93
N PHE A 45 10.62 -0.74 3.60
CA PHE A 45 11.26 -1.78 2.79
C PHE A 45 12.65 -1.35 2.35
N ASP A 46 13.31 -2.21 1.58
CA ASP A 46 14.65 -1.92 1.09
C ASP A 46 14.72 -2.10 -0.43
N SER A 47 14.15 -3.18 -0.92
CA SER A 47 14.15 -3.48 -2.34
C SER A 47 12.73 -3.47 -2.91
N THR A 48 12.60 -3.02 -4.15
CA THR A 48 11.31 -2.96 -4.80
C THR A 48 10.76 -4.35 -5.09
N GLU A 49 11.66 -5.30 -5.31
CA GLU A 49 11.27 -6.68 -5.59
C GLU A 49 10.36 -7.22 -4.50
N GLN A 50 10.82 -7.15 -3.26
CA GLN A 50 10.04 -7.64 -2.12
C GLN A 50 8.78 -6.79 -1.92
N LEU A 51 8.81 -5.56 -2.42
CA LEU A 51 7.69 -4.66 -2.30
C LEU A 51 6.54 -5.08 -3.22
N GLU A 52 6.81 -5.06 -4.52
CA GLU A 52 5.81 -5.44 -5.52
C GLU A 52 5.36 -6.88 -5.29
N SER A 53 6.23 -7.68 -4.68
CA SER A 53 5.92 -9.09 -4.42
C SER A 53 4.94 -9.21 -3.25
N TRP A 54 5.08 -8.34 -2.27
CA TRP A 54 4.21 -8.34 -1.09
C TRP A 54 2.76 -8.10 -1.49
N PHE A 55 2.55 -7.08 -2.31
CA PHE A 55 1.20 -6.74 -2.76
C PHE A 55 0.69 -7.75 -3.78
N TYR A 56 1.57 -8.66 -4.19
CA TYR A 56 1.21 -9.69 -5.15
C TYR A 56 0.98 -11.03 -4.47
N GLY A 57 1.57 -11.19 -3.29
CA GLY A 57 1.41 -12.43 -2.54
C GLY A 57 0.26 -12.38 -1.57
N LEU A 58 -0.81 -11.70 -1.96
CA LEU A 58 -2.00 -11.59 -1.11
C LEU A 58 -3.17 -12.37 -1.69
N PRO A 59 -4.15 -12.70 -0.83
CA PRO A 59 -5.34 -13.43 -1.25
C PRO A 59 -6.27 -12.60 -2.13
N GLY A 60 -6.55 -11.38 -1.70
CA GLY A 60 -7.42 -10.51 -2.47
C GLY A 60 -6.99 -10.39 -3.91
N SER A 61 -7.87 -9.86 -4.75
CA SER A 61 -7.57 -9.68 -6.17
C SER A 61 -8.42 -8.56 -6.77
N GLY A 62 -7.79 -7.41 -6.98
CA GLY A 62 -8.49 -6.27 -7.55
C GLY A 62 -9.61 -5.77 -6.64
N LEU A 63 -9.38 -4.63 -6.01
CA LEU A 63 -10.38 -4.05 -5.12
C LEU A 63 -10.76 -5.02 -4.01
N GLY A 64 -9.88 -5.99 -3.74
CA GLY A 64 -10.14 -6.97 -2.71
C GLY A 64 -9.04 -7.03 -1.68
N ARG A 65 -7.79 -7.11 -2.14
CA ARG A 65 -6.65 -7.17 -1.24
C ARG A 65 -6.43 -5.84 -0.54
N ILE A 66 -7.07 -4.80 -1.05
CA ILE A 66 -6.95 -3.47 -0.47
C ILE A 66 -7.18 -3.50 1.03
N GLU A 67 -8.02 -4.43 1.48
CA GLU A 67 -8.33 -4.56 2.90
C GLU A 67 -7.31 -5.47 3.59
N ASN A 68 -6.81 -6.45 2.85
CA ASN A 68 -5.83 -7.39 3.39
C ASN A 68 -4.48 -6.71 3.58
N ALA A 69 -3.95 -6.14 2.50
CA ALA A 69 -2.65 -5.47 2.55
C ALA A 69 -2.69 -4.31 3.54
N MET A 70 -3.65 -3.42 3.37
CA MET A 70 -3.79 -2.26 4.24
C MET A 70 -3.80 -2.68 5.71
N ASN A 71 -4.68 -3.63 6.04
CA ASN A 71 -4.79 -4.12 7.40
C ASN A 71 -3.47 -4.70 7.88
N GLU A 72 -2.60 -5.06 6.94
CA GLU A 72 -1.30 -5.63 7.26
C GLU A 72 -0.27 -4.52 7.50
N ILE A 73 -0.17 -3.61 6.53
CA ILE A 73 0.77 -2.50 6.63
C ILE A 73 0.40 -1.55 7.77
N SER A 74 -0.89 -1.54 8.11
CA SER A 74 -1.38 -0.68 9.18
C SER A 74 -1.02 -1.23 10.54
N ARG A 75 -0.61 -2.50 10.57
CA ARG A 75 -0.23 -3.16 11.81
C ARG A 75 0.80 -2.32 12.58
N ARG A 76 1.98 -2.18 11.99
CA ARG A 76 3.05 -1.40 12.62
C ARG A 76 2.84 0.10 12.40
N GLU A 77 3.52 0.91 13.20
CA GLU A 77 3.41 2.36 13.09
C GLU A 77 4.79 3.00 12.90
N ASN A 78 5.18 3.14 11.64
CA ASN A 78 6.48 3.74 11.32
C ASN A 78 6.33 4.81 10.25
N PRO A 79 5.69 5.93 10.61
CA PRO A 79 5.47 7.05 9.69
C PRO A 79 6.76 7.79 9.35
N MET A 2 10.26 12.34 -5.72
CA MET A 2 10.63 11.03 -5.17
C MET A 2 9.39 10.21 -4.84
N LYS A 3 8.65 10.65 -3.82
CA LYS A 3 7.45 9.95 -3.39
C LYS A 3 6.32 10.16 -4.40
N PHE A 4 6.32 9.34 -5.46
CA PHE A 4 5.30 9.43 -6.49
C PHE A 4 5.00 8.05 -7.08
N ILE A 5 4.03 7.36 -6.49
CA ILE A 5 3.63 6.04 -6.96
C ILE A 5 2.15 5.98 -7.29
N LYS A 6 1.79 5.09 -8.20
CA LYS A 6 0.39 4.93 -8.60
C LYS A 6 -0.39 4.17 -7.54
N TYR A 7 -1.70 4.06 -7.74
CA TYR A 7 -2.56 3.36 -6.80
C TYR A 7 -2.40 1.85 -6.94
N LEU A 8 -2.89 1.10 -5.96
CA LEU A 8 -2.81 -0.35 -5.96
C LEU A 8 -4.20 -0.99 -5.98
N SER A 9 -4.87 -0.88 -7.11
CA SER A 9 -6.21 -1.45 -7.25
C SER A 9 -6.50 -1.82 -8.71
N THR A 10 -7.26 -2.89 -8.90
CA THR A 10 -7.61 -3.35 -10.24
C THR A 10 -9.05 -3.02 -10.58
N ALA A 11 -9.98 -3.75 -9.98
CA ALA A 11 -11.40 -3.53 -10.23
C ALA A 11 -11.80 -2.10 -9.87
N HIS A 12 -13.08 -1.80 -10.01
CA HIS A 12 -13.60 -0.46 -9.70
C HIS A 12 -14.55 -0.51 -8.51
N LEU A 13 -14.24 0.29 -7.49
CA LEU A 13 -15.08 0.34 -6.29
C LEU A 13 -15.48 1.77 -5.98
N ASN A 14 -16.57 1.93 -5.23
CA ASN A 14 -17.07 3.24 -4.84
C ASN A 14 -15.91 4.20 -4.56
N TYR A 15 -14.91 3.70 -3.85
CA TYR A 15 -13.74 4.51 -3.50
C TYR A 15 -12.69 3.67 -2.78
N MET A 16 -12.10 2.73 -3.51
CA MET A 16 -11.08 1.86 -2.94
C MET A 16 -9.77 1.98 -3.72
N ASN A 17 -8.75 2.52 -3.06
CA ASN A 17 -7.44 2.68 -3.69
C ASN A 17 -6.34 2.81 -2.64
N ILE A 18 -5.12 2.47 -3.03
CA ILE A 18 -3.98 2.55 -2.13
C ILE A 18 -2.85 3.37 -2.73
N ALA A 19 -2.60 4.54 -2.16
CA ALA A 19 -1.55 5.43 -2.64
C ALA A 19 -0.21 5.07 -2.01
N VAL A 20 0.77 4.73 -2.85
CA VAL A 20 2.10 4.37 -2.37
C VAL A 20 3.08 5.51 -2.58
N TYR A 21 4.23 5.43 -1.91
CA TYR A 21 5.25 6.46 -2.02
C TYR A 21 6.66 5.84 -1.95
N GLU A 22 7.51 6.24 -2.88
CA GLU A 22 8.87 5.73 -2.92
C GLU A 22 9.86 6.77 -2.43
N ASN A 23 10.97 6.31 -1.87
CA ASN A 23 12.01 7.20 -1.34
C ASN A 23 13.33 7.02 -2.10
N GLY A 24 14.09 8.10 -2.19
CA GLY A 24 15.37 8.04 -2.89
C GLY A 24 16.37 7.16 -2.19
N SER A 25 16.63 7.44 -0.92
CA SER A 25 17.57 6.67 -0.13
C SER A 25 17.26 5.18 -0.21
N LYS A 26 16.17 4.79 0.42
CA LYS A 26 15.76 3.38 0.43
C LYS A 26 14.31 3.24 -0.05
N ILE A 27 13.81 2.01 -0.03
CA ILE A 27 12.44 1.75 -0.47
C ILE A 27 11.45 1.99 0.67
N LYS A 28 10.29 2.55 0.32
CA LYS A 28 9.25 2.83 1.31
C LYS A 28 7.88 2.44 0.78
N ALA A 29 7.05 1.86 1.65
CA ALA A 29 5.71 1.44 1.27
C ALA A 29 4.67 1.93 2.29
N ARG A 30 3.92 2.96 1.90
CA ARG A 30 2.90 3.52 2.78
C ARG A 30 1.51 3.29 2.20
N VAL A 31 0.75 2.39 2.80
CA VAL A 31 -0.59 2.08 2.34
C VAL A 31 -1.59 3.15 2.80
N GLU A 32 -2.00 4.00 1.86
CA GLU A 32 -2.94 5.07 2.17
C GLU A 32 -4.28 4.82 1.49
N ASN A 33 -5.32 4.64 2.30
CA ASN A 33 -6.65 4.38 1.78
C ASN A 33 -7.36 5.69 1.41
N VAL A 34 -8.38 5.60 0.58
CA VAL A 34 -9.14 6.76 0.16
C VAL A 34 -10.60 6.65 0.57
N VAL A 35 -11.09 5.43 0.68
CA VAL A 35 -12.48 5.18 1.06
C VAL A 35 -12.84 5.96 2.33
N ASN A 36 -11.85 6.16 3.20
CA ASN A 36 -12.06 6.89 4.44
C ASN A 36 -11.37 8.24 4.40
N GLY A 37 -10.36 8.37 3.55
CA GLY A 37 -9.64 9.62 3.43
C GLY A 37 -8.47 9.71 4.40
N LYS A 38 -8.38 8.74 5.31
CA LYS A 38 -7.30 8.71 6.29
C LYS A 38 -6.32 7.59 5.99
N SER A 39 -5.06 7.96 5.78
CA SER A 39 -4.02 6.98 5.48
C SER A 39 -3.73 6.11 6.70
N VAL A 40 -4.00 4.81 6.56
CA VAL A 40 -3.76 3.87 7.65
C VAL A 40 -2.78 2.78 7.23
N GLY A 41 -1.56 3.19 6.91
CA GLY A 41 -0.54 2.24 6.49
C GLY A 41 0.85 2.83 6.52
N ALA A 42 1.78 2.13 7.17
CA ALA A 42 3.16 2.59 7.27
C ALA A 42 4.13 1.42 7.38
N ARG A 43 5.07 1.35 6.46
CA ARG A 43 6.05 0.28 6.44
C ARG A 43 7.35 0.73 5.77
N ASP A 44 8.43 0.01 6.04
CA ASP A 44 9.73 0.34 5.46
C ASP A 44 10.34 -0.88 4.76
N PHE A 45 10.58 -0.75 3.47
CA PHE A 45 11.16 -1.83 2.68
C PHE A 45 12.59 -1.51 2.25
N ASP A 46 13.21 -2.42 1.53
CA ASP A 46 14.57 -2.24 1.06
C ASP A 46 14.65 -2.36 -0.46
N SER A 47 13.92 -3.31 -1.01
CA SER A 47 13.90 -3.54 -2.45
C SER A 47 12.51 -3.30 -3.03
N THR A 48 12.47 -2.72 -4.22
CA THR A 48 11.21 -2.43 -4.89
C THR A 48 10.56 -3.69 -5.42
N GLU A 49 11.37 -4.72 -5.65
CA GLU A 49 10.88 -6.00 -6.16
C GLU A 49 9.95 -6.67 -5.14
N GLN A 50 10.43 -6.80 -3.92
CA GLN A 50 9.65 -7.43 -2.85
C GLN A 50 8.40 -6.62 -2.55
N LEU A 51 8.49 -5.30 -2.71
CA LEU A 51 7.37 -4.41 -2.46
C LEU A 51 6.14 -4.84 -3.26
N GLU A 52 6.27 -4.80 -4.58
CA GLU A 52 5.17 -5.18 -5.47
C GLU A 52 4.76 -6.62 -5.21
N SER A 53 5.71 -7.47 -4.86
CA SER A 53 5.44 -8.87 -4.60
C SER A 53 4.48 -9.02 -3.43
N TRP A 54 4.73 -8.28 -2.35
CA TRP A 54 3.88 -8.34 -1.18
C TRP A 54 2.42 -8.12 -1.54
N PHE A 55 2.14 -7.03 -2.24
CA PHE A 55 0.78 -6.71 -2.66
C PHE A 55 0.34 -7.59 -3.82
N TYR A 56 1.28 -8.39 -4.34
CA TYR A 56 1.00 -9.28 -5.46
C TYR A 56 1.07 -10.74 -5.02
N GLY A 57 -0.07 -11.28 -4.60
CA GLY A 57 -0.12 -12.66 -4.16
C GLY A 57 -1.09 -12.86 -3.00
N LEU A 58 -1.55 -11.77 -2.41
CA LEU A 58 -2.47 -11.83 -1.30
C LEU A 58 -3.72 -12.63 -1.67
N PRO A 59 -4.41 -13.16 -0.64
CA PRO A 59 -5.63 -13.94 -0.84
C PRO A 59 -6.80 -13.10 -1.32
N GLY A 60 -6.61 -11.78 -1.33
CA GLY A 60 -7.66 -10.88 -1.77
C GLY A 60 -7.58 -10.58 -3.25
N SER A 61 -8.74 -10.42 -3.88
CA SER A 61 -8.79 -10.13 -5.32
C SER A 61 -9.32 -8.73 -5.56
N GLY A 62 -8.93 -8.14 -6.69
CA GLY A 62 -9.35 -6.80 -7.03
C GLY A 62 -9.12 -5.82 -5.91
N LEU A 63 -10.13 -4.99 -5.63
CA LEU A 63 -10.02 -3.99 -4.57
C LEU A 63 -10.26 -4.62 -3.20
N GLY A 64 -10.54 -5.92 -3.19
CA GLY A 64 -10.79 -6.62 -1.95
C GLY A 64 -9.54 -6.73 -1.08
N ARG A 65 -8.41 -7.05 -1.71
CA ARG A 65 -7.16 -7.18 -1.00
C ARG A 65 -6.77 -5.88 -0.31
N ILE A 66 -7.32 -4.77 -0.81
CA ILE A 66 -7.04 -3.46 -0.24
C ILE A 66 -7.25 -3.45 1.27
N GLU A 67 -8.18 -4.29 1.73
CA GLU A 67 -8.48 -4.39 3.16
C GLU A 67 -7.48 -5.30 3.86
N ASN A 68 -7.01 -6.31 3.14
CA ASN A 68 -6.05 -7.27 3.71
C ASN A 68 -4.65 -6.65 3.77
N ALA A 69 -4.15 -6.20 2.63
CA ALA A 69 -2.83 -5.59 2.56
C ALA A 69 -2.72 -4.40 3.52
N MET A 70 -3.64 -3.45 3.38
CA MET A 70 -3.64 -2.27 4.23
C MET A 70 -3.62 -2.67 5.71
N ASN A 71 -4.49 -3.59 6.09
CA ASN A 71 -4.58 -4.05 7.46
C ASN A 71 -3.26 -4.67 7.90
N GLU A 72 -2.44 -5.07 6.93
CA GLU A 72 -1.14 -5.67 7.22
C GLU A 72 -0.07 -4.60 7.40
N ILE A 73 -0.07 -3.62 6.51
CA ILE A 73 0.90 -2.53 6.57
C ILE A 73 0.57 -1.55 7.68
N SER A 74 -0.70 -1.53 8.10
CA SER A 74 -1.14 -0.63 9.16
C SER A 74 -0.69 -1.15 10.52
N ARG A 75 -0.35 -2.42 10.59
CA ARG A 75 0.10 -3.05 11.83
C ARG A 75 1.21 -2.22 12.47
N ARG A 76 2.25 -1.91 11.68
CA ARG A 76 3.37 -1.13 12.17
C ARG A 76 3.03 0.35 12.23
N GLU A 77 3.21 0.95 13.41
CA GLU A 77 2.91 2.36 13.58
C GLU A 77 4.10 3.09 14.20
N ASN A 78 4.76 3.92 13.39
CA ASN A 78 5.91 4.69 13.86
C ASN A 78 5.86 6.12 13.36
N PRO A 79 6.61 7.01 14.03
CA PRO A 79 6.66 8.43 13.68
C PRO A 79 7.38 8.67 12.36
N MET A 2 9.23 13.90 -5.12
CA MET A 2 10.27 12.87 -5.08
C MET A 2 9.68 11.52 -4.67
N LYS A 3 8.64 11.57 -3.84
CA LYS A 3 7.99 10.34 -3.37
C LYS A 3 6.56 10.27 -3.89
N PHE A 4 6.38 9.54 -4.99
CA PHE A 4 5.06 9.38 -5.60
C PHE A 4 4.91 8.01 -6.24
N ILE A 5 3.79 7.35 -5.97
CA ILE A 5 3.53 6.03 -6.53
C ILE A 5 2.07 5.89 -6.95
N LYS A 6 1.82 4.96 -7.87
CA LYS A 6 0.47 4.72 -8.37
C LYS A 6 -0.37 4.02 -7.31
N TYR A 7 -1.68 3.96 -7.55
CA TYR A 7 -2.60 3.31 -6.62
C TYR A 7 -2.47 1.79 -6.70
N LEU A 8 -2.81 1.12 -5.60
CA LEU A 8 -2.74 -0.33 -5.55
C LEU A 8 -4.14 -0.95 -5.59
N SER A 9 -4.79 -0.86 -6.74
CA SER A 9 -6.13 -1.41 -6.91
C SER A 9 -6.33 -1.95 -8.31
N THR A 10 -7.34 -2.79 -8.48
CA THR A 10 -7.65 -3.38 -9.78
C THR A 10 -8.67 -2.55 -10.55
N ALA A 11 -9.94 -2.67 -10.13
CA ALA A 11 -11.01 -1.93 -10.78
C ALA A 11 -11.63 -0.92 -9.81
N HIS A 12 -11.60 0.36 -10.21
CA HIS A 12 -12.15 1.42 -9.39
C HIS A 12 -13.57 1.08 -8.93
N LEU A 13 -13.72 0.78 -7.65
CA LEU A 13 -15.03 0.44 -7.10
C LEU A 13 -15.18 0.99 -5.68
N ASN A 14 -16.30 1.67 -5.44
CA ASN A 14 -16.56 2.25 -4.12
C ASN A 14 -15.48 3.25 -3.74
N TYR A 15 -14.77 3.77 -4.73
CA TYR A 15 -13.71 4.73 -4.50
C TYR A 15 -12.59 4.12 -3.65
N MET A 16 -12.06 2.99 -4.11
CA MET A 16 -11.00 2.31 -3.40
C MET A 16 -9.68 2.44 -4.14
N ASN A 17 -8.68 3.01 -3.48
CA ASN A 17 -7.36 3.19 -4.07
C ASN A 17 -6.31 3.43 -3.00
N ILE A 18 -5.29 2.58 -2.97
CA ILE A 18 -4.21 2.70 -2.01
C ILE A 18 -3.03 3.48 -2.58
N ALA A 19 -2.80 4.68 -2.05
CA ALA A 19 -1.71 5.52 -2.52
C ALA A 19 -0.42 5.18 -1.79
N VAL A 20 0.63 4.90 -2.57
CA VAL A 20 1.94 4.56 -2.00
C VAL A 20 2.96 5.65 -2.27
N TYR A 21 4.08 5.59 -1.57
CA TYR A 21 5.15 6.58 -1.74
C TYR A 21 6.52 5.94 -1.53
N GLU A 22 7.43 6.21 -2.45
CA GLU A 22 8.78 5.66 -2.38
C GLU A 22 9.79 6.76 -2.10
N ASN A 23 10.90 6.40 -1.45
CA ASN A 23 11.95 7.34 -1.11
C ASN A 23 13.06 7.32 -2.16
N GLY A 24 13.67 8.48 -2.40
CA GLY A 24 14.74 8.57 -3.37
C GLY A 24 15.95 7.74 -2.98
N SER A 25 16.10 7.51 -1.68
CA SER A 25 17.23 6.73 -1.17
C SER A 25 16.92 5.24 -1.20
N LYS A 26 15.98 4.81 -0.36
CA LYS A 26 15.59 3.41 -0.30
C LYS A 26 14.13 3.25 -0.69
N ILE A 27 13.64 2.01 -0.60
CA ILE A 27 12.25 1.71 -0.94
C ILE A 27 11.33 1.96 0.24
N LYS A 28 10.17 2.55 -0.03
CA LYS A 28 9.19 2.85 1.01
C LYS A 28 7.79 2.48 0.55
N ALA A 29 7.00 1.91 1.47
CA ALA A 29 5.63 1.51 1.15
C ALA A 29 4.66 2.03 2.21
N ARG A 30 3.92 3.07 1.87
CA ARG A 30 2.96 3.66 2.80
C ARG A 30 1.54 3.54 2.25
N VAL A 31 0.74 2.67 2.87
CA VAL A 31 -0.64 2.46 2.44
C VAL A 31 -1.54 3.59 2.93
N GLU A 32 -1.96 4.43 1.99
CA GLU A 32 -2.83 5.57 2.32
C GLU A 32 -4.21 5.40 1.68
N ASN A 33 -5.23 5.28 2.51
CA ASN A 33 -6.60 5.12 2.02
C ASN A 33 -7.16 6.45 1.53
N VAL A 34 -8.13 6.37 0.61
CA VAL A 34 -8.74 7.56 0.05
C VAL A 34 -10.26 7.54 0.25
N VAL A 35 -10.83 6.34 0.23
CA VAL A 35 -12.27 6.18 0.41
C VAL A 35 -12.76 6.91 1.65
N ASN A 36 -11.88 7.04 2.64
CA ASN A 36 -12.22 7.73 3.88
C ASN A 36 -11.49 9.06 3.98
N GLY A 37 -10.44 9.22 3.18
CA GLY A 37 -9.67 10.46 3.20
C GLY A 37 -8.56 10.43 4.22
N LYS A 38 -8.57 9.41 5.08
CA LYS A 38 -7.54 9.27 6.11
C LYS A 38 -6.55 8.18 5.74
N SER A 39 -5.30 8.35 6.18
CA SER A 39 -4.25 7.38 5.89
C SER A 39 -4.04 6.43 7.07
N VAL A 40 -4.01 5.13 6.77
CA VAL A 40 -3.82 4.12 7.81
C VAL A 40 -2.84 3.06 7.36
N GLY A 41 -1.60 3.48 7.06
CA GLY A 41 -0.59 2.54 6.62
C GLY A 41 0.80 3.15 6.64
N ALA A 42 1.74 2.45 7.26
CA ALA A 42 3.12 2.93 7.35
C ALA A 42 4.10 1.76 7.43
N ARG A 43 4.99 1.66 6.46
CA ARG A 43 5.97 0.58 6.42
C ARG A 43 7.22 1.02 5.66
N ASP A 44 8.32 0.33 5.90
CA ASP A 44 9.58 0.63 5.23
C ASP A 44 10.19 -0.61 4.59
N PHE A 45 10.40 -0.55 3.28
CA PHE A 45 10.98 -1.68 2.56
C PHE A 45 12.42 -1.40 2.17
N ASP A 46 13.04 -2.36 1.49
CA ASP A 46 14.44 -2.21 1.06
C ASP A 46 14.55 -2.35 -0.46
N SER A 47 13.98 -3.42 -0.99
CA SER A 47 14.03 -3.67 -2.43
C SER A 47 12.65 -3.54 -3.05
N THR A 48 12.60 -3.01 -4.27
CA THR A 48 11.33 -2.83 -4.97
C THR A 48 10.70 -4.17 -5.35
N GLU A 49 11.56 -5.16 -5.60
CA GLU A 49 11.09 -6.49 -5.97
C GLU A 49 10.06 -7.01 -4.97
N GLN A 50 10.47 -7.07 -3.71
CA GLN A 50 9.58 -7.55 -2.65
C GLN A 50 8.39 -6.62 -2.48
N LEU A 51 8.58 -5.35 -2.83
CA LEU A 51 7.51 -4.36 -2.71
C LEU A 51 6.27 -4.81 -3.46
N GLU A 52 6.43 -5.06 -4.76
CA GLU A 52 5.31 -5.50 -5.59
C GLU A 52 4.84 -6.89 -5.19
N SER A 53 5.79 -7.73 -4.78
CA SER A 53 5.48 -9.10 -4.37
C SER A 53 4.57 -9.10 -3.15
N TRP A 54 4.61 -8.01 -2.39
CA TRP A 54 3.79 -7.90 -1.19
C TRP A 54 2.32 -7.63 -1.55
N PHE A 55 2.10 -6.65 -2.43
CA PHE A 55 0.76 -6.30 -2.85
C PHE A 55 0.19 -7.36 -3.81
N TYR A 56 1.04 -8.30 -4.20
CA TYR A 56 0.64 -9.37 -5.11
C TYR A 56 0.58 -10.71 -4.38
N GLY A 57 1.25 -10.79 -3.24
CA GLY A 57 1.28 -12.02 -2.48
C GLY A 57 0.13 -12.10 -1.48
N LEU A 58 -0.86 -11.22 -1.66
CA LEU A 58 -2.02 -11.19 -0.77
C LEU A 58 -3.14 -12.09 -1.30
N PRO A 59 -4.03 -12.52 -0.40
CA PRO A 59 -5.16 -13.38 -0.75
C PRO A 59 -6.21 -12.65 -1.59
N GLY A 60 -6.57 -11.45 -1.14
CA GLY A 60 -7.56 -10.66 -1.86
C GLY A 60 -7.19 -10.44 -3.31
N SER A 61 -8.09 -9.82 -4.07
CA SER A 61 -7.85 -9.56 -5.48
C SER A 61 -8.26 -8.13 -5.85
N GLY A 62 -7.28 -7.24 -5.96
CA GLY A 62 -7.57 -5.86 -6.29
C GLY A 62 -8.21 -5.10 -5.15
N LEU A 63 -9.42 -4.61 -5.37
CA LEU A 63 -10.14 -3.86 -4.35
C LEU A 63 -10.31 -4.69 -3.08
N GLY A 64 -10.17 -6.01 -3.21
CA GLY A 64 -10.30 -6.89 -2.07
C GLY A 64 -9.10 -6.82 -1.15
N ARG A 65 -7.92 -7.10 -1.70
CA ARG A 65 -6.68 -7.08 -0.92
C ARG A 65 -6.48 -5.72 -0.26
N ILE A 66 -7.14 -4.70 -0.80
CA ILE A 66 -7.04 -3.36 -0.25
C ILE A 66 -7.28 -3.36 1.26
N GLU A 67 -8.06 -4.32 1.73
CA GLU A 67 -8.37 -4.43 3.14
C GLU A 67 -7.22 -5.08 3.90
N ASN A 68 -6.67 -6.14 3.34
CA ASN A 68 -5.55 -6.85 3.96
C ASN A 68 -4.27 -6.03 3.88
N ALA A 69 -3.89 -5.67 2.66
CA ALA A 69 -2.68 -4.88 2.44
C ALA A 69 -2.68 -3.62 3.30
N MET A 70 -3.89 -3.14 3.64
CA MET A 70 -4.03 -1.94 4.46
C MET A 70 -3.91 -2.28 5.94
N ASN A 71 -4.77 -3.18 6.41
CA ASN A 71 -4.77 -3.59 7.81
C ASN A 71 -3.42 -4.21 8.19
N GLU A 72 -2.66 -4.62 7.18
CA GLU A 72 -1.35 -5.22 7.41
C GLU A 72 -0.28 -4.15 7.59
N ILE A 73 -0.21 -3.23 6.63
CA ILE A 73 0.76 -2.15 6.68
C ILE A 73 0.44 -1.16 7.80
N SER A 74 -0.83 -1.12 8.19
CA SER A 74 -1.26 -0.22 9.25
C SER A 74 -0.72 -0.66 10.60
N ARG A 75 -0.39 -1.94 10.71
CA ARG A 75 0.14 -2.49 11.94
C ARG A 75 1.32 -1.66 12.44
N ARG A 76 2.25 -1.34 11.54
CA ARG A 76 3.42 -0.56 11.89
C ARG A 76 4.30 -1.30 12.88
N GLU A 77 4.66 -2.53 12.54
CA GLU A 77 5.50 -3.36 13.41
C GLU A 77 6.94 -3.39 12.90
N ASN A 78 7.85 -2.84 13.69
CA ASN A 78 9.26 -2.80 13.31
C ASN A 78 9.46 -2.09 11.98
N PRO A 79 9.29 -0.77 11.98
CA PRO A 79 9.44 0.06 10.78
C PRO A 79 10.89 0.15 10.31
N MET A 2 9.80 12.73 -7.01
CA MET A 2 10.75 11.84 -6.34
C MET A 2 10.03 10.71 -5.61
N LYS A 3 8.84 11.01 -5.10
CA LYS A 3 8.05 10.01 -4.38
C LYS A 3 6.60 10.02 -4.86
N PHE A 4 6.33 9.29 -5.93
CA PHE A 4 4.98 9.22 -6.49
C PHE A 4 4.71 7.84 -7.09
N ILE A 5 3.66 7.20 -6.61
CA ILE A 5 3.29 5.87 -7.10
C ILE A 5 1.79 5.79 -7.41
N LYS A 6 1.43 4.89 -8.30
CA LYS A 6 0.03 4.71 -8.68
C LYS A 6 -0.75 4.01 -7.57
N TYR A 7 -2.05 3.84 -7.78
CA TYR A 7 -2.91 3.19 -6.80
C TYR A 7 -2.69 1.69 -6.81
N LEU A 8 -2.81 1.07 -5.63
CA LEU A 8 -2.63 -0.38 -5.50
C LEU A 8 -3.97 -1.10 -5.44
N SER A 9 -4.66 -1.15 -6.58
CA SER A 9 -5.96 -1.81 -6.65
C SER A 9 -6.40 -1.97 -8.11
N THR A 10 -7.40 -2.81 -8.32
CA THR A 10 -7.92 -3.07 -9.66
C THR A 10 -9.39 -2.70 -9.76
N ALA A 11 -9.77 -2.11 -10.89
CA ALA A 11 -11.16 -1.72 -11.11
C ALA A 11 -11.68 -0.90 -9.95
N HIS A 12 -11.27 0.36 -9.87
CA HIS A 12 -11.70 1.25 -8.80
C HIS A 12 -13.22 1.21 -8.63
N LEU A 13 -13.67 0.89 -7.43
CA LEU A 13 -15.09 0.81 -7.14
C LEU A 13 -15.39 1.31 -5.73
N ASN A 14 -16.44 2.13 -5.60
CA ASN A 14 -16.83 2.68 -4.31
C ASN A 14 -15.72 3.55 -3.73
N TYR A 15 -14.86 4.07 -4.61
CA TYR A 15 -13.76 4.92 -4.18
C TYR A 15 -12.76 4.13 -3.35
N MET A 16 -12.30 3.00 -3.88
CA MET A 16 -11.34 2.15 -3.18
C MET A 16 -10.00 2.15 -3.91
N ASN A 17 -8.96 2.66 -3.25
CA ASN A 17 -7.63 2.72 -3.83
C ASN A 17 -6.58 2.96 -2.75
N ILE A 18 -5.34 2.55 -3.05
CA ILE A 18 -4.24 2.73 -2.10
C ILE A 18 -3.07 3.47 -2.75
N ALA A 19 -2.82 4.68 -2.27
CA ALA A 19 -1.72 5.49 -2.80
C ALA A 19 -0.41 5.18 -2.09
N VAL A 20 0.65 4.96 -2.87
CA VAL A 20 1.96 4.64 -2.32
C VAL A 20 2.99 5.68 -2.73
N TYR A 21 4.14 5.68 -2.06
CA TYR A 21 5.21 6.63 -2.36
C TYR A 21 6.57 5.98 -2.12
N GLU A 22 7.46 6.13 -3.09
CA GLU A 22 8.81 5.58 -2.99
C GLU A 22 9.82 6.66 -2.66
N ASN A 23 10.90 6.28 -1.97
CA ASN A 23 11.94 7.22 -1.59
C ASN A 23 13.19 7.01 -2.45
N GLY A 24 13.92 8.10 -2.68
CA GLY A 24 15.13 8.03 -3.48
C GLY A 24 16.19 7.13 -2.84
N SER A 25 16.60 7.48 -1.63
CA SER A 25 17.61 6.71 -0.91
C SER A 25 17.25 5.23 -0.88
N LYS A 26 16.27 4.89 -0.04
CA LYS A 26 15.84 3.51 0.09
C LYS A 26 14.39 3.36 -0.38
N ILE A 27 13.86 2.14 -0.24
CA ILE A 27 12.48 1.87 -0.65
C ILE A 27 11.49 2.21 0.46
N LYS A 28 10.41 2.88 0.10
CA LYS A 28 9.39 3.27 1.06
C LYS A 28 8.00 2.86 0.59
N ALA A 29 7.19 2.35 1.51
CA ALA A 29 5.83 1.92 1.18
C ALA A 29 4.82 2.48 2.18
N ARG A 30 4.07 3.48 1.75
CA ARG A 30 3.06 4.10 2.60
C ARG A 30 1.66 3.91 2.03
N VAL A 31 0.89 3.02 2.64
CA VAL A 31 -0.47 2.75 2.19
C VAL A 31 -1.43 3.85 2.63
N GLU A 32 -1.93 4.62 1.67
CA GLU A 32 -2.85 5.70 1.96
C GLU A 32 -4.25 5.40 1.40
N ASN A 33 -5.22 5.27 2.29
CA ASN A 33 -6.59 4.98 1.89
C ASN A 33 -7.26 6.22 1.30
N VAL A 34 -8.31 6.00 0.52
CA VAL A 34 -9.04 7.11 -0.10
C VAL A 34 -10.55 6.89 0.00
N VAL A 35 -10.94 5.80 0.65
CA VAL A 35 -12.35 5.47 0.82
C VAL A 35 -12.94 6.19 2.03
N ASN A 36 -12.06 6.63 2.93
CA ASN A 36 -12.50 7.32 4.13
C ASN A 36 -11.97 8.75 4.16
N GLY A 37 -10.97 9.02 3.32
CA GLY A 37 -10.38 10.35 3.27
C GLY A 37 -9.26 10.54 4.26
N LYS A 38 -8.64 9.43 4.67
CA LYS A 38 -7.54 9.47 5.62
C LYS A 38 -6.48 8.43 5.29
N SER A 39 -5.27 8.65 5.78
CA SER A 39 -4.17 7.73 5.52
C SER A 39 -3.96 6.79 6.71
N VAL A 40 -3.95 5.49 6.43
CA VAL A 40 -3.75 4.49 7.48
C VAL A 40 -2.75 3.42 7.03
N GLY A 41 -1.52 3.84 6.78
CA GLY A 41 -0.49 2.91 6.36
C GLY A 41 0.90 3.52 6.41
N ALA A 42 1.82 2.82 7.06
CA ALA A 42 3.19 3.31 7.17
C ALA A 42 4.18 2.13 7.28
N ARG A 43 5.04 2.01 6.29
CA ARG A 43 6.03 0.94 6.27
C ARG A 43 7.26 1.34 5.47
N ASP A 44 8.32 0.55 5.56
CA ASP A 44 9.56 0.82 4.84
C ASP A 44 10.18 -0.47 4.33
N PHE A 45 10.53 -0.48 3.04
CA PHE A 45 11.14 -1.66 2.43
C PHE A 45 12.60 -1.38 2.06
N ASP A 46 13.25 -2.39 1.49
CA ASP A 46 14.65 -2.25 1.09
C ASP A 46 14.78 -2.28 -0.43
N SER A 47 14.16 -3.28 -1.06
CA SER A 47 14.21 -3.42 -2.50
C SER A 47 12.81 -3.38 -3.11
N THR A 48 12.67 -2.66 -4.21
CA THR A 48 11.39 -2.54 -4.90
C THR A 48 10.86 -3.90 -5.32
N GLU A 49 11.78 -4.82 -5.61
CA GLU A 49 11.41 -6.17 -6.03
C GLU A 49 10.42 -6.79 -5.07
N GLN A 50 10.81 -6.88 -3.80
CA GLN A 50 9.95 -7.46 -2.77
C GLN A 50 8.73 -6.58 -2.52
N LEU A 51 8.87 -5.29 -2.81
CA LEU A 51 7.77 -4.35 -2.61
C LEU A 51 6.50 -4.84 -3.30
N GLU A 52 6.56 -4.99 -4.62
CA GLU A 52 5.42 -5.45 -5.39
C GLU A 52 5.02 -6.86 -4.97
N SER A 53 5.98 -7.61 -4.44
CA SER A 53 5.73 -8.99 -4.01
C SER A 53 4.78 -9.01 -2.82
N TRP A 54 4.75 -7.92 -2.07
CA TRP A 54 3.88 -7.82 -0.90
C TRP A 54 2.43 -7.63 -1.32
N PHE A 55 2.18 -6.62 -2.15
CA PHE A 55 0.83 -6.34 -2.62
C PHE A 55 0.37 -7.39 -3.62
N TYR A 56 1.29 -8.27 -4.01
CA TYR A 56 0.97 -9.33 -4.96
C TYR A 56 0.90 -10.69 -4.27
N GLY A 57 1.51 -10.77 -3.09
CA GLY A 57 1.50 -12.02 -2.34
C GLY A 57 0.20 -12.22 -1.59
N LEU A 58 -0.46 -11.13 -1.20
CA LEU A 58 -1.71 -11.21 -0.48
C LEU A 58 -2.71 -12.11 -1.19
N PRO A 59 -3.63 -12.71 -0.43
CA PRO A 59 -4.65 -13.59 -0.98
C PRO A 59 -5.69 -12.85 -1.81
N GLY A 60 -6.21 -11.76 -1.26
CA GLY A 60 -7.20 -10.97 -1.97
C GLY A 60 -6.74 -10.56 -3.35
N SER A 61 -7.62 -9.93 -4.11
CA SER A 61 -7.30 -9.50 -5.46
C SER A 61 -8.09 -8.24 -5.84
N GLY A 62 -7.38 -7.16 -6.14
CA GLY A 62 -8.04 -5.92 -6.51
C GLY A 62 -8.40 -5.08 -5.30
N LEU A 63 -9.60 -4.51 -5.33
CA LEU A 63 -10.08 -3.68 -4.23
C LEU A 63 -10.18 -4.48 -2.94
N GLY A 64 -10.17 -5.80 -3.06
CA GLY A 64 -10.26 -6.67 -1.90
C GLY A 64 -9.04 -6.55 -1.01
N ARG A 65 -7.88 -6.35 -1.62
CA ARG A 65 -6.64 -6.22 -0.86
C ARG A 65 -6.54 -4.86 -0.20
N ILE A 66 -7.46 -3.98 -0.53
CA ILE A 66 -7.49 -2.64 0.04
C ILE A 66 -7.53 -2.68 1.56
N GLU A 67 -8.28 -3.63 2.10
CA GLU A 67 -8.42 -3.78 3.54
C GLU A 67 -7.34 -4.73 4.09
N ASN A 68 -7.05 -5.78 3.32
CA ASN A 68 -6.04 -6.75 3.72
C ASN A 68 -4.66 -6.11 3.80
N ALA A 69 -4.21 -5.53 2.70
CA ALA A 69 -2.91 -4.88 2.63
C ALA A 69 -2.83 -3.73 3.64
N MET A 70 -3.80 -2.83 3.58
CA MET A 70 -3.83 -1.68 4.48
C MET A 70 -3.75 -2.13 5.94
N ASN A 71 -4.56 -3.13 6.29
CA ASN A 71 -4.59 -3.65 7.65
C ASN A 71 -3.21 -4.18 8.05
N GLU A 72 -2.37 -4.47 7.05
CA GLU A 72 -1.03 -4.97 7.30
C GLU A 72 -0.04 -3.84 7.49
N ILE A 73 -0.02 -2.90 6.55
CA ILE A 73 0.88 -1.76 6.62
C ILE A 73 0.45 -0.79 7.71
N SER A 74 -0.79 -0.93 8.18
CA SER A 74 -1.32 -0.07 9.22
C SER A 74 -0.96 -0.61 10.60
N ARG A 75 -0.19 -1.68 10.63
CA ARG A 75 0.23 -2.30 11.88
C ARG A 75 1.36 -1.51 12.53
N ARG A 76 1.94 -2.07 13.58
CA ARG A 76 3.03 -1.42 14.30
C ARG A 76 4.32 -1.48 13.47
N GLU A 77 5.38 -0.89 14.02
CA GLU A 77 6.68 -0.88 13.34
C GLU A 77 7.66 -1.83 14.00
N ASN A 78 8.83 -1.97 13.40
CA ASN A 78 9.86 -2.86 13.94
C ASN A 78 10.62 -2.19 15.08
N PRO A 79 11.20 -3.02 15.96
CA PRO A 79 11.97 -2.53 17.11
C PRO A 79 13.28 -1.88 16.70
N MET A 2 12.15 12.65 -7.18
CA MET A 2 10.72 12.43 -7.12
C MET A 2 10.39 11.15 -6.37
N LYS A 3 9.48 11.25 -5.40
CA LYS A 3 9.08 10.09 -4.62
C LYS A 3 7.55 9.95 -4.58
N PHE A 4 7.01 9.32 -5.62
CA PHE A 4 5.57 9.12 -5.72
C PHE A 4 5.25 7.81 -6.44
N ILE A 5 4.09 7.24 -6.12
CA ILE A 5 3.67 5.99 -6.73
C ILE A 5 2.18 6.02 -7.06
N LYS A 6 1.79 5.23 -8.06
CA LYS A 6 0.39 5.16 -8.47
C LYS A 6 -0.45 4.41 -7.44
N TYR A 7 -1.73 4.23 -7.74
CA TYR A 7 -2.64 3.53 -6.83
C TYR A 7 -2.37 2.03 -6.86
N LEU A 8 -2.83 1.34 -5.83
CA LEU A 8 -2.65 -0.11 -5.73
C LEU A 8 -4.00 -0.82 -5.70
N SER A 9 -4.70 -0.81 -6.82
CA SER A 9 -6.00 -1.47 -6.93
C SER A 9 -6.20 -2.06 -8.32
N THR A 10 -7.17 -2.96 -8.42
CA THR A 10 -7.47 -3.62 -9.69
C THR A 10 -8.70 -3.00 -10.36
N ALA A 11 -9.88 -3.32 -9.83
CA ALA A 11 -11.13 -2.79 -10.36
C ALA A 11 -11.41 -1.40 -9.83
N HIS A 12 -12.59 -0.87 -10.16
CA HIS A 12 -12.98 0.46 -9.70
C HIS A 12 -14.18 0.37 -8.77
N LEU A 13 -14.00 0.85 -7.53
CA LEU A 13 -15.05 0.83 -6.53
C LEU A 13 -15.43 2.24 -6.11
N ASN A 14 -16.63 2.40 -5.56
CA ASN A 14 -17.11 3.69 -5.11
C ASN A 14 -15.95 4.54 -4.56
N TYR A 15 -15.14 3.93 -3.71
CA TYR A 15 -14.01 4.63 -3.11
C TYR A 15 -12.96 3.63 -2.63
N MET A 16 -12.09 3.21 -3.55
CA MET A 16 -11.03 2.26 -3.22
C MET A 16 -9.74 2.61 -3.97
N ASN A 17 -8.74 3.04 -3.22
CA ASN A 17 -7.44 3.41 -3.81
C ASN A 17 -6.36 3.49 -2.73
N ILE A 18 -5.15 3.09 -3.10
CA ILE A 18 -4.03 3.12 -2.17
C ILE A 18 -2.85 3.88 -2.76
N ALA A 19 -2.61 5.08 -2.26
CA ALA A 19 -1.50 5.91 -2.73
C ALA A 19 -0.21 5.58 -1.99
N VAL A 20 0.83 5.26 -2.74
CA VAL A 20 2.12 4.93 -2.16
C VAL A 20 3.21 5.89 -2.63
N TYR A 21 4.35 5.88 -1.94
CA TYR A 21 5.47 6.75 -2.29
C TYR A 21 6.79 6.06 -2.05
N GLU A 22 7.68 6.12 -3.05
CA GLU A 22 8.99 5.49 -2.94
C GLU A 22 10.09 6.55 -2.91
N ASN A 23 10.97 6.45 -1.92
CA ASN A 23 12.07 7.39 -1.77
C ASN A 23 13.24 7.02 -2.67
N GLY A 24 13.98 8.03 -3.13
CA GLY A 24 15.12 7.78 -4.00
C GLY A 24 16.20 6.97 -3.33
N SER A 25 16.59 7.40 -2.12
CA SER A 25 17.63 6.71 -1.37
C SER A 25 17.27 5.24 -1.17
N LYS A 26 16.33 4.98 -0.26
CA LYS A 26 15.90 3.63 0.03
C LYS A 26 14.46 3.41 -0.40
N ILE A 27 13.96 2.19 -0.23
CA ILE A 27 12.59 1.86 -0.59
C ILE A 27 11.62 2.21 0.54
N LYS A 28 10.50 2.81 0.17
CA LYS A 28 9.49 3.20 1.14
C LYS A 28 8.09 2.85 0.65
N ALA A 29 7.24 2.35 1.54
CA ALA A 29 5.88 1.99 1.19
C ALA A 29 4.89 2.55 2.20
N ARG A 30 4.14 3.57 1.79
CA ARG A 30 3.16 4.20 2.66
C ARG A 30 1.75 4.07 2.07
N VAL A 31 0.95 3.20 2.66
CA VAL A 31 -0.42 2.98 2.20
C VAL A 31 -1.33 4.11 2.64
N GLU A 32 -2.03 4.71 1.68
CA GLU A 32 -2.95 5.81 1.97
C GLU A 32 -4.30 5.59 1.30
N ASN A 33 -5.34 5.44 2.11
CA ASN A 33 -6.69 5.21 1.60
C ASN A 33 -7.36 6.53 1.24
N VAL A 34 -8.60 6.45 0.77
CA VAL A 34 -9.35 7.64 0.38
C VAL A 34 -10.77 7.60 0.95
N VAL A 35 -11.37 6.42 0.91
CA VAL A 35 -12.74 6.23 1.41
C VAL A 35 -12.87 6.77 2.82
N ASN A 36 -11.77 6.75 3.58
CA ASN A 36 -11.76 7.23 4.95
C ASN A 36 -11.29 8.68 5.01
N GLY A 37 -10.53 9.09 3.99
CA GLY A 37 -10.04 10.45 3.96
C GLY A 37 -8.83 10.65 4.86
N LYS A 38 -8.40 9.58 5.51
CA LYS A 38 -7.25 9.63 6.42
C LYS A 38 -6.29 8.49 6.14
N SER A 39 -5.13 8.83 5.58
CA SER A 39 -4.11 7.83 5.26
C SER A 39 -3.78 6.98 6.49
N VAL A 40 -4.01 5.68 6.38
CA VAL A 40 -3.74 4.75 7.47
C VAL A 40 -2.76 3.67 7.04
N GLY A 41 -1.52 4.08 6.79
CA GLY A 41 -0.50 3.12 6.37
C GLY A 41 0.90 3.70 6.43
N ALA A 42 1.80 2.99 7.08
CA ALA A 42 3.19 3.44 7.21
C ALA A 42 4.13 2.25 7.34
N ARG A 43 5.10 2.18 6.42
CA ARG A 43 6.08 1.10 6.43
C ARG A 43 7.39 1.54 5.79
N ASP A 44 8.46 0.84 6.12
CA ASP A 44 9.78 1.17 5.57
C ASP A 44 10.45 -0.08 5.01
N PHE A 45 10.44 -0.22 3.69
CA PHE A 45 11.05 -1.36 3.03
C PHE A 45 12.52 -1.10 2.71
N ASP A 46 13.17 -2.07 2.10
CA ASP A 46 14.58 -1.94 1.74
C ASP A 46 14.79 -2.22 0.25
N SER A 47 14.15 -3.28 -0.24
CA SER A 47 14.26 -3.66 -1.64
C SER A 47 12.92 -3.53 -2.35
N THR A 48 12.96 -3.04 -3.59
CA THR A 48 11.75 -2.88 -4.38
C THR A 48 11.11 -4.22 -4.70
N GLU A 49 11.93 -5.25 -4.84
CA GLU A 49 11.45 -6.59 -5.15
C GLU A 49 10.36 -7.01 -4.17
N GLN A 50 10.69 -7.03 -2.88
CA GLN A 50 9.74 -7.41 -1.85
C GLN A 50 8.57 -6.43 -1.80
N LEU A 51 8.83 -5.20 -2.23
CA LEU A 51 7.80 -4.16 -2.23
C LEU A 51 6.57 -4.61 -3.02
N GLU A 52 6.78 -4.93 -4.30
CA GLU A 52 5.68 -5.37 -5.15
C GLU A 52 5.19 -6.76 -4.74
N SER A 53 6.15 -7.64 -4.42
CA SER A 53 5.82 -9.00 -4.02
C SER A 53 4.87 -9.00 -2.83
N TRP A 54 4.90 -7.92 -2.05
CA TRP A 54 4.04 -7.80 -0.88
C TRP A 54 2.59 -7.59 -1.29
N PHE A 55 2.36 -6.62 -2.16
CA PHE A 55 1.03 -6.30 -2.65
C PHE A 55 0.52 -7.38 -3.59
N TYR A 56 1.41 -8.30 -3.95
CA TYR A 56 1.05 -9.39 -4.86
C TYR A 56 0.92 -10.71 -4.11
N GLY A 57 1.53 -10.77 -2.93
CA GLY A 57 1.47 -11.99 -2.13
C GLY A 57 0.21 -12.06 -1.30
N LEU A 58 -0.42 -10.92 -1.06
CA LEU A 58 -1.64 -10.86 -0.27
C LEU A 58 -2.68 -11.85 -0.80
N PRO A 59 -3.63 -12.23 0.06
CA PRO A 59 -4.69 -13.18 -0.29
C PRO A 59 -5.70 -12.57 -1.27
N GLY A 60 -6.15 -11.36 -0.97
CA GLY A 60 -7.10 -10.70 -1.84
C GLY A 60 -6.56 -10.45 -3.22
N SER A 61 -7.23 -9.58 -3.98
CA SER A 61 -6.80 -9.27 -5.34
C SER A 61 -7.45 -7.97 -5.82
N GLY A 62 -6.71 -6.88 -5.73
CA GLY A 62 -7.22 -5.58 -6.16
C GLY A 62 -7.98 -4.87 -5.07
N LEU A 63 -9.20 -4.47 -5.36
CA LEU A 63 -10.04 -3.76 -4.39
C LEU A 63 -10.08 -4.52 -3.07
N GLY A 64 -9.95 -5.84 -3.14
CA GLY A 64 -9.97 -6.65 -1.94
C GLY A 64 -8.75 -6.45 -1.08
N ARG A 65 -7.59 -6.26 -1.71
CA ARG A 65 -6.34 -6.06 -0.99
C ARG A 65 -6.31 -4.69 -0.34
N ILE A 66 -7.29 -3.85 -0.67
CA ILE A 66 -7.37 -2.51 -0.12
C ILE A 66 -7.45 -2.56 1.41
N GLU A 67 -8.21 -3.50 1.93
CA GLU A 67 -8.36 -3.65 3.38
C GLU A 67 -7.28 -4.56 3.95
N ASN A 68 -6.92 -5.58 3.18
CA ASN A 68 -5.90 -6.53 3.60
C ASN A 68 -4.54 -5.85 3.74
N ALA A 69 -4.09 -5.23 2.66
CA ALA A 69 -2.80 -4.54 2.65
C ALA A 69 -2.79 -3.39 3.65
N MET A 70 -3.78 -2.50 3.54
CA MET A 70 -3.89 -1.36 4.43
C MET A 70 -3.83 -1.80 5.88
N ASN A 71 -4.68 -2.76 6.25
CA ASN A 71 -4.72 -3.26 7.61
C ASN A 71 -3.36 -3.84 8.02
N GLU A 72 -2.55 -4.16 7.02
CA GLU A 72 -1.22 -4.72 7.28
C GLU A 72 -0.19 -3.62 7.49
N ILE A 73 -0.14 -2.70 6.52
CA ILE A 73 0.81 -1.58 6.60
C ILE A 73 0.41 -0.60 7.70
N SER A 74 -0.82 -0.70 8.16
CA SER A 74 -1.32 0.19 9.22
C SER A 74 -0.94 -0.34 10.59
N ARG A 75 -0.18 -1.43 10.61
CA ARG A 75 0.25 -2.04 11.86
C ARG A 75 1.51 -1.36 12.40
N ARG A 76 2.12 -1.97 13.40
CA ARG A 76 3.34 -1.42 14.00
C ARG A 76 4.51 -2.37 13.81
N GLU A 77 4.24 -3.67 13.89
CA GLU A 77 5.28 -4.68 13.74
C GLU A 77 4.93 -5.64 12.59
N ASN A 78 5.93 -6.37 12.11
CA ASN A 78 5.73 -7.32 11.03
C ASN A 78 5.39 -8.71 11.57
N PRO A 79 4.50 -9.41 10.87
CA PRO A 79 4.07 -10.76 11.26
C PRO A 79 5.18 -11.79 11.09
N MET A 2 12.54 11.33 -5.69
CA MET A 2 11.12 11.59 -5.80
C MET A 2 10.30 10.50 -5.12
N LYS A 3 9.25 10.91 -4.41
CA LYS A 3 8.40 9.97 -3.71
C LYS A 3 6.99 9.97 -4.30
N PHE A 4 6.79 9.21 -5.37
CA PHE A 4 5.49 9.13 -6.02
C PHE A 4 5.27 7.74 -6.61
N ILE A 5 4.11 7.16 -6.32
CA ILE A 5 3.77 5.83 -6.82
C ILE A 5 2.32 5.76 -7.27
N LYS A 6 2.03 4.85 -8.19
CA LYS A 6 0.67 4.68 -8.71
C LYS A 6 -0.22 4.02 -7.66
N TYR A 7 -1.51 3.99 -7.95
CA TYR A 7 -2.49 3.39 -7.04
C TYR A 7 -2.40 1.86 -7.09
N LEU A 8 -2.83 1.21 -6.02
CA LEU A 8 -2.81 -0.25 -5.95
C LEU A 8 -4.23 -0.81 -5.84
N SER A 9 -4.97 -0.74 -6.95
CA SER A 9 -6.34 -1.24 -6.97
C SER A 9 -6.66 -1.86 -8.33
N THR A 10 -7.74 -2.63 -8.38
CA THR A 10 -8.15 -3.29 -9.61
C THR A 10 -9.58 -2.91 -9.99
N ALA A 11 -10.55 -3.44 -9.25
CA ALA A 11 -11.95 -3.15 -9.51
C ALA A 11 -12.23 -1.65 -9.42
N HIS A 12 -13.50 -1.28 -9.53
CA HIS A 12 -13.90 0.13 -9.46
C HIS A 12 -14.96 0.33 -8.39
N LEU A 13 -14.58 0.99 -7.30
CA LEU A 13 -15.51 1.25 -6.21
C LEU A 13 -15.67 2.75 -5.98
N ASN A 14 -16.77 3.13 -5.35
CA ASN A 14 -17.05 4.55 -5.08
C ASN A 14 -15.76 5.28 -4.68
N TYR A 15 -14.93 4.62 -3.88
CA TYR A 15 -13.68 5.21 -3.43
C TYR A 15 -12.71 4.14 -2.93
N MET A 16 -12.01 3.51 -3.86
CA MET A 16 -11.06 2.47 -3.51
C MET A 16 -9.73 2.66 -4.24
N ASN A 17 -8.69 3.04 -3.50
CA ASN A 17 -7.37 3.26 -4.08
C ASN A 17 -6.31 3.33 -3.00
N ILE A 18 -5.09 2.92 -3.35
CA ILE A 18 -3.98 2.94 -2.40
C ILE A 18 -2.78 3.70 -2.98
N ALA A 19 -2.56 4.91 -2.47
CA ALA A 19 -1.44 5.73 -2.93
C ALA A 19 -0.17 5.39 -2.17
N VAL A 20 0.84 4.94 -2.90
CA VAL A 20 2.12 4.58 -2.30
C VAL A 20 3.17 5.64 -2.57
N TYR A 21 4.28 5.58 -1.84
CA TYR A 21 5.37 6.54 -2.00
C TYR A 21 6.71 5.91 -1.66
N GLU A 22 7.69 6.11 -2.53
CA GLU A 22 9.03 5.57 -2.32
C GLU A 22 9.93 6.57 -1.62
N ASN A 23 10.91 6.06 -0.88
CA ASN A 23 11.84 6.92 -0.15
C ASN A 23 13.14 7.10 -0.93
N GLY A 24 13.08 7.87 -2.02
CA GLY A 24 14.26 8.10 -2.83
C GLY A 24 14.97 6.81 -3.20
N SER A 25 16.28 6.79 -3.02
CA SER A 25 17.08 5.61 -3.34
C SER A 25 16.56 4.39 -2.60
N LYS A 26 15.96 4.61 -1.44
CA LYS A 26 15.42 3.53 -0.63
C LYS A 26 13.97 3.24 -1.01
N ILE A 27 13.55 1.99 -0.84
CA ILE A 27 12.20 1.58 -1.17
C ILE A 27 11.25 1.82 0.01
N LYS A 28 10.19 2.57 -0.24
CA LYS A 28 9.20 2.87 0.81
C LYS A 28 7.80 2.50 0.35
N ALA A 29 7.02 1.93 1.26
CA ALA A 29 5.66 1.53 0.96
C ALA A 29 4.67 2.11 1.96
N ARG A 30 3.92 3.11 1.53
CA ARG A 30 2.94 3.77 2.40
C ARG A 30 1.53 3.59 1.86
N VAL A 31 0.76 2.71 2.49
CA VAL A 31 -0.62 2.45 2.06
C VAL A 31 -1.54 3.56 2.51
N GLU A 32 -1.91 4.44 1.57
CA GLU A 32 -2.79 5.55 1.87
C GLU A 32 -4.16 5.35 1.23
N ASN A 33 -5.19 5.23 2.06
CA ASN A 33 -6.55 5.04 1.57
C ASN A 33 -7.23 6.37 1.30
N VAL A 34 -8.45 6.31 0.78
CA VAL A 34 -9.22 7.52 0.47
C VAL A 34 -10.54 7.54 1.22
N VAL A 35 -11.11 6.36 1.45
CA VAL A 35 -12.38 6.24 2.16
C VAL A 35 -12.34 7.01 3.48
N ASN A 36 -11.57 6.50 4.44
CA ASN A 36 -11.45 7.15 5.74
C ASN A 36 -10.96 8.58 5.59
N GLY A 37 -10.27 8.85 4.49
CA GLY A 37 -9.76 10.19 4.24
C GLY A 37 -8.41 10.42 4.90
N LYS A 38 -7.98 9.45 5.69
CA LYS A 38 -6.69 9.55 6.39
C LYS A 38 -5.82 8.33 6.09
N SER A 39 -4.65 8.57 5.51
CA SER A 39 -3.72 7.51 5.17
C SER A 39 -3.47 6.61 6.38
N VAL A 40 -3.83 5.34 6.26
CA VAL A 40 -3.64 4.38 7.34
C VAL A 40 -2.67 3.27 6.93
N GLY A 41 -1.44 3.66 6.61
CA GLY A 41 -0.44 2.68 6.19
C GLY A 41 0.96 3.26 6.18
N ALA A 42 1.89 2.58 6.84
CA ALA A 42 3.27 3.03 6.91
C ALA A 42 4.23 1.86 7.05
N ARG A 43 5.22 1.78 6.17
CA ARG A 43 6.20 0.71 6.20
C ARG A 43 7.52 1.15 5.59
N ASP A 44 8.60 0.45 5.93
CA ASP A 44 9.92 0.79 5.42
C ASP A 44 10.55 -0.43 4.74
N PHE A 45 10.63 -0.38 3.41
CA PHE A 45 11.22 -1.48 2.65
C PHE A 45 12.66 -1.17 2.26
N ASP A 46 13.28 -2.09 1.53
CA ASP A 46 14.66 -1.91 1.10
C ASP A 46 14.81 -2.27 -0.38
N SER A 47 14.22 -3.39 -0.78
CA SER A 47 14.29 -3.85 -2.16
C SER A 47 12.92 -3.72 -2.84
N THR A 48 12.96 -3.48 -4.15
CA THR A 48 11.73 -3.34 -4.93
C THR A 48 11.03 -4.68 -5.11
N GLU A 49 11.83 -5.73 -5.26
CA GLU A 49 11.28 -7.07 -5.44
C GLU A 49 10.27 -7.41 -4.35
N GLN A 50 10.68 -7.24 -3.10
CA GLN A 50 9.81 -7.52 -1.96
C GLN A 50 8.66 -6.53 -1.90
N LEU A 51 8.87 -5.34 -2.46
CA LEU A 51 7.84 -4.31 -2.47
C LEU A 51 6.59 -4.79 -3.20
N GLU A 52 6.74 -5.08 -4.49
CA GLU A 52 5.62 -5.55 -5.30
C GLU A 52 5.22 -6.97 -4.91
N SER A 53 6.21 -7.75 -4.44
CA SER A 53 5.96 -9.13 -4.04
C SER A 53 4.99 -9.19 -2.86
N TRP A 54 4.98 -8.14 -2.06
CA TRP A 54 4.10 -8.07 -0.90
C TRP A 54 2.64 -7.87 -1.33
N PHE A 55 2.41 -6.85 -2.14
CA PHE A 55 1.07 -6.55 -2.63
C PHE A 55 0.64 -7.56 -3.69
N TYR A 56 1.57 -8.43 -4.09
CA TYR A 56 1.29 -9.44 -5.09
C TYR A 56 1.10 -10.82 -4.45
N GLY A 57 1.69 -10.99 -3.26
CA GLY A 57 1.58 -12.25 -2.57
C GLY A 57 0.18 -12.49 -2.03
N LEU A 58 -0.49 -11.41 -1.62
CA LEU A 58 -1.84 -11.51 -1.09
C LEU A 58 -2.75 -12.30 -2.03
N PRO A 59 -3.79 -12.92 -1.46
CA PRO A 59 -4.76 -13.72 -2.23
C PRO A 59 -5.63 -12.86 -3.14
N GLY A 60 -6.06 -11.71 -2.63
CA GLY A 60 -6.89 -10.82 -3.41
C GLY A 60 -6.20 -10.32 -4.66
N SER A 61 -6.74 -9.26 -5.26
CA SER A 61 -6.16 -8.69 -6.47
C SER A 61 -6.01 -7.18 -6.34
N GLY A 62 -7.15 -6.49 -6.18
CA GLY A 62 -7.12 -5.05 -6.05
C GLY A 62 -8.07 -4.55 -4.98
N LEU A 63 -9.32 -4.32 -5.36
CA LEU A 63 -10.33 -3.84 -4.41
C LEU A 63 -10.35 -4.69 -3.15
N GLY A 64 -10.02 -5.96 -3.29
CA GLY A 64 -9.99 -6.85 -2.15
C GLY A 64 -8.68 -6.79 -1.38
N ARG A 65 -7.61 -6.49 -2.09
CA ARG A 65 -6.29 -6.40 -1.47
C ARG A 65 -6.14 -5.09 -0.70
N ILE A 66 -7.09 -4.18 -0.89
CA ILE A 66 -7.07 -2.90 -0.21
C ILE A 66 -7.39 -3.06 1.27
N GLU A 67 -8.20 -4.06 1.59
CA GLU A 67 -8.59 -4.32 2.96
C GLU A 67 -7.60 -5.26 3.65
N ASN A 68 -6.91 -6.07 2.85
CA ASN A 68 -5.93 -7.01 3.37
C ASN A 68 -4.57 -6.36 3.49
N ALA A 69 -4.07 -5.83 2.38
CA ALA A 69 -2.76 -5.17 2.36
C ALA A 69 -2.70 -4.04 3.38
N MET A 70 -3.62 -3.09 3.26
CA MET A 70 -3.67 -1.95 4.17
C MET A 70 -3.70 -2.43 5.63
N ASN A 71 -4.55 -3.40 5.91
CA ASN A 71 -4.68 -3.95 7.25
C ASN A 71 -3.34 -4.47 7.76
N GLU A 72 -2.46 -4.83 6.83
CA GLU A 72 -1.15 -5.34 7.18
C GLU A 72 -0.15 -4.19 7.36
N ILE A 73 -0.06 -3.34 6.36
CA ILE A 73 0.85 -2.20 6.40
C ILE A 73 0.49 -1.24 7.53
N SER A 74 -0.77 -1.29 7.95
CA SER A 74 -1.26 -0.42 9.03
C SER A 74 -1.03 -1.07 10.38
N ARG A 75 -0.38 -2.23 10.38
CA ARG A 75 -0.10 -2.96 11.62
C ARG A 75 0.59 -2.05 12.64
N ARG A 76 1.71 -1.48 12.24
CA ARG A 76 2.48 -0.59 13.12
C ARG A 76 2.81 -1.29 14.44
N GLU A 77 2.89 -2.62 14.40
CA GLU A 77 3.19 -3.39 15.60
C GLU A 77 4.60 -3.08 16.10
N ASN A 78 4.92 -3.60 17.29
CA ASN A 78 6.23 -3.37 17.89
C ASN A 78 6.68 -1.93 17.66
N PRO A 79 5.98 -0.98 18.32
CA PRO A 79 6.30 0.45 18.21
C PRO A 79 7.62 0.80 18.89
N MET A 2 10.57 12.47 -6.45
CA MET A 2 11.36 11.39 -5.86
C MET A 2 10.45 10.32 -5.25
N LYS A 3 9.47 10.77 -4.48
CA LYS A 3 8.53 9.86 -3.83
C LYS A 3 7.16 9.92 -4.51
N PHE A 4 7.00 9.15 -5.57
CA PHE A 4 5.75 9.12 -6.31
C PHE A 4 5.49 7.72 -6.88
N ILE A 5 4.37 7.12 -6.50
CA ILE A 5 4.01 5.79 -6.97
C ILE A 5 2.54 5.73 -7.36
N LYS A 6 2.20 4.79 -8.24
CA LYS A 6 0.83 4.62 -8.69
C LYS A 6 -0.03 3.99 -7.60
N TYR A 7 -1.34 3.93 -7.85
CA TYR A 7 -2.26 3.35 -6.88
C TYR A 7 -2.25 1.82 -6.96
N LEU A 8 -2.47 1.18 -5.81
CA LEU A 8 -2.48 -0.27 -5.75
C LEU A 8 -3.91 -0.80 -5.79
N SER A 9 -4.59 -0.58 -6.91
CA SER A 9 -5.97 -1.04 -7.08
C SER A 9 -6.25 -1.39 -8.54
N THR A 10 -7.17 -2.33 -8.74
CA THR A 10 -7.53 -2.77 -10.09
C THR A 10 -8.84 -2.12 -10.54
N ALA A 11 -9.94 -2.59 -10.00
CA ALA A 11 -11.26 -2.06 -10.34
C ALA A 11 -11.59 -0.83 -9.49
N HIS A 12 -12.85 -0.41 -9.55
CA HIS A 12 -13.30 0.75 -8.78
C HIS A 12 -14.53 0.40 -7.96
N LEU A 13 -14.34 0.32 -6.64
CA LEU A 13 -15.43 -0.01 -5.73
C LEU A 13 -15.29 0.75 -4.42
N ASN A 14 -16.26 1.62 -4.14
CA ASN A 14 -16.25 2.40 -2.91
C ASN A 14 -14.99 3.26 -2.83
N TYR A 15 -14.51 3.73 -3.98
CA TYR A 15 -13.32 4.55 -4.05
C TYR A 15 -12.17 3.91 -3.28
N MET A 16 -11.83 2.67 -3.66
CA MET A 16 -10.75 1.95 -3.01
C MET A 16 -9.44 2.12 -3.78
N ASN A 17 -8.47 2.79 -3.16
CA ASN A 17 -7.18 3.03 -3.78
C ASN A 17 -6.09 3.19 -2.72
N ILE A 18 -4.87 2.78 -3.08
CA ILE A 18 -3.74 2.89 -2.16
C ILE A 18 -2.57 3.63 -2.81
N ALA A 19 -2.32 4.84 -2.33
CA ALA A 19 -1.23 5.66 -2.86
C ALA A 19 0.08 5.34 -2.17
N VAL A 20 1.03 4.80 -2.93
CA VAL A 20 2.34 4.45 -2.39
C VAL A 20 3.37 5.53 -2.68
N TYR A 21 4.50 5.46 -1.99
CA TYR A 21 5.56 6.44 -2.17
C TYR A 21 6.93 5.81 -1.93
N GLU A 22 7.86 6.06 -2.84
CA GLU A 22 9.22 5.52 -2.72
C GLU A 22 10.10 6.44 -1.88
N ASN A 23 11.09 5.85 -1.22
CA ASN A 23 12.01 6.63 -0.39
C ASN A 23 13.38 6.76 -1.07
N GLY A 24 13.44 7.59 -2.10
CA GLY A 24 14.69 7.78 -2.82
C GLY A 24 15.32 6.48 -3.25
N SER A 25 16.62 6.35 -3.03
CA SER A 25 17.34 5.13 -3.42
C SER A 25 16.79 3.91 -2.70
N LYS A 26 16.15 4.15 -1.56
CA LYS A 26 15.56 3.06 -0.78
C LYS A 26 14.09 2.86 -1.16
N ILE A 27 13.64 1.61 -1.08
CA ILE A 27 12.26 1.28 -1.41
C ILE A 27 11.34 1.47 -0.21
N LYS A 28 10.31 2.29 -0.39
CA LYS A 28 9.35 2.57 0.68
C LYS A 28 7.93 2.27 0.22
N ALA A 29 7.14 1.68 1.12
CA ALA A 29 5.76 1.35 0.80
C ALA A 29 4.81 1.93 1.85
N ARG A 30 4.11 3.00 1.47
CA ARG A 30 3.17 3.65 2.37
C ARG A 30 1.74 3.52 1.85
N VAL A 31 0.95 2.68 2.52
CA VAL A 31 -0.44 2.47 2.12
C VAL A 31 -1.32 3.62 2.58
N GLU A 32 -1.81 4.39 1.61
CA GLU A 32 -2.67 5.53 1.91
C GLU A 32 -4.03 5.38 1.23
N ASN A 33 -5.08 5.31 2.04
CA ASN A 33 -6.44 5.16 1.52
C ASN A 33 -7.00 6.50 1.08
N VAL A 34 -8.11 6.46 0.34
CA VAL A 34 -8.74 7.69 -0.14
C VAL A 34 -10.19 7.77 0.34
N VAL A 35 -10.88 6.64 0.33
CA VAL A 35 -12.27 6.59 0.77
C VAL A 35 -12.41 7.07 2.21
N ASN A 36 -11.38 6.83 3.01
CA ASN A 36 -11.38 7.24 4.41
C ASN A 36 -10.76 8.62 4.58
N GLY A 37 -9.99 9.05 3.57
CA GLY A 37 -9.35 10.33 3.63
C GLY A 37 -8.25 10.40 4.67
N LYS A 38 -7.89 9.25 5.21
CA LYS A 38 -6.85 9.18 6.23
C LYS A 38 -5.87 8.03 5.93
N SER A 39 -4.66 8.39 5.54
CA SER A 39 -3.64 7.39 5.22
C SER A 39 -3.32 6.53 6.44
N VAL A 40 -3.61 5.24 6.34
CA VAL A 40 -3.34 4.32 7.44
C VAL A 40 -2.36 3.22 7.01
N GLY A 41 -1.14 3.62 6.70
CA GLY A 41 -0.14 2.66 6.28
C GLY A 41 1.27 3.25 6.26
N ALA A 42 2.19 2.59 6.94
CA ALA A 42 3.57 3.06 7.00
C ALA A 42 4.54 1.89 7.20
N ARG A 43 5.29 1.57 6.16
CA ARG A 43 6.26 0.47 6.23
C ARG A 43 7.59 0.89 5.61
N ASP A 44 8.59 0.02 5.75
CA ASP A 44 9.92 0.30 5.21
C ASP A 44 10.46 -0.92 4.45
N PHE A 45 10.59 -0.77 3.13
CA PHE A 45 11.09 -1.86 2.29
C PHE A 45 12.55 -1.62 1.93
N ASP A 46 13.10 -2.54 1.14
CA ASP A 46 14.49 -2.44 0.71
C ASP A 46 14.62 -2.69 -0.79
N SER A 47 13.99 -3.77 -1.26
CA SER A 47 14.04 -4.12 -2.67
C SER A 47 12.67 -3.92 -3.32
N THR A 48 12.68 -3.54 -4.60
CA THR A 48 11.45 -3.31 -5.34
C THR A 48 10.74 -4.62 -5.64
N GLU A 49 11.52 -5.70 -5.81
CA GLU A 49 10.96 -7.01 -6.10
C GLU A 49 9.91 -7.39 -5.06
N GLN A 50 10.27 -7.27 -3.79
CA GLN A 50 9.36 -7.61 -2.69
C GLN A 50 8.22 -6.60 -2.61
N LEU A 51 8.49 -5.38 -3.04
CA LEU A 51 7.49 -4.31 -3.01
C LEU A 51 6.21 -4.76 -3.72
N GLU A 52 6.31 -5.04 -5.01
CA GLU A 52 5.16 -5.48 -5.79
C GLU A 52 4.75 -6.90 -5.42
N SER A 53 5.74 -7.77 -5.23
CA SER A 53 5.49 -9.15 -4.86
C SER A 53 4.66 -9.24 -3.58
N TRP A 54 4.75 -8.20 -2.76
CA TRP A 54 4.01 -8.15 -1.50
C TRP A 54 2.52 -7.94 -1.75
N PHE A 55 2.19 -6.92 -2.54
CA PHE A 55 0.80 -6.62 -2.85
C PHE A 55 0.24 -7.62 -3.84
N TYR A 56 1.10 -8.49 -4.36
CA TYR A 56 0.69 -9.50 -5.33
C TYR A 56 0.65 -10.89 -4.68
N GLY A 57 1.36 -11.03 -3.56
CA GLY A 57 1.38 -12.30 -2.86
C GLY A 57 0.21 -12.48 -1.92
N LEU A 58 -0.36 -11.36 -1.48
CA LEU A 58 -1.51 -11.40 -0.57
C LEU A 58 -2.60 -12.31 -1.12
N PRO A 59 -3.46 -12.80 -0.21
CA PRO A 59 -4.57 -13.69 -0.56
C PRO A 59 -5.66 -12.97 -1.35
N GLY A 60 -6.08 -11.81 -0.83
CA GLY A 60 -7.12 -11.04 -1.49
C GLY A 60 -6.78 -10.73 -2.94
N SER A 61 -7.70 -10.08 -3.64
CA SER A 61 -7.49 -9.73 -5.03
C SER A 61 -8.16 -8.40 -5.37
N GLY A 62 -7.56 -7.65 -6.28
CA GLY A 62 -8.10 -6.37 -6.67
C GLY A 62 -8.33 -5.44 -5.49
N LEU A 63 -9.43 -4.70 -5.52
CA LEU A 63 -9.77 -3.78 -4.44
C LEU A 63 -9.80 -4.51 -3.10
N GLY A 64 -10.07 -5.81 -3.13
CA GLY A 64 -10.11 -6.59 -1.92
C GLY A 64 -8.79 -6.58 -1.17
N ARG A 65 -7.69 -6.58 -1.92
CA ARG A 65 -6.36 -6.58 -1.33
C ARG A 65 -6.12 -5.30 -0.52
N ILE A 66 -6.88 -4.26 -0.85
CA ILE A 66 -6.75 -2.98 -0.16
C ILE A 66 -7.05 -3.13 1.33
N GLU A 67 -7.90 -4.09 1.67
CA GLU A 67 -8.26 -4.33 3.06
C GLU A 67 -7.26 -5.27 3.72
N ASN A 68 -6.54 -6.03 2.91
CA ASN A 68 -5.54 -6.96 3.42
C ASN A 68 -4.19 -6.28 3.60
N ALA A 69 -3.67 -5.73 2.51
CA ALA A 69 -2.38 -5.03 2.55
C ALA A 69 -2.39 -3.90 3.57
N MET A 70 -3.36 -3.01 3.44
CA MET A 70 -3.49 -1.88 4.35
C MET A 70 -3.49 -2.35 5.80
N ASN A 71 -4.28 -3.38 6.07
CA ASN A 71 -4.37 -3.93 7.42
C ASN A 71 -3.02 -4.42 7.92
N GLU A 72 -2.13 -4.76 6.98
CA GLU A 72 -0.80 -5.24 7.31
C GLU A 72 0.17 -4.07 7.48
N ILE A 73 0.23 -3.22 6.46
CA ILE A 73 1.12 -2.06 6.49
C ILE A 73 0.75 -1.10 7.62
N SER A 74 -0.55 -1.06 7.95
CA SER A 74 -1.04 -0.19 9.00
C SER A 74 -0.53 -0.65 10.37
N ARG A 75 0.01 -1.86 10.41
CA ARG A 75 0.53 -2.43 11.65
C ARG A 75 1.75 -1.64 12.14
N ARG A 76 2.40 -2.16 13.16
CA ARG A 76 3.58 -1.51 13.73
C ARG A 76 3.25 -0.09 14.18
N GLU A 77 2.06 0.09 14.73
CA GLU A 77 1.62 1.40 15.20
C GLU A 77 2.06 1.63 16.63
N ASN A 78 2.86 2.67 16.84
CA ASN A 78 3.36 3.01 18.17
C ASN A 78 3.42 4.52 18.37
N PRO A 79 3.45 4.95 19.64
CA PRO A 79 3.51 6.38 19.99
C PRO A 79 4.85 7.00 19.64
N MET A 2 8.97 9.27 -1.42
CA MET A 2 9.20 10.53 -2.11
C MET A 2 8.36 10.62 -3.38
N LYS A 3 8.67 9.75 -4.34
CA LYS A 3 7.93 9.72 -5.61
C LYS A 3 6.50 9.24 -5.40
N PHE A 4 5.59 9.76 -6.21
CA PHE A 4 4.18 9.38 -6.12
C PHE A 4 3.90 8.12 -6.94
N ILE A 5 3.63 7.02 -6.23
CA ILE A 5 3.35 5.74 -6.89
C ILE A 5 1.89 5.66 -7.32
N LYS A 6 1.61 4.81 -8.30
CA LYS A 6 0.25 4.63 -8.79
C LYS A 6 -0.60 3.89 -7.77
N TYR A 7 -1.89 3.75 -8.06
CA TYR A 7 -2.82 3.06 -7.15
C TYR A 7 -2.59 1.56 -7.19
N LEU A 8 -2.79 0.90 -6.05
CA LEU A 8 -2.61 -0.54 -5.96
C LEU A 8 -3.95 -1.25 -5.83
N SER A 9 -4.87 -0.95 -6.75
CA SER A 9 -6.19 -1.55 -6.73
C SER A 9 -7.06 -0.99 -7.86
N THR A 10 -8.34 -1.30 -7.82
CA THR A 10 -9.28 -0.82 -8.83
C THR A 10 -10.39 0.02 -8.20
N ALA A 11 -10.45 1.28 -8.60
CA ALA A 11 -11.47 2.19 -8.07
C ALA A 11 -12.83 1.91 -8.71
N HIS A 12 -13.52 0.92 -8.19
CA HIS A 12 -14.84 0.55 -8.70
C HIS A 12 -15.92 0.73 -7.64
N LEU A 13 -15.50 0.68 -6.38
CA LEU A 13 -16.44 0.85 -5.27
C LEU A 13 -15.97 1.96 -4.33
N ASN A 14 -16.76 3.02 -4.23
CA ASN A 14 -16.43 4.14 -3.36
C ASN A 14 -15.06 4.72 -3.71
N TYR A 15 -14.66 4.52 -4.97
CA TYR A 15 -13.36 5.01 -5.42
C TYR A 15 -12.22 4.37 -4.64
N MET A 16 -12.32 3.06 -4.42
CA MET A 16 -11.29 2.34 -3.68
C MET A 16 -9.95 2.41 -4.40
N ASN A 17 -8.97 3.03 -3.75
CA ASN A 17 -7.64 3.17 -4.33
C ASN A 17 -6.58 3.29 -3.24
N ILE A 18 -5.41 2.71 -3.49
CA ILE A 18 -4.32 2.75 -2.53
C ILE A 18 -3.12 3.52 -3.09
N ALA A 19 -2.97 4.76 -2.65
CA ALA A 19 -1.86 5.60 -3.10
C ALA A 19 -0.60 5.34 -2.28
N VAL A 20 0.49 5.01 -2.95
CA VAL A 20 1.76 4.75 -2.28
C VAL A 20 2.85 5.68 -2.79
N TYR A 21 3.98 5.72 -2.07
CA TYR A 21 5.10 6.57 -2.45
C TYR A 21 6.42 5.91 -2.08
N GLU A 22 7.35 5.88 -3.02
CA GLU A 22 8.67 5.29 -2.79
C GLU A 22 9.74 6.37 -2.67
N ASN A 23 10.74 6.12 -1.84
CA ASN A 23 11.82 7.07 -1.63
C ASN A 23 12.93 6.86 -2.67
N GLY A 24 13.64 7.93 -2.99
CA GLY A 24 14.72 7.84 -3.97
C GLY A 24 15.78 6.85 -3.56
N SER A 25 16.60 7.22 -2.58
CA SER A 25 17.66 6.34 -2.10
C SER A 25 17.12 4.99 -1.68
N LYS A 26 16.50 4.95 -0.49
CA LYS A 26 15.94 3.72 0.04
C LYS A 26 14.51 3.51 -0.47
N ILE A 27 13.91 2.39 -0.10
CA ILE A 27 12.55 2.08 -0.52
C ILE A 27 11.55 2.38 0.60
N LYS A 28 10.41 2.96 0.22
CA LYS A 28 9.37 3.29 1.19
C LYS A 28 7.99 2.92 0.65
N ALA A 29 7.15 2.37 1.52
CA ALA A 29 5.80 1.99 1.13
C ALA A 29 4.77 2.50 2.13
N ARG A 30 3.91 3.41 1.68
CA ARG A 30 2.88 3.98 2.53
C ARG A 30 1.50 3.78 1.92
N VAL A 31 0.72 2.89 2.52
CA VAL A 31 -0.63 2.61 2.03
C VAL A 31 -1.60 3.71 2.44
N GLU A 32 -2.04 4.50 1.46
CA GLU A 32 -2.97 5.58 1.72
C GLU A 32 -4.30 5.35 1.01
N ASN A 33 -5.36 5.20 1.80
CA ASN A 33 -6.69 4.96 1.25
C ASN A 33 -7.41 6.28 0.98
N VAL A 34 -8.46 6.22 0.17
CA VAL A 34 -9.24 7.41 -0.17
C VAL A 34 -10.69 7.25 0.27
N VAL A 35 -11.17 6.01 0.30
CA VAL A 35 -12.54 5.72 0.70
C VAL A 35 -12.89 6.41 2.02
N ASN A 36 -11.94 6.42 2.94
CA ASN A 36 -12.15 7.05 4.24
C ASN A 36 -11.57 8.46 4.25
N GLY A 37 -10.58 8.71 3.41
CA GLY A 37 -9.97 10.02 3.34
C GLY A 37 -8.75 10.14 4.22
N LYS A 38 -8.74 9.39 5.32
CA LYS A 38 -7.62 9.41 6.26
C LYS A 38 -6.68 8.23 6.01
N SER A 39 -5.49 8.52 5.48
CA SER A 39 -4.52 7.49 5.20
C SER A 39 -4.26 6.62 6.42
N VAL A 40 -4.20 5.31 6.22
CA VAL A 40 -3.97 4.37 7.30
C VAL A 40 -2.98 3.29 6.89
N GLY A 41 -1.75 3.71 6.61
CA GLY A 41 -0.71 2.76 6.21
C GLY A 41 0.68 3.38 6.25
N ALA A 42 1.60 2.69 6.91
CA ALA A 42 2.97 3.17 7.02
C ALA A 42 3.95 2.00 7.16
N ARG A 43 4.93 1.96 6.26
CA ARG A 43 5.93 0.89 6.29
C ARG A 43 7.24 1.37 5.66
N ASP A 44 8.31 0.62 5.93
CA ASP A 44 9.63 0.97 5.39
C ASP A 44 10.31 -0.26 4.80
N PHE A 45 10.53 -0.24 3.49
CA PHE A 45 11.18 -1.34 2.80
C PHE A 45 12.63 -1.03 2.49
N ASP A 46 13.33 -1.97 1.87
CA ASP A 46 14.73 -1.79 1.51
C ASP A 46 14.93 -1.93 0.01
N SER A 47 14.45 -3.03 -0.55
CA SER A 47 14.58 -3.29 -1.97
C SER A 47 13.22 -3.23 -2.67
N THR A 48 13.19 -2.61 -3.85
CA THR A 48 11.95 -2.49 -4.61
C THR A 48 11.41 -3.86 -5.00
N GLU A 49 12.30 -4.83 -5.16
CA GLU A 49 11.91 -6.18 -5.54
C GLU A 49 10.83 -6.71 -4.60
N GLN A 50 11.13 -6.70 -3.29
CA GLN A 50 10.19 -7.18 -2.30
C GLN A 50 8.98 -6.26 -2.20
N LEU A 51 9.17 -4.99 -2.56
CA LEU A 51 8.10 -4.01 -2.51
C LEU A 51 6.88 -4.49 -3.28
N GLU A 52 7.07 -4.78 -4.56
CA GLU A 52 5.98 -5.27 -5.42
C GLU A 52 5.57 -6.68 -5.03
N SER A 53 6.56 -7.52 -4.72
CA SER A 53 6.30 -8.90 -4.34
C SER A 53 5.36 -8.97 -3.14
N TRP A 54 5.34 -7.90 -2.36
CA TRP A 54 4.48 -7.84 -1.18
C TRP A 54 3.01 -7.72 -1.59
N PHE A 55 2.73 -6.79 -2.49
CA PHE A 55 1.36 -6.56 -2.96
C PHE A 55 0.93 -7.68 -3.91
N TYR A 56 1.87 -8.55 -4.27
CA TYR A 56 1.58 -9.65 -5.16
C TYR A 56 1.56 -10.98 -4.41
N GLY A 57 2.15 -10.99 -3.23
CA GLY A 57 2.18 -12.20 -2.42
C GLY A 57 0.94 -12.36 -1.57
N LEU A 58 -0.05 -11.51 -1.81
CA LEU A 58 -1.30 -11.55 -1.05
C LEU A 58 -2.37 -12.31 -1.83
N PRO A 59 -3.30 -12.96 -1.10
CA PRO A 59 -4.38 -13.73 -1.70
C PRO A 59 -5.42 -12.84 -2.38
N GLY A 60 -5.73 -11.71 -1.74
CA GLY A 60 -6.70 -10.78 -2.30
C GLY A 60 -6.41 -10.43 -3.74
N SER A 61 -7.36 -9.77 -4.40
CA SER A 61 -7.20 -9.39 -5.79
C SER A 61 -8.39 -8.56 -6.26
N GLY A 62 -8.11 -7.34 -6.72
CA GLY A 62 -9.16 -6.46 -7.18
C GLY A 62 -10.13 -6.07 -6.09
N LEU A 63 -9.86 -4.95 -5.43
CA LEU A 63 -10.72 -4.48 -4.35
C LEU A 63 -10.75 -5.48 -3.20
N GLY A 64 -9.79 -6.39 -3.19
CA GLY A 64 -9.71 -7.39 -2.13
C GLY A 64 -8.46 -7.25 -1.30
N ARG A 65 -7.36 -6.84 -1.93
CA ARG A 65 -6.09 -6.68 -1.24
C ARG A 65 -6.06 -5.37 -0.45
N ILE A 66 -7.09 -4.54 -0.65
CA ILE A 66 -7.19 -3.26 0.03
C ILE A 66 -7.46 -3.46 1.52
N GLU A 67 -8.13 -4.56 1.86
CA GLU A 67 -8.45 -4.86 3.25
C GLU A 67 -7.33 -5.67 3.90
N ASN A 68 -6.60 -6.42 3.09
CA ASN A 68 -5.50 -7.24 3.58
C ASN A 68 -4.20 -6.44 3.63
N ALA A 69 -3.81 -5.89 2.49
CA ALA A 69 -2.58 -5.10 2.41
C ALA A 69 -2.61 -3.93 3.40
N MET A 70 -3.61 -3.07 3.25
CA MET A 70 -3.75 -1.92 4.12
C MET A 70 -3.70 -2.33 5.58
N ASN A 71 -4.54 -3.29 5.96
CA ASN A 71 -4.58 -3.79 7.33
C ASN A 71 -3.22 -4.30 7.77
N GLU A 72 -2.38 -4.67 6.80
CA GLU A 72 -1.05 -5.18 7.09
C GLU A 72 -0.07 -4.03 7.30
N ILE A 73 -0.03 -3.11 6.34
CA ILE A 73 0.87 -1.96 6.41
C ILE A 73 0.44 -1.01 7.52
N SER A 74 -0.81 -1.12 7.94
CA SER A 74 -1.33 -0.26 9.01
C SER A 74 -1.06 -0.87 10.39
N ARG A 75 -0.34 -1.98 10.39
CA ARG A 75 0.00 -2.66 11.64
C ARG A 75 0.87 -1.78 12.53
N ARG A 76 1.78 -1.04 11.91
CA ARG A 76 2.68 -0.16 12.65
C ARG A 76 3.48 -0.94 13.69
N GLU A 77 3.82 -2.17 13.36
CA GLU A 77 4.59 -3.02 14.26
C GLU A 77 6.09 -2.83 14.05
N ASN A 78 6.70 -2.03 14.91
CA ASN A 78 8.14 -1.77 14.83
C ASN A 78 8.88 -2.40 16.00
N PRO A 79 10.20 -2.58 15.83
CA PRO A 79 11.06 -3.18 16.86
C PRO A 79 11.24 -2.26 18.05
N MET A 2 12.46 12.61 -4.27
CA MET A 2 11.01 12.63 -4.45
C MET A 2 10.40 11.31 -4.00
N LYS A 3 9.12 11.36 -3.60
CA LYS A 3 8.42 10.17 -3.14
C LYS A 3 7.02 10.11 -3.75
N PHE A 4 6.88 9.36 -4.84
CA PHE A 4 5.60 9.21 -5.52
C PHE A 4 5.46 7.82 -6.13
N ILE A 5 4.31 7.19 -5.91
CA ILE A 5 4.05 5.87 -6.44
C ILE A 5 2.61 5.74 -6.94
N LYS A 6 2.39 4.80 -7.85
CA LYS A 6 1.06 4.57 -8.41
C LYS A 6 0.14 3.91 -7.37
N TYR A 7 -1.15 3.89 -7.66
CA TYR A 7 -2.13 3.29 -6.76
C TYR A 7 -2.09 1.77 -6.84
N LEU A 8 -2.53 1.11 -5.79
CA LEU A 8 -2.54 -0.34 -5.73
C LEU A 8 -3.97 -0.88 -5.68
N SER A 9 -4.68 -0.78 -6.81
CA SER A 9 -6.05 -1.25 -6.89
C SER A 9 -6.38 -1.76 -8.28
N THR A 10 -7.50 -2.45 -8.42
CA THR A 10 -7.93 -2.98 -9.70
C THR A 10 -9.08 -2.18 -10.28
N ALA A 11 -10.27 -2.37 -9.73
CA ALA A 11 -11.45 -1.65 -10.20
C ALA A 11 -11.76 -0.45 -9.31
N HIS A 12 -12.80 0.28 -9.65
CA HIS A 12 -13.20 1.46 -8.88
C HIS A 12 -14.53 1.22 -8.18
N LEU A 13 -14.48 1.06 -6.86
CA LEU A 13 -15.68 0.83 -6.07
C LEU A 13 -15.58 1.52 -4.71
N ASN A 14 -16.57 2.34 -4.39
CA ASN A 14 -16.60 3.06 -3.13
C ASN A 14 -15.29 3.81 -2.90
N TYR A 15 -14.65 4.23 -4.00
CA TYR A 15 -13.39 4.95 -3.93
C TYR A 15 -12.29 4.08 -3.34
N MET A 16 -12.07 2.93 -3.95
CA MET A 16 -11.03 2.00 -3.49
C MET A 16 -9.70 2.27 -4.18
N ASN A 17 -8.72 2.72 -3.42
CA ASN A 17 -7.40 3.01 -3.96
C ASN A 17 -6.35 3.05 -2.86
N ILE A 18 -5.13 2.63 -3.20
CA ILE A 18 -4.04 2.62 -2.23
C ILE A 18 -2.83 3.37 -2.76
N ALA A 19 -2.59 4.56 -2.21
CA ALA A 19 -1.46 5.38 -2.64
C ALA A 19 -0.20 5.01 -1.87
N VAL A 20 0.90 4.82 -2.60
CA VAL A 20 2.17 4.46 -1.98
C VAL A 20 3.22 5.55 -2.23
N TYR A 21 4.31 5.48 -1.48
CA TYR A 21 5.40 6.45 -1.61
C TYR A 21 6.75 5.79 -1.37
N GLU A 22 7.70 6.06 -2.25
CA GLU A 22 9.04 5.49 -2.13
C GLU A 22 10.05 6.58 -1.74
N ASN A 23 11.11 6.15 -1.06
CA ASN A 23 12.14 7.08 -0.60
C ASN A 23 13.31 7.09 -1.58
N GLY A 24 13.92 8.26 -1.75
CA GLY A 24 15.05 8.39 -2.66
C GLY A 24 16.23 7.54 -2.23
N SER A 25 16.34 7.29 -0.92
CA SER A 25 17.44 6.50 -0.38
C SER A 25 17.13 5.00 -0.50
N LYS A 26 16.12 4.55 0.23
CA LYS A 26 15.73 3.15 0.23
C LYS A 26 14.29 3.00 -0.26
N ILE A 27 13.79 1.76 -0.25
CA ILE A 27 12.44 1.48 -0.68
C ILE A 27 11.44 1.68 0.46
N LYS A 28 10.39 2.44 0.20
CA LYS A 28 9.37 2.71 1.20
C LYS A 28 7.99 2.34 0.68
N ALA A 29 7.17 1.74 1.55
CA ALA A 29 5.82 1.34 1.17
C ALA A 29 4.80 1.82 2.20
N ARG A 30 4.05 2.86 1.87
CA ARG A 30 3.05 3.40 2.76
C ARG A 30 1.64 3.24 2.18
N VAL A 31 0.86 2.34 2.76
CA VAL A 31 -0.50 2.09 2.30
C VAL A 31 -1.45 3.19 2.76
N GLU A 32 -1.89 4.02 1.82
CA GLU A 32 -2.81 5.12 2.13
C GLU A 32 -4.15 4.92 1.44
N ASN A 33 -5.20 4.78 2.24
CA ASN A 33 -6.54 4.58 1.71
C ASN A 33 -7.27 5.91 1.53
N VAL A 34 -8.35 5.90 0.77
CA VAL A 34 -9.13 7.11 0.52
C VAL A 34 -10.57 6.95 1.02
N VAL A 35 -11.04 5.70 1.05
CA VAL A 35 -12.39 5.41 1.50
C VAL A 35 -12.67 6.06 2.85
N ASN A 36 -11.68 6.03 3.73
CA ASN A 36 -11.82 6.62 5.06
C ASN A 36 -11.29 8.04 5.08
N GLY A 37 -10.38 8.35 4.16
CA GLY A 37 -9.80 9.68 4.09
C GLY A 37 -8.54 9.82 4.92
N LYS A 38 -8.34 8.88 5.84
CA LYS A 38 -7.17 8.90 6.70
C LYS A 38 -6.26 7.71 6.41
N SER A 39 -5.11 7.98 5.81
CA SER A 39 -4.15 6.93 5.48
C SER A 39 -3.85 6.06 6.69
N VAL A 40 -3.98 4.75 6.51
CA VAL A 40 -3.72 3.80 7.59
C VAL A 40 -2.75 2.71 7.14
N GLY A 41 -1.51 3.10 6.90
CA GLY A 41 -0.50 2.15 6.48
C GLY A 41 0.90 2.71 6.54
N ALA A 42 1.80 1.97 7.18
CA ALA A 42 3.19 2.41 7.32
C ALA A 42 4.14 1.21 7.42
N ARG A 43 5.09 1.14 6.49
CA ARG A 43 6.06 0.05 6.47
C ARG A 43 7.36 0.49 5.82
N ASP A 44 8.45 -0.18 6.18
CA ASP A 44 9.76 0.14 5.63
C ASP A 44 10.35 -1.05 4.88
N PHE A 45 10.48 -0.91 3.57
CA PHE A 45 11.03 -1.98 2.74
C PHE A 45 12.50 -1.73 2.42
N ASP A 46 13.10 -2.64 1.66
CA ASP A 46 14.50 -2.51 1.28
C ASP A 46 14.67 -2.67 -0.22
N SER A 47 14.01 -3.67 -0.79
CA SER A 47 14.09 -3.94 -2.22
C SER A 47 12.76 -3.64 -2.91
N THR A 48 12.82 -3.37 -4.21
CA THR A 48 11.62 -3.06 -4.98
C THR A 48 10.83 -4.33 -5.28
N GLU A 49 11.55 -5.41 -5.59
CA GLU A 49 10.91 -6.69 -5.90
C GLU A 49 9.92 -7.09 -4.80
N GLN A 50 10.41 -7.16 -3.57
CA GLN A 50 9.58 -7.54 -2.44
C GLN A 50 8.37 -6.61 -2.34
N LEU A 51 8.50 -5.40 -2.86
CA LEU A 51 7.42 -4.42 -2.83
C LEU A 51 6.28 -4.84 -3.74
N GLU A 52 6.57 -4.92 -5.04
CA GLU A 52 5.57 -5.31 -6.02
C GLU A 52 5.08 -6.73 -5.77
N SER A 53 5.95 -7.55 -5.20
CA SER A 53 5.60 -8.95 -4.89
C SER A 53 4.69 -9.03 -3.68
N TRP A 54 4.75 -8.02 -2.83
CA TRP A 54 3.93 -7.98 -1.62
C TRP A 54 2.47 -7.73 -1.98
N PHE A 55 2.23 -6.71 -2.80
CA PHE A 55 0.87 -6.36 -3.21
C PHE A 55 0.34 -7.37 -4.21
N TYR A 56 1.20 -8.28 -4.65
CA TYR A 56 0.81 -9.30 -5.62
C TYR A 56 0.68 -10.66 -4.94
N GLY A 57 1.34 -10.83 -3.80
CA GLY A 57 1.28 -12.07 -3.08
C GLY A 57 0.19 -12.09 -2.03
N LEU A 58 -0.94 -11.44 -2.33
CA LEU A 58 -2.06 -11.38 -1.41
C LEU A 58 -3.24 -12.20 -1.92
N PRO A 59 -4.13 -12.59 -1.00
CA PRO A 59 -5.31 -13.38 -1.33
C PRO A 59 -6.34 -12.59 -2.14
N GLY A 60 -6.63 -11.38 -1.67
CA GLY A 60 -7.60 -10.53 -2.35
C GLY A 60 -7.28 -10.37 -3.82
N SER A 61 -8.20 -9.74 -4.56
CA SER A 61 -8.01 -9.52 -5.99
C SER A 61 -8.17 -8.05 -6.34
N GLY A 62 -7.38 -7.20 -5.68
CA GLY A 62 -7.45 -5.78 -5.93
C GLY A 62 -8.37 -5.05 -4.97
N LEU A 63 -9.55 -4.70 -5.44
CA LEU A 63 -10.53 -4.00 -4.61
C LEU A 63 -10.75 -4.74 -3.28
N GLY A 64 -10.48 -6.03 -3.28
CA GLY A 64 -10.66 -6.83 -2.08
C GLY A 64 -9.40 -6.86 -1.23
N ARG A 65 -8.26 -7.09 -1.86
CA ARG A 65 -6.99 -7.15 -1.15
C ARG A 65 -6.67 -5.81 -0.50
N ILE A 66 -7.35 -4.76 -0.96
CA ILE A 66 -7.13 -3.42 -0.42
C ILE A 66 -7.20 -3.43 1.10
N GLU A 67 -8.03 -4.30 1.65
CA GLU A 67 -8.18 -4.40 3.10
C GLU A 67 -7.07 -5.25 3.70
N ASN A 68 -6.61 -6.25 2.96
CA ASN A 68 -5.56 -7.13 3.43
C ASN A 68 -4.21 -6.41 3.42
N ALA A 69 -3.83 -5.89 2.26
CA ALA A 69 -2.56 -5.17 2.13
C ALA A 69 -2.52 -3.95 3.06
N MET A 70 -3.70 -3.43 3.39
CA MET A 70 -3.79 -2.27 4.27
C MET A 70 -3.73 -2.68 5.73
N ASN A 71 -4.62 -3.58 6.13
CA ASN A 71 -4.66 -4.07 7.50
C ASN A 71 -3.33 -4.70 7.90
N GLU A 72 -2.54 -5.09 6.90
CA GLU A 72 -1.25 -5.71 7.15
C GLU A 72 -0.17 -4.65 7.33
N ILE A 73 -0.08 -3.73 6.38
CA ILE A 73 0.91 -2.66 6.44
C ILE A 73 0.62 -1.70 7.58
N SER A 74 -0.65 -1.63 7.97
CA SER A 74 -1.07 -0.74 9.04
C SER A 74 -0.62 -1.28 10.41
N ARG A 75 -0.36 -2.59 10.46
CA ARG A 75 0.07 -3.23 11.70
C ARG A 75 1.26 -2.48 12.29
N ARG A 76 2.19 -2.08 11.44
CA ARG A 76 3.38 -1.36 11.89
C ARG A 76 3.16 0.15 11.83
N GLU A 77 2.92 0.75 12.98
CA GLU A 77 2.69 2.19 13.07
C GLU A 77 3.72 2.86 13.97
N ASN A 78 4.56 3.71 13.40
CA ASN A 78 5.59 4.41 14.16
C ASN A 78 4.96 5.37 15.16
N PRO A 79 4.18 6.33 14.66
CA PRO A 79 3.51 7.33 15.50
C PRO A 79 2.37 6.73 16.32
#